data_1DP7
# 
_entry.id   1DP7 
# 
_audit_conform.dict_name       mmcif_pdbx.dic 
_audit_conform.dict_version    5.385 
_audit_conform.dict_location   http://mmcif.pdb.org/dictionaries/ascii/mmcif_pdbx.dic 
# 
loop_
_database_2.database_id 
_database_2.database_code 
_database_2.pdbx_database_accession 
_database_2.pdbx_DOI 
PDB   1DP7         pdb_00001dp7 10.2210/pdb1dp7/pdb 
NDB   PD0111       ?            ?                   
RCSB  RCSB010263   ?            ?                   
WWPDB D_1000010263 ?            ?                   
# 
loop_
_pdbx_audit_revision_history.ordinal 
_pdbx_audit_revision_history.data_content_type 
_pdbx_audit_revision_history.major_revision 
_pdbx_audit_revision_history.minor_revision 
_pdbx_audit_revision_history.revision_date 
1 'Structure model' 1 0 2000-03-06 
2 'Structure model' 1 1 2008-04-27 
3 'Structure model' 1 2 2011-07-13 
4 'Structure model' 1 3 2021-02-03 
5 'Structure model' 1 4 2021-11-03 
6 'Structure model' 1 5 2024-02-07 
# 
_pdbx_audit_revision_details.ordinal             1 
_pdbx_audit_revision_details.revision_ordinal    1 
_pdbx_audit_revision_details.data_content_type   'Structure model' 
_pdbx_audit_revision_details.provider            repository 
_pdbx_audit_revision_details.type                'Initial release' 
_pdbx_audit_revision_details.description         ? 
_pdbx_audit_revision_details.details             ? 
# 
loop_
_pdbx_audit_revision_group.ordinal 
_pdbx_audit_revision_group.revision_ordinal 
_pdbx_audit_revision_group.data_content_type 
_pdbx_audit_revision_group.group 
1 2 'Structure model' 'Version format compliance' 
2 3 'Structure model' 'Version format compliance' 
3 4 'Structure model' 'Database references'       
4 4 'Structure model' 'Derived calculations'      
5 4 'Structure model' 'Structure summary'         
6 5 'Structure model' 'Database references'       
7 6 'Structure model' 'Data collection'           
# 
loop_
_pdbx_audit_revision_category.ordinal 
_pdbx_audit_revision_category.revision_ordinal 
_pdbx_audit_revision_category.data_content_type 
_pdbx_audit_revision_category.category 
1 4 'Structure model' audit_author       
2 4 'Structure model' citation_author    
3 4 'Structure model' struct_conn        
4 4 'Structure model' struct_site        
5 5 'Structure model' database_2         
6 5 'Structure model' struct_ref_seq_dif 
7 6 'Structure model' chem_comp_atom     
8 6 'Structure model' chem_comp_bond     
# 
loop_
_pdbx_audit_revision_item.ordinal 
_pdbx_audit_revision_item.revision_ordinal 
_pdbx_audit_revision_item.data_content_type 
_pdbx_audit_revision_item.item 
1 4 'Structure model' '_audit_author.identifier_ORCID'      
2 4 'Structure model' '_citation_author.identifier_ORCID'   
3 4 'Structure model' '_struct_conn.pdbx_leaving_atom_flag' 
4 4 'Structure model' '_struct_site.pdbx_auth_asym_id'      
5 4 'Structure model' '_struct_site.pdbx_auth_comp_id'      
6 4 'Structure model' '_struct_site.pdbx_auth_seq_id'       
7 5 'Structure model' '_database_2.pdbx_DOI'                
8 5 'Structure model' '_database_2.pdbx_database_accession' 
9 5 'Structure model' '_struct_ref_seq_dif.details'         
# 
_pdbx_database_status.status_code                     REL 
_pdbx_database_status.entry_id                        1DP7 
_pdbx_database_status.recvd_initial_deposition_date   1999-12-23 
_pdbx_database_status.deposit_site                    RCSB 
_pdbx_database_status.process_site                    RCSB 
_pdbx_database_status.status_code_sf                  REL 
_pdbx_database_status.SG_entry                        . 
_pdbx_database_status.pdb_format_compatible           Y 
_pdbx_database_status.status_code_mr                  ? 
_pdbx_database_status.status_code_cs                  ? 
_pdbx_database_status.status_code_nmr_data            ? 
_pdbx_database_status.methods_development_category    ? 
# 
loop_
_audit_author.name 
_audit_author.pdbx_ordinal 
_audit_author.identifier_ORCID 
'Gajiwala, K.S.' 1 ?                   
'Chen, H.'       2 ?                   
'Cornille, F.'   3 ?                   
'Roques, B.P.'   4 ?                   
'Reith, W.'      5 ?                   
'Mach, B.'       6 ?                   
'Burley, S.K.'   7 0000-0002-2487-9713 
# 
loop_
_citation.id 
_citation.title 
_citation.journal_abbrev 
_citation.journal_volume 
_citation.page_first 
_citation.page_last 
_citation.year 
_citation.journal_id_ASTM 
_citation.country 
_citation.journal_id_ISSN 
_citation.journal_id_CSD 
_citation.book_publisher 
_citation.pdbx_database_id_PubMed 
_citation.pdbx_database_id_DOI 
primary 'Structure of the winged-helix protein hRFX1 reveals a new mode of DNA binding.' Nature               403 916  921  2000 
NATUAS UK 0028-0836 0006 ? 10706293 10.1038/35002634      
1       'Co-crystal structure of the HNF-3/fork head DNA-recognition motif resembles histone H5' Nature               364 412  420 
1993 NATUAS UK 0028-0836 0006 ? ?        10.1038/364412a0      
2       'Crystal structure of globular domain of histone H5 and its implications for nucleosome binding' Nature               362 
219  223  1993 NATUAS UK 0028-0836 0006 ? ?        10.1038/362219a0      
3       'A consensus motif in the RFX DNA binding domain and binding domain mutants with altered specificity' Mol.Cell.Biol.       
16  4486 4494 1996 MCEBD4 US 0270-7306 2044 ? ?        ?                     
4       
;RFX1, a transactivator of hepatitis B virus enhancer I, belongs to a novel family of homodimeric and heterodimeric DNA-binding proteins
;
Mol.Cell.Biol.       14  1230 1244 1994 MCEBD4 US 0270-7306 2044 ? ?        ?                     
5       'DNA binding properties of a chemically synthesized DNA binding domain of hRFX1' 'Nucleic Acids Res.' 26  2143 2149 1998 
NARHAD UK 0305-1048 0389 ? ?        10.1093/nar/26.9.2143 
# 
loop_
_citation_author.citation_id 
_citation_author.name 
_citation_author.ordinal 
_citation_author.identifier_ORCID 
primary 'Gajiwala, K.S.'      1  ?                   
primary 'Chen, H.'            2  ?                   
primary 'Cornille, F.'        3  ?                   
primary 'Roques, B.P.'        4  ?                   
primary 'Reith, W.'           5  ?                   
primary 'Mach, B.'            6  ?                   
primary 'Burley, S.K.'        7  0000-0002-2487-9713 
1       'Clark, K.L.'         8  ?                   
1       'Halay, E.D.'         9  ?                   
1       'Lai, E.'             10 ?                   
1       'Burley, S.K.'        11 0000-0002-2487-9713 
2       'Ramakrishnan, V.'    12 ?                   
2       'Finch, J.'           13 ?                   
2       'Graziano, V.'        14 ?                   
2       'Sweet, R.'           15 ?                   
3       'Emery, P.'           16 ?                   
3       'Strubin, M.'         17 ?                   
3       'Hofmann, K.'         18 ?                   
3       'Bucher, P.'          19 ?                   
3       'Mach, B.'            20 ?                   
3       'Reith, W.'           21 ?                   
4       'Reith, W.'           22 ?                   
4       'Ucla, C.'            23 ?                   
4       'Barras, E.'          24 ?                   
4       'Gaud, A.'            25 ?                   
4       'Durand, B.'          26 ?                   
4       'Herrero-Sanchez, C.' 27 ?                   
4       'Kobr, M.'            28 ?                   
4       'Mach, B.'            29 ?                   
5       'Cornille, F.'        30 ?                   
5       'Emery, P.'           31 ?                   
5       'Schuler, W.'         32 ?                   
5       'Lenoir, C.'          33 ?                   
5       'Mach, B.'            34 ?                   
5       'Roques, B.P.'        35 ?                   
5       'Reith, W.'           36 ?                   
# 
loop_
_entity.id 
_entity.type 
_entity.src_method 
_entity.pdbx_description 
_entity.formula_weight 
_entity.pdbx_number_of_molecules 
_entity.pdbx_ec 
_entity.pdbx_mutation 
_entity.pdbx_fragment 
_entity.details 
1 polymer     syn 
;DNA (5'-D(*CP*GP*(BRU)P*TP*AP*CP*CP*AP*(BRU)P*GP*GP*TP*AP*AP*CP*G)-3')
;
5027.931 1   ? ?         X-BOX                ? 
2 polymer     syn 'MHC CLASS II TRANSCRIPTION FACTOR HRFX1'                                8829.081 1   ? C24N,C30S 
'DNA BINDING DOMAIN' ? 
3 non-polymer syn 1,2-ETHANEDIOL                                                           62.068   2   ? ?         ? ? 
4 non-polymer syn 'DI(HYDROXYETHYL)ETHER'                                                  106.120  1   ? ?         ? ? 
5 water       nat water                                                                    18.015   124 ? ?         ? ? 
# 
_entity_name_com.entity_id   2 
_entity_name_com.name        'REGULATORY FACTOR X' 
# 
loop_
_entity_poly.entity_id 
_entity_poly.type 
_entity_poly.nstd_linkage 
_entity_poly.nstd_monomer 
_entity_poly.pdbx_seq_one_letter_code 
_entity_poly.pdbx_seq_one_letter_code_can 
_entity_poly.pdbx_strand_id 
_entity_poly.pdbx_target_identifier 
1 polydeoxyribonucleotide no yes '(DC)(DG)(BRU)(DT)(DA)(DC)(DC)(DA)(BRU)(DG)(DG)(DT)(DA)(DA)(DC)(DG)'         CGUTACCAUGGTAACG D ? 
2 'polypeptide(L)'        no no  TVQWLLDNYETAEGVSLPRSTLYNHYLLHSQEQKLEPVNAASFGKLIRSVFMGLRTRRLGTRGNSKYHYYGLRIKA 
TVQWLLDNYETAEGVSLPRSTLYNHYLLHSQEQKLEPVNAASFGKLIRSVFMGLRTRRLGTRGNSKYHYYGLRIKA P ? 
# 
loop_
_pdbx_entity_nonpoly.entity_id 
_pdbx_entity_nonpoly.name 
_pdbx_entity_nonpoly.comp_id 
3 1,2-ETHANEDIOL          EDO 
4 'DI(HYDROXYETHYL)ETHER' PEG 
5 water                   HOH 
# 
loop_
_entity_poly_seq.entity_id 
_entity_poly_seq.num 
_entity_poly_seq.mon_id 
_entity_poly_seq.hetero 
1 1  DC  n 
1 2  DG  n 
1 3  BRU n 
1 4  DT  n 
1 5  DA  n 
1 6  DC  n 
1 7  DC  n 
1 8  DA  n 
1 9  BRU n 
1 10 DG  n 
1 11 DG  n 
1 12 DT  n 
1 13 DA  n 
1 14 DA  n 
1 15 DC  n 
1 16 DG  n 
2 1  THR n 
2 2  VAL n 
2 3  GLN n 
2 4  TRP n 
2 5  LEU n 
2 6  LEU n 
2 7  ASP n 
2 8  ASN n 
2 9  TYR n 
2 10 GLU n 
2 11 THR n 
2 12 ALA n 
2 13 GLU n 
2 14 GLY n 
2 15 VAL n 
2 16 SER n 
2 17 LEU n 
2 18 PRO n 
2 19 ARG n 
2 20 SER n 
2 21 THR n 
2 22 LEU n 
2 23 TYR n 
2 24 ASN n 
2 25 HIS n 
2 26 TYR n 
2 27 LEU n 
2 28 LEU n 
2 29 HIS n 
2 30 SER n 
2 31 GLN n 
2 32 GLU n 
2 33 GLN n 
2 34 LYS n 
2 35 LEU n 
2 36 GLU n 
2 37 PRO n 
2 38 VAL n 
2 39 ASN n 
2 40 ALA n 
2 41 ALA n 
2 42 SER n 
2 43 PHE n 
2 44 GLY n 
2 45 LYS n 
2 46 LEU n 
2 47 ILE n 
2 48 ARG n 
2 49 SER n 
2 50 VAL n 
2 51 PHE n 
2 52 MET n 
2 53 GLY n 
2 54 LEU n 
2 55 ARG n 
2 56 THR n 
2 57 ARG n 
2 58 ARG n 
2 59 LEU n 
2 60 GLY n 
2 61 THR n 
2 62 ARG n 
2 63 GLY n 
2 64 ASN n 
2 65 SER n 
2 66 LYS n 
2 67 TYR n 
2 68 HIS n 
2 69 TYR n 
2 70 TYR n 
2 71 GLY n 
2 72 LEU n 
2 73 ARG n 
2 74 ILE n 
2 75 LYS n 
2 76 ALA n 
# 
_pdbx_entity_src_syn.entity_id              2 
_pdbx_entity_src_syn.pdbx_src_id            1 
_pdbx_entity_src_syn.pdbx_alt_source_flag   sample 
_pdbx_entity_src_syn.pdbx_beg_seq_num       ? 
_pdbx_entity_src_syn.pdbx_end_seq_num       ? 
_pdbx_entity_src_syn.organism_scientific    ? 
_pdbx_entity_src_syn.organism_common_name   ? 
_pdbx_entity_src_syn.ncbi_taxonomy_id       ? 
_pdbx_entity_src_syn.details                'SEQUENCE TAKEN FROM HUMAN MHC CLASS II TRANSCRIPTION FACTOR' 
# 
loop_
_chem_comp.id 
_chem_comp.type 
_chem_comp.mon_nstd_flag 
_chem_comp.name 
_chem_comp.pdbx_synonyms 
_chem_comp.formula 
_chem_comp.formula_weight 
ALA 'L-peptide linking' y ALANINE                                    ?                 'C3 H7 N O2'        89.093  
ARG 'L-peptide linking' y ARGININE                                   ?                 'C6 H15 N4 O2 1'    175.209 
ASN 'L-peptide linking' y ASPARAGINE                                 ?                 'C4 H8 N2 O3'       132.118 
ASP 'L-peptide linking' y 'ASPARTIC ACID'                            ?                 'C4 H7 N O4'        133.103 
BRU 'DNA linking'       n "5-BROMO-2'-DEOXYURIDINE-5'-MONOPHOSPHATE" ?                 'C9 H12 Br N2 O8 P' 387.078 
CYS 'L-peptide linking' y CYSTEINE                                   ?                 'C3 H7 N O2 S'      121.158 
DA  'DNA linking'       y "2'-DEOXYADENOSINE-5'-MONOPHOSPHATE"       ?                 'C10 H14 N5 O6 P'   331.222 
DC  'DNA linking'       y "2'-DEOXYCYTIDINE-5'-MONOPHOSPHATE"        ?                 'C9 H14 N3 O7 P'    307.197 
DG  'DNA linking'       y "2'-DEOXYGUANOSINE-5'-MONOPHOSPHATE"       ?                 'C10 H14 N5 O7 P'   347.221 
DT  'DNA linking'       y "THYMIDINE-5'-MONOPHOSPHATE"               ?                 'C10 H15 N2 O8 P'   322.208 
EDO non-polymer         . 1,2-ETHANEDIOL                             'ETHYLENE GLYCOL' 'C2 H6 O2'          62.068  
GLN 'L-peptide linking' y GLUTAMINE                                  ?                 'C5 H10 N2 O3'      146.144 
GLU 'L-peptide linking' y 'GLUTAMIC ACID'                            ?                 'C5 H9 N O4'        147.129 
GLY 'peptide linking'   y GLYCINE                                    ?                 'C2 H5 N O2'        75.067  
HIS 'L-peptide linking' y HISTIDINE                                  ?                 'C6 H10 N3 O2 1'    156.162 
HOH non-polymer         . WATER                                      ?                 'H2 O'              18.015  
ILE 'L-peptide linking' y ISOLEUCINE                                 ?                 'C6 H13 N O2'       131.173 
LEU 'L-peptide linking' y LEUCINE                                    ?                 'C6 H13 N O2'       131.173 
LYS 'L-peptide linking' y LYSINE                                     ?                 'C6 H15 N2 O2 1'    147.195 
MET 'L-peptide linking' y METHIONINE                                 ?                 'C5 H11 N O2 S'     149.211 
PEG non-polymer         . 'DI(HYDROXYETHYL)ETHER'                    ?                 'C4 H10 O3'         106.120 
PHE 'L-peptide linking' y PHENYLALANINE                              ?                 'C9 H11 N O2'       165.189 
PRO 'L-peptide linking' y PROLINE                                    ?                 'C5 H9 N O2'        115.130 
SER 'L-peptide linking' y SERINE                                     ?                 'C3 H7 N O3'        105.093 
THR 'L-peptide linking' y THREONINE                                  ?                 'C4 H9 N O3'        119.119 
TRP 'L-peptide linking' y TRYPTOPHAN                                 ?                 'C11 H12 N2 O2'     204.225 
TYR 'L-peptide linking' y TYROSINE                                   ?                 'C9 H11 N O3'       181.189 
VAL 'L-peptide linking' y VALINE                                     ?                 'C5 H11 N O2'       117.146 
# 
loop_
_pdbx_poly_seq_scheme.asym_id 
_pdbx_poly_seq_scheme.entity_id 
_pdbx_poly_seq_scheme.seq_id 
_pdbx_poly_seq_scheme.mon_id 
_pdbx_poly_seq_scheme.ndb_seq_num 
_pdbx_poly_seq_scheme.pdb_seq_num 
_pdbx_poly_seq_scheme.auth_seq_num 
_pdbx_poly_seq_scheme.pdb_mon_id 
_pdbx_poly_seq_scheme.auth_mon_id 
_pdbx_poly_seq_scheme.pdb_strand_id 
_pdbx_poly_seq_scheme.pdb_ins_code 
_pdbx_poly_seq_scheme.hetero 
A 1 1  DC  1  1  1  DC  C   D . n 
A 1 2  DG  2  2  2  DG  G   D . n 
A 1 3  BRU 3  3  3  BRU +U  D . n 
A 1 4  DT  4  4  4  DT  T   D . n 
A 1 5  DA  5  5  5  DA  A   D . n 
A 1 6  DC  6  6  6  DC  C   D . n 
A 1 7  DC  7  7  7  DC  C   D . n 
A 1 8  DA  8  8  8  DA  A   D . n 
A 1 9  BRU 9  9  9  BRU +U  D . n 
A 1 10 DG  10 10 10 DG  G   D . n 
A 1 11 DG  11 11 11 DG  G   D . n 
A 1 12 DT  12 12 12 DT  T   D . n 
A 1 13 DA  13 13 13 DA  A   D . n 
A 1 14 DA  14 14 14 DA  A   D . n 
A 1 15 DC  15 15 15 DC  C   D . n 
A 1 16 DG  16 16 16 DG  G   D . n 
B 2 1  THR 1  1  1  THR THR P . n 
B 2 2  VAL 2  2  2  VAL VAL P . n 
B 2 3  GLN 3  3  3  GLN GLN P . n 
B 2 4  TRP 4  4  4  TRP TRP P . n 
B 2 5  LEU 5  5  5  LEU LEU P . n 
B 2 6  LEU 6  6  6  LEU LEU P . n 
B 2 7  ASP 7  7  7  ASP ASP P . n 
B 2 8  ASN 8  8  8  ASN ASN P . n 
B 2 9  TYR 9  9  9  TYR TYR P . n 
B 2 10 GLU 10 10 10 GLU GLU P . n 
B 2 11 THR 11 11 11 THR THR P . n 
B 2 12 ALA 12 12 12 ALA ALA P . n 
B 2 13 GLU 13 13 13 GLU GLU P . n 
B 2 14 GLY 14 14 14 GLY GLY P . n 
B 2 15 VAL 15 15 15 VAL VAL P . n 
B 2 16 SER 16 16 16 SER SER P . n 
B 2 17 LEU 17 17 17 LEU LEU P . n 
B 2 18 PRO 18 18 18 PRO PRO P . n 
B 2 19 ARG 19 19 19 ARG ARG P . n 
B 2 20 SER 20 20 20 SER SER P . n 
B 2 21 THR 21 21 21 THR THR P . n 
B 2 22 LEU 22 22 22 LEU LEU P . n 
B 2 23 TYR 23 23 23 TYR TYR P . n 
B 2 24 ASN 24 24 24 ASN ASN P . n 
B 2 25 HIS 25 25 25 HIS HIS P . n 
B 2 26 TYR 26 26 26 TYR TYR P . n 
B 2 27 LEU 27 27 27 LEU LEU P . n 
B 2 28 LEU 28 28 28 LEU LEU P . n 
B 2 29 HIS 29 29 29 HIS HIS P . n 
B 2 30 SER 30 30 30 SER SER P . n 
B 2 31 GLN 31 31 31 GLN GLN P . n 
B 2 32 GLU 32 32 32 GLU GLU P . n 
B 2 33 GLN 33 33 33 GLN GLN P . n 
B 2 34 LYS 34 34 34 LYS LYS P . n 
B 2 35 LEU 35 35 35 LEU LEU P . n 
B 2 36 GLU 36 36 36 GLU GLU P . n 
B 2 37 PRO 37 37 37 PRO PRO P . n 
B 2 38 VAL 38 38 38 VAL VAL P . n 
B 2 39 ASN 39 39 39 ASN ASN P . n 
B 2 40 ALA 40 40 40 ALA ALA P . n 
B 2 41 ALA 41 41 41 ALA ALA P . n 
B 2 42 SER 42 42 42 SER SER P . n 
B 2 43 PHE 43 43 43 PHE PHE P . n 
B 2 44 GLY 44 44 44 GLY GLY P . n 
B 2 45 LYS 45 45 45 LYS LYS P . n 
B 2 46 LEU 46 46 46 LEU LEU P . n 
B 2 47 ILE 47 47 47 ILE ILE P . n 
B 2 48 ARG 48 48 48 ARG ARG P . n 
B 2 49 SER 49 49 49 SER SER P . n 
B 2 50 VAL 50 50 50 VAL VAL P . n 
B 2 51 PHE 51 51 51 PHE PHE P . n 
B 2 52 MET 52 52 52 MET MET P . n 
B 2 53 GLY 53 53 53 GLY GLY P . n 
B 2 54 LEU 54 54 54 LEU LEU P . n 
B 2 55 ARG 55 55 55 ARG ARG P . n 
B 2 56 THR 56 56 56 THR THR P . n 
B 2 57 ARG 57 57 57 ARG ARG P . n 
B 2 58 ARG 58 58 58 ARG ARG P . n 
B 2 59 LEU 59 59 59 LEU LEU P . n 
B 2 60 GLY 60 60 60 GLY GLY P . n 
B 2 61 THR 61 61 61 THR THR P . n 
B 2 62 ARG 62 62 62 ARG ARG P . n 
B 2 63 GLY 63 63 63 GLY GLY P . n 
B 2 64 ASN 64 64 64 ASN ASN P . n 
B 2 65 SER 65 65 65 SER SER P . n 
B 2 66 LYS 66 66 66 LYS LYS P . n 
B 2 67 TYR 67 67 67 TYR TYR P . n 
B 2 68 HIS 68 68 68 HIS HIS P . n 
B 2 69 TYR 69 69 69 TYR TYR P . n 
B 2 70 TYR 70 70 70 TYR TYR P . n 
B 2 71 GLY 71 71 71 GLY GLY P . n 
B 2 72 LEU 72 72 72 LEU LEU P . n 
B 2 73 ARG 73 73 73 ARG ARG P . n 
B 2 74 ILE 74 74 74 ILE ILE P . n 
B 2 75 LYS 75 75 75 LYS LYS P . n 
B 2 76 ALA 76 76 76 ALA ALA P . n 
# 
loop_
_pdbx_nonpoly_scheme.asym_id 
_pdbx_nonpoly_scheme.entity_id 
_pdbx_nonpoly_scheme.mon_id 
_pdbx_nonpoly_scheme.ndb_seq_num 
_pdbx_nonpoly_scheme.pdb_seq_num 
_pdbx_nonpoly_scheme.auth_seq_num 
_pdbx_nonpoly_scheme.pdb_mon_id 
_pdbx_nonpoly_scheme.auth_mon_id 
_pdbx_nonpoly_scheme.pdb_strand_id 
_pdbx_nonpoly_scheme.pdb_ins_code 
C 3 EDO 1  501 1   EDO EDO P . 
D 3 EDO 1  502 2   EDO EDO P . 
E 4 PEG 1  503 1   PEG PEG P . 
F 5 HOH 1  17  1   HOH WAT D . 
F 5 HOH 2  18  6   HOH WAT D . 
F 5 HOH 3  19  10  HOH WAT D . 
F 5 HOH 4  20  14  HOH WAT D . 
F 5 HOH 5  21  16  HOH WAT D . 
F 5 HOH 6  22  21  HOH WAT D . 
F 5 HOH 7  23  22  HOH WAT D . 
F 5 HOH 8  24  24  HOH WAT D . 
F 5 HOH 9  25  26  HOH WAT D . 
F 5 HOH 10 26  30  HOH WAT D . 
F 5 HOH 11 27  32  HOH WAT D . 
F 5 HOH 12 28  33  HOH WAT D . 
F 5 HOH 13 29  34  HOH WAT D . 
F 5 HOH 14 30  35  HOH WAT D . 
F 5 HOH 15 31  37  HOH WAT D . 
F 5 HOH 16 32  38  HOH WAT D . 
F 5 HOH 17 33  40  HOH WAT D . 
F 5 HOH 18 34  45  HOH WAT D . 
F 5 HOH 19 35  47  HOH WAT D . 
F 5 HOH 20 36  48  HOH WAT D . 
F 5 HOH 21 37  52  HOH WAT D . 
F 5 HOH 22 38  53  HOH WAT D . 
F 5 HOH 23 39  55  HOH WAT D . 
F 5 HOH 24 40  69  HOH WAT D . 
F 5 HOH 25 41  71  HOH WAT D . 
F 5 HOH 26 42  73  HOH WAT D . 
F 5 HOH 27 43  76  HOH WAT D . 
F 5 HOH 28 44  77  HOH WAT D . 
F 5 HOH 29 45  78  HOH WAT D . 
F 5 HOH 30 46  79  HOH WAT D . 
F 5 HOH 31 47  81  HOH WAT D . 
F 5 HOH 32 48  83  HOH WAT D . 
F 5 HOH 33 49  87  HOH WAT D . 
F 5 HOH 34 50  88  HOH WAT D . 
F 5 HOH 35 51  93  HOH WAT D . 
F 5 HOH 36 52  96  HOH WAT D . 
F 5 HOH 37 53  102 HOH WAT D . 
F 5 HOH 38 54  103 HOH WAT D . 
F 5 HOH 39 55  104 HOH WAT D . 
F 5 HOH 40 56  105 HOH WAT D . 
F 5 HOH 41 57  108 HOH WAT D . 
F 5 HOH 42 58  109 HOH WAT D . 
F 5 HOH 43 59  111 HOH WAT D . 
F 5 HOH 44 60  112 HOH WAT D . 
F 5 HOH 45 61  114 HOH WAT D . 
F 5 HOH 46 62  115 HOH WAT D . 
F 5 HOH 47 63  121 HOH WAT D . 
F 5 HOH 48 64  123 HOH WAT D . 
F 5 HOH 49 65  124 HOH WAT D . 
G 5 HOH 1  504 2   HOH WAT P . 
G 5 HOH 2  505 3   HOH WAT P . 
G 5 HOH 3  506 4   HOH WAT P . 
G 5 HOH 4  507 5   HOH WAT P . 
G 5 HOH 5  508 7   HOH WAT P . 
G 5 HOH 6  509 8   HOH WAT P . 
G 5 HOH 7  510 9   HOH WAT P . 
G 5 HOH 8  511 11  HOH WAT P . 
G 5 HOH 9  512 12  HOH WAT P . 
G 5 HOH 10 513 13  HOH WAT P . 
G 5 HOH 11 514 15  HOH WAT P . 
G 5 HOH 12 515 17  HOH WAT P . 
G 5 HOH 13 516 18  HOH WAT P . 
G 5 HOH 14 517 19  HOH WAT P . 
G 5 HOH 15 518 20  HOH WAT P . 
G 5 HOH 16 519 23  HOH WAT P . 
G 5 HOH 17 520 25  HOH WAT P . 
G 5 HOH 18 521 27  HOH WAT P . 
G 5 HOH 19 522 28  HOH WAT P . 
G 5 HOH 20 523 29  HOH WAT P . 
G 5 HOH 21 524 31  HOH WAT P . 
G 5 HOH 22 525 36  HOH WAT P . 
G 5 HOH 23 526 39  HOH WAT P . 
G 5 HOH 24 527 41  HOH WAT P . 
G 5 HOH 25 528 42  HOH WAT P . 
G 5 HOH 26 529 43  HOH WAT P . 
G 5 HOH 27 530 44  HOH WAT P . 
G 5 HOH 28 531 46  HOH WAT P . 
G 5 HOH 29 532 49  HOH WAT P . 
G 5 HOH 30 533 50  HOH WAT P . 
G 5 HOH 31 534 51  HOH WAT P . 
G 5 HOH 32 535 54  HOH WAT P . 
G 5 HOH 33 536 56  HOH WAT P . 
G 5 HOH 34 537 57  HOH WAT P . 
G 5 HOH 35 538 58  HOH WAT P . 
G 5 HOH 36 539 59  HOH WAT P . 
G 5 HOH 37 540 60  HOH WAT P . 
G 5 HOH 38 541 61  HOH WAT P . 
G 5 HOH 39 542 62  HOH WAT P . 
G 5 HOH 40 543 63  HOH WAT P . 
G 5 HOH 41 544 64  HOH WAT P . 
G 5 HOH 42 545 65  HOH WAT P . 
G 5 HOH 43 546 66  HOH WAT P . 
G 5 HOH 44 547 67  HOH WAT P . 
G 5 HOH 45 548 68  HOH WAT P . 
G 5 HOH 46 549 70  HOH WAT P . 
G 5 HOH 47 550 72  HOH WAT P . 
G 5 HOH 48 551 74  HOH WAT P . 
G 5 HOH 49 552 75  HOH WAT P . 
G 5 HOH 50 553 80  HOH WAT P . 
G 5 HOH 51 554 82  HOH WAT P . 
G 5 HOH 52 555 84  HOH WAT P . 
G 5 HOH 53 556 85  HOH WAT P . 
G 5 HOH 54 557 86  HOH WAT P . 
G 5 HOH 55 558 89  HOH WAT P . 
G 5 HOH 56 559 90  HOH WAT P . 
G 5 HOH 57 560 91  HOH WAT P . 
G 5 HOH 58 561 92  HOH WAT P . 
G 5 HOH 59 562 94  HOH WAT P . 
G 5 HOH 60 563 95  HOH WAT P . 
G 5 HOH 61 564 97  HOH WAT P . 
G 5 HOH 62 565 98  HOH WAT P . 
G 5 HOH 63 566 99  HOH WAT P . 
G 5 HOH 64 567 100 HOH WAT P . 
G 5 HOH 65 568 101 HOH WAT P . 
G 5 HOH 66 569 106 HOH WAT P . 
G 5 HOH 67 570 107 HOH WAT P . 
G 5 HOH 68 571 110 HOH WAT P . 
G 5 HOH 69 572 113 HOH WAT P . 
G 5 HOH 70 573 116 HOH WAT P . 
G 5 HOH 71 574 117 HOH WAT P . 
G 5 HOH 72 575 118 HOH WAT P . 
G 5 HOH 73 576 119 HOH WAT P . 
G 5 HOH 74 577 120 HOH WAT P . 
G 5 HOH 75 578 122 HOH WAT P . 
# 
loop_
_software.name 
_software.classification 
_software.version 
_software.citation_id 
_software.pdbx_ordinal 
SOLVE     phasing          . ? 1 
CNS       refinement       . ? 2 
DENZO     'data reduction' . ? 3 
SCALEPACK 'data scaling'   . ? 4 
# 
_cell.entry_id           1DP7 
_cell.length_a           72.843 
_cell.length_b           42.752 
_cell.length_c           52.277 
_cell.angle_alpha        90.00 
_cell.angle_beta         109.21 
_cell.angle_gamma        90.00 
_cell.Z_PDB              4 
_cell.pdbx_unique_axis   ? 
# 
_symmetry.entry_id                         1DP7 
_symmetry.space_group_name_H-M             'C 1 2 1' 
_symmetry.pdbx_full_space_group_name_H-M   ? 
_symmetry.cell_setting                     monoclinic 
_symmetry.Int_Tables_number                5 
# 
_exptl.entry_id          1DP7 
_exptl.method            'X-RAY DIFFRACTION' 
_exptl.crystals_number   1 
# 
_exptl_crystal.id                    1 
_exptl_crystal.density_meas          ? 
_exptl_crystal.density_Matthews      2.76 
_exptl_crystal.density_percent_sol   55.43 
_exptl_crystal.description           ? 
# 
_exptl_crystal_grow.crystal_id      1 
_exptl_crystal_grow.method          'VAPOR DIFFUSION, HANGING DROP' 
_exptl_crystal_grow.temp            277 
_exptl_crystal_grow.temp_details    ? 
_exptl_crystal_grow.pH              6.5 
_exptl_crystal_grow.pdbx_details    
'PEG 400, MAGNESIUM ACETATE, SODIUM CACODYLATE, pH 6.5, VAPOR DIFFUSION, HANGING DROP, temperature 277K' 
_exptl_crystal_grow.pdbx_pH_range   ? 
# 
loop_
_exptl_crystal_grow_comp.crystal_id 
_exptl_crystal_grow_comp.id 
_exptl_crystal_grow_comp.sol_id 
_exptl_crystal_grow_comp.name 
_exptl_crystal_grow_comp.volume 
_exptl_crystal_grow_comp.conc 
_exptl_crystal_grow_comp.details 
1 1 1 'MAGNESIUM ACETATE' ? ? ? 
1 2 1 'SODIUM CACODYLATE' ? ? ? 
1 3 1 'PEG 400'           ? ? ? 
1 4 2 'PEG 400'           ? ? ? 
# 
loop_
_diffrn.id 
_diffrn.ambient_temp 
_diffrn.ambient_temp_details 
_diffrn.crystal_id 
1 120 ? 1 
2 120 ? 1 
# 
loop_
_diffrn_detector.diffrn_id 
_diffrn_detector.detector 
_diffrn_detector.type 
_diffrn_detector.pdbx_collection_date 
_diffrn_detector.details 
1 CCD 'ADSC QUANTUM 4' 1999-02-03 ? 
2 CCD 'ADSC QUANTUM 4' 1999-02-21 ? 
# 
loop_
_diffrn_radiation.diffrn_id 
_diffrn_radiation.wavelength_id 
_diffrn_radiation.pdbx_monochromatic_or_laue_m_l 
_diffrn_radiation.monochromator 
_diffrn_radiation.pdbx_diffrn_protocol 
_diffrn_radiation.pdbx_scattering_type 
1 1 M ? 'SINGLE WAVELENGTH' x-ray 
2 1 M ? 'SINGLE WAVELENGTH' x-ray 
# 
loop_
_diffrn_radiation_wavelength.id 
_diffrn_radiation_wavelength.wavelength 
_diffrn_radiation_wavelength.wt 
1 0.9201 1.0 
2 0.9200 1.0 
# 
loop_
_diffrn_source.diffrn_id 
_diffrn_source.source 
_diffrn_source.type 
_diffrn_source.pdbx_synchrotron_site 
_diffrn_source.pdbx_synchrotron_beamline 
_diffrn_source.pdbx_wavelength 
_diffrn_source.pdbx_wavelength_list 
1 SYNCHROTRON 'CHESS BEAMLINE F2' CHESS F2  0.9201 ? 
2 SYNCHROTRON 'NSLS BEAMLINE X9A' NSLS  X9A 0.9200 ? 
# 
_reflns.entry_id                     1DP7 
_reflns.observed_criterion_sigma_I   3.0 
_reflns.observed_criterion_sigma_F   ? 
_reflns.d_resolution_low             10.0 
_reflns.d_resolution_high            1.5 
_reflns.number_obs                   22780 
_reflns.number_all                   ? 
_reflns.percent_possible_obs         96.5 
_reflns.pdbx_Rmerge_I_obs            0.052 
_reflns.pdbx_Rsym_value              ? 
_reflns.pdbx_netI_over_sigmaI        15.8 
_reflns.B_iso_Wilson_estimate        17 
_reflns.pdbx_redundancy              2 
_reflns.R_free_details               ? 
_reflns.observed_criterion_F_min     ? 
_reflns.pdbx_diffrn_id               1,2 
_reflns.pdbx_ordinal                 1 
# 
_reflns_shell.d_res_high             1.50 
_reflns_shell.d_res_low              1.55 
_reflns_shell.percent_possible_all   94.6 
_reflns_shell.Rmerge_I_obs           0.472 
_reflns_shell.pdbx_Rsym_value        ? 
_reflns_shell.meanI_over_sigI_obs    ? 
_reflns_shell.pdbx_redundancy        2 
_reflns_shell.percent_possible_obs   ? 
_reflns_shell.number_unique_all      ? 
_reflns_shell.pdbx_diffrn_id         ? 
_reflns_shell.pdbx_ordinal           1 
# 
_refine.entry_id                                 1DP7 
_refine.ls_number_reflns_obs                     19335 
_refine.ls_number_reflns_all                     22780 
_refine.pdbx_ls_sigma_I                          3.0 
_refine.pdbx_ls_sigma_F                          ? 
_refine.pdbx_data_cutoff_high_absF               ? 
_refine.pdbx_data_cutoff_low_absF                ? 
_refine.pdbx_data_cutoff_high_rms_absF           ? 
_refine.ls_d_res_low                             10.0 
_refine.ls_d_res_high                            1.5 
_refine.ls_percent_reflns_obs                    79.3 
_refine.ls_R_factor_obs                          0.192 
_refine.ls_R_factor_all                          0.192 
_refine.ls_R_factor_R_work                       0.192 
_refine.ls_R_factor_R_free                       0.228 
_refine.ls_R_factor_R_free_error                 ? 
_refine.ls_R_factor_R_free_error_details         ? 
_refine.ls_percent_reflns_R_free                 10 
_refine.ls_number_reflns_R_free                  1947 
_refine.ls_number_parameters                     ? 
_refine.ls_number_restraints                     ? 
_refine.occupancy_min                            ? 
_refine.occupancy_max                            ? 
_refine.B_iso_mean                               ? 
_refine.aniso_B[1][1]                            3.162 
_refine.aniso_B[2][2]                            -3.466 
_refine.aniso_B[3][3]                            0.304 
_refine.aniso_B[1][2]                            0.000 
_refine.aniso_B[1][3]                            0.000 
_refine.aniso_B[2][3]                            0.000 
_refine.solvent_model_details                    ? 
_refine.solvent_model_param_ksol                 ? 
_refine.solvent_model_param_bsol                 ? 
_refine.pdbx_ls_cross_valid_method               THROUGHOUT 
_refine.details                                  ? 
_refine.pdbx_starting_model                      ? 
_refine.pdbx_method_to_determine_struct          ? 
_refine.pdbx_isotropic_thermal_model             ? 
_refine.pdbx_stereochemistry_target_values       'ENGH & HUBER' 
_refine.pdbx_stereochem_target_val_spec_case     ? 
_refine.pdbx_R_Free_selection_details            RANDOM 
_refine.pdbx_overall_ESU_R                       ? 
_refine.pdbx_overall_ESU_R_Free                  ? 
_refine.overall_SU_ML                            ? 
_refine.overall_SU_B                             ? 
_refine.ls_redundancy_reflns_obs                 ? 
_refine.pdbx_refine_id                           'X-RAY DIFFRACTION' 
_refine.pdbx_diffrn_id                           1 
_refine.pdbx_TLS_residual_ADP_flag               ? 
_refine.correlation_coeff_Fo_to_Fc               ? 
_refine.correlation_coeff_Fo_to_Fc_free          ? 
_refine.pdbx_solvent_vdw_probe_radii             ? 
_refine.pdbx_solvent_ion_probe_radii             ? 
_refine.pdbx_solvent_shrinkage_radii             ? 
_refine.pdbx_overall_phase_error                 ? 
_refine.overall_SU_R_Cruickshank_DPI             ? 
_refine.pdbx_overall_SU_R_free_Cruickshank_DPI   ? 
_refine.pdbx_overall_SU_R_Blow_DPI               ? 
_refine.pdbx_overall_SU_R_free_Blow_DPI          ? 
# 
_refine_hist.pdbx_refine_id                   'X-RAY DIFFRACTION' 
_refine_hist.cycle_id                         LAST 
_refine_hist.pdbx_number_atoms_protein        624 
_refine_hist.pdbx_number_atoms_nucleic_acid   325 
_refine_hist.pdbx_number_atoms_ligand         10 
_refine_hist.number_atoms_solvent             131 
_refine_hist.number_atoms_total               1090 
_refine_hist.d_res_high                       1.5 
_refine_hist.d_res_low                        10.0 
# 
loop_
_refine_ls_restr.type 
_refine_ls_restr.dev_ideal 
_refine_ls_restr.dev_ideal_target 
_refine_ls_restr.weight 
_refine_ls_restr.number 
_refine_ls_restr.pdbx_refine_id 
_refine_ls_restr.pdbx_restraint_function 
c_bond_d                0.016 ? ? ? 'X-RAY DIFFRACTION' ? 
c_bond_d_na             ?     ? ? ? 'X-RAY DIFFRACTION' ? 
c_bond_d_prot           ?     ? ? ? 'X-RAY DIFFRACTION' ? 
c_angle_d               ?     ? ? ? 'X-RAY DIFFRACTION' ? 
c_angle_d_na            ?     ? ? ? 'X-RAY DIFFRACTION' ? 
c_angle_d_prot          ?     ? ? ? 'X-RAY DIFFRACTION' ? 
c_angle_deg             1.79  ? ? ? 'X-RAY DIFFRACTION' ? 
c_angle_deg_na          ?     ? ? ? 'X-RAY DIFFRACTION' ? 
c_angle_deg_prot        ?     ? ? ? 'X-RAY DIFFRACTION' ? 
c_dihedral_angle_d      ?     ? ? ? 'X-RAY DIFFRACTION' ? 
c_dihedral_angle_d_na   ?     ? ? ? 'X-RAY DIFFRACTION' ? 
c_dihedral_angle_d_prot ?     ? ? ? 'X-RAY DIFFRACTION' ? 
c_improper_angle_d      ?     ? ? ? 'X-RAY DIFFRACTION' ? 
c_improper_angle_d_na   ?     ? ? ? 'X-RAY DIFFRACTION' ? 
c_improper_angle_d_prot ?     ? ? ? 'X-RAY DIFFRACTION' ? 
c_mcbond_it             ?     ? ? ? 'X-RAY DIFFRACTION' ? 
c_mcangle_it            ?     ? ? ? 'X-RAY DIFFRACTION' ? 
c_scbond_it             ?     ? ? ? 'X-RAY DIFFRACTION' ? 
c_scangle_it            ?     ? ? ? 'X-RAY DIFFRACTION' ? 
# 
_struct.entry_id                  1DP7 
_struct.title                     'COCRYSTAL STRUCTURE OF RFX-DBD IN COMPLEX WITH ITS COGNATE X-BOX BINDING SITE' 
_struct.pdbx_model_details        ? 
_struct.pdbx_CASP_flag            ? 
_struct.pdbx_model_type_details   ? 
# 
_struct_keywords.entry_id        1DP7 
_struct_keywords.pdbx_keywords   TRANSCRIPTION/DNA 
_struct_keywords.text            
;WINGED HELIX, MHC CLASS II TRANSCRIPTION FACTOR, PROTEIN-DNA COCRYSTAL STRUCTURE, NOVEL MODE OF DNA RECOGNITION, TRANSCRIPTION-DNA COMPLEX
;
# 
loop_
_struct_asym.id 
_struct_asym.pdbx_blank_PDB_chainid_flag 
_struct_asym.pdbx_modified 
_struct_asym.entity_id 
_struct_asym.details 
A N N 1 ? 
B N N 2 ? 
C N N 3 ? 
D N N 3 ? 
E N N 4 ? 
F N N 5 ? 
G N N 5 ? 
# 
loop_
_struct_ref.id 
_struct_ref.db_name 
_struct_ref.db_code 
_struct_ref.entity_id 
_struct_ref.pdbx_db_accession 
_struct_ref.pdbx_align_begin 
_struct_ref.pdbx_seq_one_letter_code 
_struct_ref.pdbx_db_isoform 
1 UNP RFX1_HUMAN 2 P22670 ? ? ? 
2 PDB 1DP7       1 1DP7   ? ? ? 
# 
loop_
_struct_ref_seq.align_id 
_struct_ref_seq.ref_id 
_struct_ref_seq.pdbx_PDB_id_code 
_struct_ref_seq.pdbx_strand_id 
_struct_ref_seq.seq_align_beg 
_struct_ref_seq.pdbx_seq_align_beg_ins_code 
_struct_ref_seq.seq_align_end 
_struct_ref_seq.pdbx_seq_align_end_ins_code 
_struct_ref_seq.pdbx_db_accession 
_struct_ref_seq.db_align_beg 
_struct_ref_seq.pdbx_db_align_beg_ins_code 
_struct_ref_seq.db_align_end 
_struct_ref_seq.pdbx_db_align_end_ins_code 
_struct_ref_seq.pdbx_auth_seq_align_beg 
_struct_ref_seq.pdbx_auth_seq_align_end 
1 1 1DP7 P 1 ? 76 ? P22670 438 ? 513 ? 1 76 
2 2 1DP7 D 1 ? 16 ? 1DP7   1   ? 16  ? 1 16 
# 
loop_
_struct_ref_seq_dif.align_id 
_struct_ref_seq_dif.pdbx_pdb_id_code 
_struct_ref_seq_dif.mon_id 
_struct_ref_seq_dif.pdbx_pdb_strand_id 
_struct_ref_seq_dif.seq_num 
_struct_ref_seq_dif.pdbx_pdb_ins_code 
_struct_ref_seq_dif.pdbx_seq_db_name 
_struct_ref_seq_dif.pdbx_seq_db_accession_code 
_struct_ref_seq_dif.db_mon_id 
_struct_ref_seq_dif.pdbx_seq_db_seq_num 
_struct_ref_seq_dif.details 
_struct_ref_seq_dif.pdbx_auth_seq_num 
_struct_ref_seq_dif.pdbx_ordinal 
1 1DP7 ASN P 24 ? UNP P22670 CYS 461 'engineered mutation' 24 1 
1 1DP7 SER P 30 ? UNP P22670 CYS 467 'engineered mutation' 30 2 
# 
_pdbx_struct_assembly.id                   1 
_pdbx_struct_assembly.details              author_defined_assembly 
_pdbx_struct_assembly.method_details       ? 
_pdbx_struct_assembly.oligomeric_details   tetrameric 
_pdbx_struct_assembly.oligomeric_count     4 
# 
_pdbx_struct_assembly_gen.assembly_id       1 
_pdbx_struct_assembly_gen.oper_expression   1,2 
_pdbx_struct_assembly_gen.asym_id_list      A,B,C,D,E,F,G 
# 
loop_
_pdbx_struct_oper_list.id 
_pdbx_struct_oper_list.type 
_pdbx_struct_oper_list.name 
_pdbx_struct_oper_list.symmetry_operation 
_pdbx_struct_oper_list.matrix[1][1] 
_pdbx_struct_oper_list.matrix[1][2] 
_pdbx_struct_oper_list.matrix[1][3] 
_pdbx_struct_oper_list.vector[1] 
_pdbx_struct_oper_list.matrix[2][1] 
_pdbx_struct_oper_list.matrix[2][2] 
_pdbx_struct_oper_list.matrix[2][3] 
_pdbx_struct_oper_list.vector[2] 
_pdbx_struct_oper_list.matrix[3][1] 
_pdbx_struct_oper_list.matrix[3][2] 
_pdbx_struct_oper_list.matrix[3][3] 
_pdbx_struct_oper_list.vector[3] 
1 'identity operation'         1_555 x,y,z       1.0000000000 0.0000000000 0.0000000000  0.0000000000   0.0000000000 1.0000000000  0.0000000000  0.0000000000  0.0000000000  0.0000000000  1.0000000000  0.0000000000   
2 'crystal symmetry operation' 2_757 -x+2,y,-z+2 0.6113978752 0.1447340429 -0.7779747393 -14.9452867560 0.1447340429 -0.9870001422 -0.0698768635 16.7276825829 -0.7779747393 -0.0698768635 -0.6243977330 -27.8437552012 
# 
_struct_biol.id   1 
# 
loop_
_struct_conf.conf_type_id 
_struct_conf.id 
_struct_conf.pdbx_PDB_helix_id 
_struct_conf.beg_label_comp_id 
_struct_conf.beg_label_asym_id 
_struct_conf.beg_label_seq_id 
_struct_conf.pdbx_beg_PDB_ins_code 
_struct_conf.end_label_comp_id 
_struct_conf.end_label_asym_id 
_struct_conf.end_label_seq_id 
_struct_conf.pdbx_end_PDB_ins_code 
_struct_conf.beg_auth_comp_id 
_struct_conf.beg_auth_asym_id 
_struct_conf.beg_auth_seq_id 
_struct_conf.end_auth_comp_id 
_struct_conf.end_auth_asym_id 
_struct_conf.end_auth_seq_id 
_struct_conf.pdbx_PDB_helix_class 
_struct_conf.details 
_struct_conf.pdbx_PDB_helix_length 
HELX_P HELX_P1 1 THR B 1  ? ASN B 8  ? THR P 1  ASN P 8  1 ? 8  
HELX_P HELX_P2 2 ARG B 19 ? GLN B 33 ? ARG P 19 GLN P 33 1 ? 15 
HELX_P HELX_P3 3 ASN B 39 ? PHE B 51 ? ASN P 39 PHE P 51 1 ? 13 
# 
_struct_conf_type.id          HELX_P 
_struct_conf_type.criteria    ? 
_struct_conf_type.reference   ? 
# 
loop_
_struct_conn.id 
_struct_conn.conn_type_id 
_struct_conn.pdbx_leaving_atom_flag 
_struct_conn.pdbx_PDB_id 
_struct_conn.ptnr1_label_asym_id 
_struct_conn.ptnr1_label_comp_id 
_struct_conn.ptnr1_label_seq_id 
_struct_conn.ptnr1_label_atom_id 
_struct_conn.pdbx_ptnr1_label_alt_id 
_struct_conn.pdbx_ptnr1_PDB_ins_code 
_struct_conn.pdbx_ptnr1_standard_comp_id 
_struct_conn.ptnr1_symmetry 
_struct_conn.ptnr2_label_asym_id 
_struct_conn.ptnr2_label_comp_id 
_struct_conn.ptnr2_label_seq_id 
_struct_conn.ptnr2_label_atom_id 
_struct_conn.pdbx_ptnr2_label_alt_id 
_struct_conn.pdbx_ptnr2_PDB_ins_code 
_struct_conn.ptnr1_auth_asym_id 
_struct_conn.ptnr1_auth_comp_id 
_struct_conn.ptnr1_auth_seq_id 
_struct_conn.ptnr2_auth_asym_id 
_struct_conn.ptnr2_auth_comp_id 
_struct_conn.ptnr2_auth_seq_id 
_struct_conn.ptnr2_symmetry 
_struct_conn.pdbx_ptnr3_label_atom_id 
_struct_conn.pdbx_ptnr3_label_seq_id 
_struct_conn.pdbx_ptnr3_label_comp_id 
_struct_conn.pdbx_ptnr3_label_asym_id 
_struct_conn.pdbx_ptnr3_label_alt_id 
_struct_conn.pdbx_ptnr3_PDB_ins_code 
_struct_conn.details 
_struct_conn.pdbx_dist_value 
_struct_conn.pdbx_value_order 
_struct_conn.pdbx_role 
covale1  covale both ? A DG  2  "O3'" ? ? ? 1_555 A BRU 3  P  ? ? D DG  2  D BRU 3  1_555 ? ? ? ? ? ? ?            1.592 ? ? 
covale2  covale both ? A BRU 3  "O3'" ? ? ? 1_555 A DT  4  P  ? ? D BRU 3  D DT  4  1_555 ? ? ? ? ? ? ?            1.564 ? ? 
covale3  covale both ? A DA  8  "O3'" ? ? ? 1_555 A BRU 9  P  ? ? D DA  8  D BRU 9  1_555 ? ? ? ? ? ? ?            1.584 ? ? 
covale4  covale both ? A BRU 9  "O3'" ? ? ? 1_555 A DG  10 P  ? ? D BRU 9  D DG  10 1_555 ? ? ? ? ? ? ?            1.581 ? ? 
hydrog1  hydrog ?    ? A DC  1  N3    ? ? ? 1_555 A DG  16 N1 ? ? D DC  1  D DG  16 2_757 ? ? ? ? ? ? WATSON-CRICK ?     ? ? 
hydrog2  hydrog ?    ? A DC  1  N4    ? ? ? 1_555 A DG  16 O6 ? ? D DC  1  D DG  16 2_757 ? ? ? ? ? ? WATSON-CRICK ?     ? ? 
hydrog3  hydrog ?    ? A DC  1  O2    ? ? ? 1_555 A DG  16 N2 ? ? D DC  1  D DG  16 2_757 ? ? ? ? ? ? WATSON-CRICK ?     ? ? 
hydrog4  hydrog ?    ? A DG  2  N1    ? ? ? 1_555 A DC  15 N3 ? ? D DG  2  D DC  15 2_757 ? ? ? ? ? ? WATSON-CRICK ?     ? ? 
hydrog5  hydrog ?    ? A DG  2  N2    ? ? ? 1_555 A DC  15 O2 ? ? D DG  2  D DC  15 2_757 ? ? ? ? ? ? WATSON-CRICK ?     ? ? 
hydrog6  hydrog ?    ? A DG  2  O6    ? ? ? 1_555 A DC  15 N4 ? ? D DG  2  D DC  15 2_757 ? ? ? ? ? ? WATSON-CRICK ?     ? ? 
hydrog7  hydrog ?    ? A BRU 3  N3    ? ? ? 1_555 A DA  14 N1 ? ? D BRU 3  D DA  14 2_757 ? ? ? ? ? ? WATSON-CRICK ?     ? ? 
hydrog8  hydrog ?    ? A BRU 3  O4    ? ? ? 1_555 A DA  14 N6 ? ? D BRU 3  D DA  14 2_757 ? ? ? ? ? ? WATSON-CRICK ?     ? ? 
hydrog9  hydrog ?    ? A DT  4  N3    ? ? ? 1_555 A DA  13 N1 ? ? D DT  4  D DA  13 2_757 ? ? ? ? ? ? WATSON-CRICK ?     ? ? 
hydrog10 hydrog ?    ? A DT  4  O4    ? ? ? 1_555 A DA  13 N6 ? ? D DT  4  D DA  13 2_757 ? ? ? ? ? ? WATSON-CRICK ?     ? ? 
hydrog11 hydrog ?    ? A DA  5  N1    ? ? ? 1_555 A DT  12 N3 ? ? D DA  5  D DT  12 2_757 ? ? ? ? ? ? WATSON-CRICK ?     ? ? 
hydrog12 hydrog ?    ? A DA  5  N6    ? ? ? 1_555 A DT  12 O4 ? ? D DA  5  D DT  12 2_757 ? ? ? ? ? ? WATSON-CRICK ?     ? ? 
hydrog13 hydrog ?    ? A DC  6  N3    ? ? ? 1_555 A DG  11 N1 ? ? D DC  6  D DG  11 2_757 ? ? ? ? ? ? WATSON-CRICK ?     ? ? 
hydrog14 hydrog ?    ? A DC  6  N4    ? ? ? 1_555 A DG  11 O6 ? ? D DC  6  D DG  11 2_757 ? ? ? ? ? ? WATSON-CRICK ?     ? ? 
hydrog15 hydrog ?    ? A DC  6  O2    ? ? ? 1_555 A DG  11 N2 ? ? D DC  6  D DG  11 2_757 ? ? ? ? ? ? WATSON-CRICK ?     ? ? 
hydrog16 hydrog ?    ? A DC  7  N3    ? ? ? 1_555 A DG  10 N1 ? ? D DC  7  D DG  10 2_757 ? ? ? ? ? ? WATSON-CRICK ?     ? ? 
hydrog17 hydrog ?    ? A DC  7  N4    ? ? ? 1_555 A DG  10 O6 ? ? D DC  7  D DG  10 2_757 ? ? ? ? ? ? WATSON-CRICK ?     ? ? 
hydrog18 hydrog ?    ? A DC  7  O2    ? ? ? 1_555 A DG  10 N2 ? ? D DC  7  D DG  10 2_757 ? ? ? ? ? ? WATSON-CRICK ?     ? ? 
hydrog19 hydrog ?    ? A DA  8  N1    ? ? ? 1_555 A BRU 9  N3 ? ? D DA  8  D BRU 9  2_757 ? ? ? ? ? ? WATSON-CRICK ?     ? ? 
hydrog20 hydrog ?    ? A DA  8  N6    ? ? ? 1_555 A BRU 9  O4 ? ? D DA  8  D BRU 9  2_757 ? ? ? ? ? ? WATSON-CRICK ?     ? ? 
hydrog21 hydrog ?    ? A BRU 9  N3    ? ? ? 1_555 A DA  8  N1 ? ? D BRU 9  D DA  8  2_757 ? ? ? ? ? ? WATSON-CRICK ?     ? ? 
hydrog22 hydrog ?    ? A BRU 9  O4    ? ? ? 1_555 A DA  8  N6 ? ? D BRU 9  D DA  8  2_757 ? ? ? ? ? ? WATSON-CRICK ?     ? ? 
hydrog23 hydrog ?    ? A DG  10 N1    ? ? ? 1_555 A DC  7  N3 ? ? D DG  10 D DC  7  2_757 ? ? ? ? ? ? WATSON-CRICK ?     ? ? 
hydrog24 hydrog ?    ? A DG  10 N2    ? ? ? 1_555 A DC  7  O2 ? ? D DG  10 D DC  7  2_757 ? ? ? ? ? ? WATSON-CRICK ?     ? ? 
hydrog25 hydrog ?    ? A DG  10 O6    ? ? ? 1_555 A DC  7  N4 ? ? D DG  10 D DC  7  2_757 ? ? ? ? ? ? WATSON-CRICK ?     ? ? 
hydrog26 hydrog ?    ? A DG  11 N1    ? ? ? 1_555 A DC  6  N3 ? ? D DG  11 D DC  6  2_757 ? ? ? ? ? ? WATSON-CRICK ?     ? ? 
hydrog27 hydrog ?    ? A DG  11 N2    ? ? ? 1_555 A DC  6  O2 ? ? D DG  11 D DC  6  2_757 ? ? ? ? ? ? WATSON-CRICK ?     ? ? 
hydrog28 hydrog ?    ? A DG  11 O6    ? ? ? 1_555 A DC  6  N4 ? ? D DG  11 D DC  6  2_757 ? ? ? ? ? ? WATSON-CRICK ?     ? ? 
hydrog29 hydrog ?    ? A DT  12 N3    ? ? ? 1_555 A DA  5  N1 ? ? D DT  12 D DA  5  2_757 ? ? ? ? ? ? WATSON-CRICK ?     ? ? 
hydrog30 hydrog ?    ? A DT  12 O4    ? ? ? 1_555 A DA  5  N6 ? ? D DT  12 D DA  5  2_757 ? ? ? ? ? ? WATSON-CRICK ?     ? ? 
hydrog31 hydrog ?    ? A DA  13 N1    ? ? ? 1_555 A DT  4  N3 ? ? D DA  13 D DT  4  2_757 ? ? ? ? ? ? WATSON-CRICK ?     ? ? 
hydrog32 hydrog ?    ? A DA  13 N6    ? ? ? 1_555 A DT  4  O4 ? ? D DA  13 D DT  4  2_757 ? ? ? ? ? ? WATSON-CRICK ?     ? ? 
hydrog33 hydrog ?    ? A DA  14 N1    ? ? ? 1_555 A BRU 3  N3 ? ? D DA  14 D BRU 3  2_757 ? ? ? ? ? ? WATSON-CRICK ?     ? ? 
hydrog34 hydrog ?    ? A DA  14 N6    ? ? ? 1_555 A BRU 3  O4 ? ? D DA  14 D BRU 3  2_757 ? ? ? ? ? ? WATSON-CRICK ?     ? ? 
hydrog35 hydrog ?    ? A DC  15 N3    ? ? ? 1_555 A DG  2  N1 ? ? D DC  15 D DG  2  2_757 ? ? ? ? ? ? WATSON-CRICK ?     ? ? 
hydrog36 hydrog ?    ? A DC  15 N4    ? ? ? 1_555 A DG  2  O6 ? ? D DC  15 D DG  2  2_757 ? ? ? ? ? ? WATSON-CRICK ?     ? ? 
hydrog37 hydrog ?    ? A DC  15 O2    ? ? ? 1_555 A DG  2  N2 ? ? D DC  15 D DG  2  2_757 ? ? ? ? ? ? WATSON-CRICK ?     ? ? 
hydrog38 hydrog ?    ? A DG  16 N1    ? ? ? 1_555 A DC  1  N3 ? ? D DG  16 D DC  1  2_757 ? ? ? ? ? ? WATSON-CRICK ?     ? ? 
hydrog39 hydrog ?    ? A DG  16 N2    ? ? ? 1_555 A DC  1  O2 ? ? D DG  16 D DC  1  2_757 ? ? ? ? ? ? WATSON-CRICK ?     ? ? 
hydrog40 hydrog ?    ? A DG  16 O6    ? ? ? 1_555 A DC  1  N4 ? ? D DG  16 D DC  1  2_757 ? ? ? ? ? ? WATSON-CRICK ?     ? ? 
# 
loop_
_struct_conn_type.id 
_struct_conn_type.criteria 
_struct_conn_type.reference 
covale ? ? 
hydrog ? ? 
# 
_struct_sheet.id               A 
_struct_sheet.type             ? 
_struct_sheet.number_strands   3 
_struct_sheet.details          ? 
# 
loop_
_struct_sheet_order.sheet_id 
_struct_sheet_order.range_id_1 
_struct_sheet_order.range_id_2 
_struct_sheet_order.offset 
_struct_sheet_order.sense 
A 1 2 ? anti-parallel 
A 2 3 ? anti-parallel 
# 
loop_
_struct_sheet_range.sheet_id 
_struct_sheet_range.id 
_struct_sheet_range.beg_label_comp_id 
_struct_sheet_range.beg_label_asym_id 
_struct_sheet_range.beg_label_seq_id 
_struct_sheet_range.pdbx_beg_PDB_ins_code 
_struct_sheet_range.end_label_comp_id 
_struct_sheet_range.end_label_asym_id 
_struct_sheet_range.end_label_seq_id 
_struct_sheet_range.pdbx_end_PDB_ins_code 
_struct_sheet_range.beg_auth_comp_id 
_struct_sheet_range.beg_auth_asym_id 
_struct_sheet_range.beg_auth_seq_id 
_struct_sheet_range.end_auth_comp_id 
_struct_sheet_range.end_auth_asym_id 
_struct_sheet_range.end_auth_seq_id 
A 1 TYR B 9  ? PRO B 18 ? TYR P 9  PRO P 18 
A 2 LYS B 66 ? ILE B 74 ? LYS P 66 ILE P 74 
A 3 ARG B 55 ? LEU B 59 ? ARG P 55 LEU P 59 
# 
loop_
_pdbx_struct_sheet_hbond.sheet_id 
_pdbx_struct_sheet_hbond.range_id_1 
_pdbx_struct_sheet_hbond.range_id_2 
_pdbx_struct_sheet_hbond.range_1_label_atom_id 
_pdbx_struct_sheet_hbond.range_1_label_comp_id 
_pdbx_struct_sheet_hbond.range_1_label_asym_id 
_pdbx_struct_sheet_hbond.range_1_label_seq_id 
_pdbx_struct_sheet_hbond.range_1_PDB_ins_code 
_pdbx_struct_sheet_hbond.range_1_auth_atom_id 
_pdbx_struct_sheet_hbond.range_1_auth_comp_id 
_pdbx_struct_sheet_hbond.range_1_auth_asym_id 
_pdbx_struct_sheet_hbond.range_1_auth_seq_id 
_pdbx_struct_sheet_hbond.range_2_label_atom_id 
_pdbx_struct_sheet_hbond.range_2_label_comp_id 
_pdbx_struct_sheet_hbond.range_2_label_asym_id 
_pdbx_struct_sheet_hbond.range_2_label_seq_id 
_pdbx_struct_sheet_hbond.range_2_PDB_ins_code 
_pdbx_struct_sheet_hbond.range_2_auth_atom_id 
_pdbx_struct_sheet_hbond.range_2_auth_comp_id 
_pdbx_struct_sheet_hbond.range_2_auth_asym_id 
_pdbx_struct_sheet_hbond.range_2_auth_seq_id 
A 1 2 O LEU B 17 ? O LEU P 17 N TYR B 69 ? N TYR P 69 
A 2 3 N TYR B 70 ? N TYR P 70 O ARG B 55 ? O ARG P 55 
# 
loop_
_struct_site.id 
_struct_site.pdbx_evidence_code 
_struct_site.pdbx_auth_asym_id 
_struct_site.pdbx_auth_comp_id 
_struct_site.pdbx_auth_seq_id 
_struct_site.pdbx_auth_ins_code 
_struct_site.pdbx_num_residues 
_struct_site.details 
AC1 Software P EDO 501 ? 4 'BINDING SITE FOR RESIDUE EDO P 501' 
AC2 Software P EDO 502 ? 4 'BINDING SITE FOR RESIDUE EDO P 502' 
AC3 Software P PEG 503 ? 6 'BINDING SITE FOR RESIDUE PEG P 503' 
# 
loop_
_struct_site_gen.id 
_struct_site_gen.site_id 
_struct_site_gen.pdbx_num_res 
_struct_site_gen.label_comp_id 
_struct_site_gen.label_asym_id 
_struct_site_gen.label_seq_id 
_struct_site_gen.pdbx_auth_ins_code 
_struct_site_gen.auth_comp_id 
_struct_site_gen.auth_asym_id 
_struct_site_gen.auth_seq_id 
_struct_site_gen.label_atom_id 
_struct_site_gen.label_alt_id 
_struct_site_gen.symmetry 
_struct_site_gen.details 
1  AC1 4 HOH F .  ? HOH D 37  . ? 2_757 ? 
2  AC1 4 HOH F .  ? HOH D 43  . ? 2_757 ? 
3  AC1 4 THR B 56 ? THR P 56  . ? 1_555 ? 
4  AC1 4 HOH G .  ? HOH P 563 . ? 1_555 ? 
5  AC2 4 VAL B 2  ? VAL P 2   . ? 1_555 ? 
6  AC2 4 SER B 49 ? SER P 49  . ? 1_555 ? 
7  AC2 4 VAL B 50 ? VAL P 50  . ? 1_555 ? 
8  AC2 4 HOH G .  ? HOH P 549 . ? 4_657 ? 
9  AC3 6 PRO B 18 ? PRO P 18  . ? 4_657 ? 
10 AC3 6 THR B 21 ? THR P 21  . ? 4_657 ? 
11 AC3 6 MET B 52 ? MET P 52  . ? 1_555 ? 
12 AC3 6 GLY B 53 ? GLY P 53  . ? 1_555 ? 
13 AC3 6 ARG B 55 ? ARG P 55  . ? 1_555 ? 
14 AC3 6 HOH G .  ? HOH P 523 . ? 1_555 ? 
# 
_pdbx_validate_close_contact.id               1 
_pdbx_validate_close_contact.PDB_model_num    1 
_pdbx_validate_close_contact.auth_atom_id_1   O 
_pdbx_validate_close_contact.auth_asym_id_1   D 
_pdbx_validate_close_contact.auth_comp_id_1   HOH 
_pdbx_validate_close_contact.auth_seq_id_1    31 
_pdbx_validate_close_contact.PDB_ins_code_1   ? 
_pdbx_validate_close_contact.label_alt_id_1   ? 
_pdbx_validate_close_contact.auth_atom_id_2   O 
_pdbx_validate_close_contact.auth_asym_id_2   D 
_pdbx_validate_close_contact.auth_comp_id_2   HOH 
_pdbx_validate_close_contact.auth_seq_id_2    55 
_pdbx_validate_close_contact.PDB_ins_code_2   ? 
_pdbx_validate_close_contact.label_alt_id_2   ? 
_pdbx_validate_close_contact.dist             2.09 
# 
loop_
_pdbx_validate_planes.id 
_pdbx_validate_planes.PDB_model_num 
_pdbx_validate_planes.auth_comp_id 
_pdbx_validate_planes.auth_asym_id 
_pdbx_validate_planes.auth_seq_id 
_pdbx_validate_planes.PDB_ins_code 
_pdbx_validate_planes.label_alt_id 
_pdbx_validate_planes.rmsd 
_pdbx_validate_planes.type 
1 1 DA D 5  ? ? 0.051 'SIDE CHAIN' 
2 1 DG D 11 ? ? 0.057 'SIDE CHAIN' 
# 
loop_
_pdbx_struct_mod_residue.id 
_pdbx_struct_mod_residue.label_asym_id 
_pdbx_struct_mod_residue.label_comp_id 
_pdbx_struct_mod_residue.label_seq_id 
_pdbx_struct_mod_residue.auth_asym_id 
_pdbx_struct_mod_residue.auth_comp_id 
_pdbx_struct_mod_residue.auth_seq_id 
_pdbx_struct_mod_residue.PDB_ins_code 
_pdbx_struct_mod_residue.parent_comp_id 
_pdbx_struct_mod_residue.details 
1 A BRU 3 D BRU 3 ? DU ? 
2 A BRU 9 D BRU 9 ? DU ? 
# 
loop_
_chem_comp_atom.comp_id 
_chem_comp_atom.atom_id 
_chem_comp_atom.type_symbol 
_chem_comp_atom.pdbx_aromatic_flag 
_chem_comp_atom.pdbx_stereo_config 
_chem_comp_atom.pdbx_ordinal 
ALA N      N  N N 1   
ALA CA     C  N S 2   
ALA C      C  N N 3   
ALA O      O  N N 4   
ALA CB     C  N N 5   
ALA OXT    O  N N 6   
ALA H      H  N N 7   
ALA H2     H  N N 8   
ALA HA     H  N N 9   
ALA HB1    H  N N 10  
ALA HB2    H  N N 11  
ALA HB3    H  N N 12  
ALA HXT    H  N N 13  
ARG N      N  N N 14  
ARG CA     C  N S 15  
ARG C      C  N N 16  
ARG O      O  N N 17  
ARG CB     C  N N 18  
ARG CG     C  N N 19  
ARG CD     C  N N 20  
ARG NE     N  N N 21  
ARG CZ     C  N N 22  
ARG NH1    N  N N 23  
ARG NH2    N  N N 24  
ARG OXT    O  N N 25  
ARG H      H  N N 26  
ARG H2     H  N N 27  
ARG HA     H  N N 28  
ARG HB2    H  N N 29  
ARG HB3    H  N N 30  
ARG HG2    H  N N 31  
ARG HG3    H  N N 32  
ARG HD2    H  N N 33  
ARG HD3    H  N N 34  
ARG HE     H  N N 35  
ARG HH11   H  N N 36  
ARG HH12   H  N N 37  
ARG HH21   H  N N 38  
ARG HH22   H  N N 39  
ARG HXT    H  N N 40  
ASN N      N  N N 41  
ASN CA     C  N S 42  
ASN C      C  N N 43  
ASN O      O  N N 44  
ASN CB     C  N N 45  
ASN CG     C  N N 46  
ASN OD1    O  N N 47  
ASN ND2    N  N N 48  
ASN OXT    O  N N 49  
ASN H      H  N N 50  
ASN H2     H  N N 51  
ASN HA     H  N N 52  
ASN HB2    H  N N 53  
ASN HB3    H  N N 54  
ASN HD21   H  N N 55  
ASN HD22   H  N N 56  
ASN HXT    H  N N 57  
ASP N      N  N N 58  
ASP CA     C  N S 59  
ASP C      C  N N 60  
ASP O      O  N N 61  
ASP CB     C  N N 62  
ASP CG     C  N N 63  
ASP OD1    O  N N 64  
ASP OD2    O  N N 65  
ASP OXT    O  N N 66  
ASP H      H  N N 67  
ASP H2     H  N N 68  
ASP HA     H  N N 69  
ASP HB2    H  N N 70  
ASP HB3    H  N N 71  
ASP HD2    H  N N 72  
ASP HXT    H  N N 73  
BRU N1     N  N N 74  
BRU C2     C  N N 75  
BRU N3     N  N N 76  
BRU C4     C  N N 77  
BRU C5     C  N N 78  
BRU C6     C  N N 79  
BRU O2     O  N N 80  
BRU O4     O  N N 81  
BRU BR     BR N N 82  
BRU "C1'"  C  N R 83  
BRU "C2'"  C  N N 84  
BRU "C3'"  C  N S 85  
BRU "C4'"  C  N R 86  
BRU "O3'"  O  N N 87  
BRU "O4'"  O  N N 88  
BRU "C5'"  C  N N 89  
BRU "O5'"  O  N N 90  
BRU P      P  N N 91  
BRU OP1    O  N N 92  
BRU OP2    O  N N 93  
BRU OP3    O  N N 94  
BRU HN3    H  N N 95  
BRU H6     H  N N 96  
BRU "H1'"  H  N N 97  
BRU "H2'"  H  N N 98  
BRU "H2''" H  N N 99  
BRU "H3'"  H  N N 100 
BRU "H4'"  H  N N 101 
BRU "HO3'" H  N N 102 
BRU "H5'"  H  N N 103 
BRU "H5''" H  N N 104 
BRU HOP2   H  N N 105 
BRU HOP3   H  N N 106 
CYS N      N  N N 107 
CYS CA     C  N R 108 
CYS C      C  N N 109 
CYS O      O  N N 110 
CYS CB     C  N N 111 
CYS SG     S  N N 112 
CYS OXT    O  N N 113 
CYS H      H  N N 114 
CYS H2     H  N N 115 
CYS HA     H  N N 116 
CYS HB2    H  N N 117 
CYS HB3    H  N N 118 
CYS HG     H  N N 119 
CYS HXT    H  N N 120 
DA  OP3    O  N N 121 
DA  P      P  N N 122 
DA  OP1    O  N N 123 
DA  OP2    O  N N 124 
DA  "O5'"  O  N N 125 
DA  "C5'"  C  N N 126 
DA  "C4'"  C  N R 127 
DA  "O4'"  O  N N 128 
DA  "C3'"  C  N S 129 
DA  "O3'"  O  N N 130 
DA  "C2'"  C  N N 131 
DA  "C1'"  C  N R 132 
DA  N9     N  Y N 133 
DA  C8     C  Y N 134 
DA  N7     N  Y N 135 
DA  C5     C  Y N 136 
DA  C6     C  Y N 137 
DA  N6     N  N N 138 
DA  N1     N  Y N 139 
DA  C2     C  Y N 140 
DA  N3     N  Y N 141 
DA  C4     C  Y N 142 
DA  HOP3   H  N N 143 
DA  HOP2   H  N N 144 
DA  "H5'"  H  N N 145 
DA  "H5''" H  N N 146 
DA  "H4'"  H  N N 147 
DA  "H3'"  H  N N 148 
DA  "HO3'" H  N N 149 
DA  "H2'"  H  N N 150 
DA  "H2''" H  N N 151 
DA  "H1'"  H  N N 152 
DA  H8     H  N N 153 
DA  H61    H  N N 154 
DA  H62    H  N N 155 
DA  H2     H  N N 156 
DC  OP3    O  N N 157 
DC  P      P  N N 158 
DC  OP1    O  N N 159 
DC  OP2    O  N N 160 
DC  "O5'"  O  N N 161 
DC  "C5'"  C  N N 162 
DC  "C4'"  C  N R 163 
DC  "O4'"  O  N N 164 
DC  "C3'"  C  N S 165 
DC  "O3'"  O  N N 166 
DC  "C2'"  C  N N 167 
DC  "C1'"  C  N R 168 
DC  N1     N  N N 169 
DC  C2     C  N N 170 
DC  O2     O  N N 171 
DC  N3     N  N N 172 
DC  C4     C  N N 173 
DC  N4     N  N N 174 
DC  C5     C  N N 175 
DC  C6     C  N N 176 
DC  HOP3   H  N N 177 
DC  HOP2   H  N N 178 
DC  "H5'"  H  N N 179 
DC  "H5''" H  N N 180 
DC  "H4'"  H  N N 181 
DC  "H3'"  H  N N 182 
DC  "HO3'" H  N N 183 
DC  "H2'"  H  N N 184 
DC  "H2''" H  N N 185 
DC  "H1'"  H  N N 186 
DC  H41    H  N N 187 
DC  H42    H  N N 188 
DC  H5     H  N N 189 
DC  H6     H  N N 190 
DG  OP3    O  N N 191 
DG  P      P  N N 192 
DG  OP1    O  N N 193 
DG  OP2    O  N N 194 
DG  "O5'"  O  N N 195 
DG  "C5'"  C  N N 196 
DG  "C4'"  C  N R 197 
DG  "O4'"  O  N N 198 
DG  "C3'"  C  N S 199 
DG  "O3'"  O  N N 200 
DG  "C2'"  C  N N 201 
DG  "C1'"  C  N R 202 
DG  N9     N  Y N 203 
DG  C8     C  Y N 204 
DG  N7     N  Y N 205 
DG  C5     C  Y N 206 
DG  C6     C  N N 207 
DG  O6     O  N N 208 
DG  N1     N  N N 209 
DG  C2     C  N N 210 
DG  N2     N  N N 211 
DG  N3     N  N N 212 
DG  C4     C  Y N 213 
DG  HOP3   H  N N 214 
DG  HOP2   H  N N 215 
DG  "H5'"  H  N N 216 
DG  "H5''" H  N N 217 
DG  "H4'"  H  N N 218 
DG  "H3'"  H  N N 219 
DG  "HO3'" H  N N 220 
DG  "H2'"  H  N N 221 
DG  "H2''" H  N N 222 
DG  "H1'"  H  N N 223 
DG  H8     H  N N 224 
DG  H1     H  N N 225 
DG  H21    H  N N 226 
DG  H22    H  N N 227 
DT  OP3    O  N N 228 
DT  P      P  N N 229 
DT  OP1    O  N N 230 
DT  OP2    O  N N 231 
DT  "O5'"  O  N N 232 
DT  "C5'"  C  N N 233 
DT  "C4'"  C  N R 234 
DT  "O4'"  O  N N 235 
DT  "C3'"  C  N S 236 
DT  "O3'"  O  N N 237 
DT  "C2'"  C  N N 238 
DT  "C1'"  C  N R 239 
DT  N1     N  N N 240 
DT  C2     C  N N 241 
DT  O2     O  N N 242 
DT  N3     N  N N 243 
DT  C4     C  N N 244 
DT  O4     O  N N 245 
DT  C5     C  N N 246 
DT  C7     C  N N 247 
DT  C6     C  N N 248 
DT  HOP3   H  N N 249 
DT  HOP2   H  N N 250 
DT  "H5'"  H  N N 251 
DT  "H5''" H  N N 252 
DT  "H4'"  H  N N 253 
DT  "H3'"  H  N N 254 
DT  "HO3'" H  N N 255 
DT  "H2'"  H  N N 256 
DT  "H2''" H  N N 257 
DT  "H1'"  H  N N 258 
DT  H3     H  N N 259 
DT  H71    H  N N 260 
DT  H72    H  N N 261 
DT  H73    H  N N 262 
DT  H6     H  N N 263 
EDO C1     C  N N 264 
EDO O1     O  N N 265 
EDO C2     C  N N 266 
EDO O2     O  N N 267 
EDO H11    H  N N 268 
EDO H12    H  N N 269 
EDO HO1    H  N N 270 
EDO H21    H  N N 271 
EDO H22    H  N N 272 
EDO HO2    H  N N 273 
GLN N      N  N N 274 
GLN CA     C  N S 275 
GLN C      C  N N 276 
GLN O      O  N N 277 
GLN CB     C  N N 278 
GLN CG     C  N N 279 
GLN CD     C  N N 280 
GLN OE1    O  N N 281 
GLN NE2    N  N N 282 
GLN OXT    O  N N 283 
GLN H      H  N N 284 
GLN H2     H  N N 285 
GLN HA     H  N N 286 
GLN HB2    H  N N 287 
GLN HB3    H  N N 288 
GLN HG2    H  N N 289 
GLN HG3    H  N N 290 
GLN HE21   H  N N 291 
GLN HE22   H  N N 292 
GLN HXT    H  N N 293 
GLU N      N  N N 294 
GLU CA     C  N S 295 
GLU C      C  N N 296 
GLU O      O  N N 297 
GLU CB     C  N N 298 
GLU CG     C  N N 299 
GLU CD     C  N N 300 
GLU OE1    O  N N 301 
GLU OE2    O  N N 302 
GLU OXT    O  N N 303 
GLU H      H  N N 304 
GLU H2     H  N N 305 
GLU HA     H  N N 306 
GLU HB2    H  N N 307 
GLU HB3    H  N N 308 
GLU HG2    H  N N 309 
GLU HG3    H  N N 310 
GLU HE2    H  N N 311 
GLU HXT    H  N N 312 
GLY N      N  N N 313 
GLY CA     C  N N 314 
GLY C      C  N N 315 
GLY O      O  N N 316 
GLY OXT    O  N N 317 
GLY H      H  N N 318 
GLY H2     H  N N 319 
GLY HA2    H  N N 320 
GLY HA3    H  N N 321 
GLY HXT    H  N N 322 
HIS N      N  N N 323 
HIS CA     C  N S 324 
HIS C      C  N N 325 
HIS O      O  N N 326 
HIS CB     C  N N 327 
HIS CG     C  Y N 328 
HIS ND1    N  Y N 329 
HIS CD2    C  Y N 330 
HIS CE1    C  Y N 331 
HIS NE2    N  Y N 332 
HIS OXT    O  N N 333 
HIS H      H  N N 334 
HIS H2     H  N N 335 
HIS HA     H  N N 336 
HIS HB2    H  N N 337 
HIS HB3    H  N N 338 
HIS HD1    H  N N 339 
HIS HD2    H  N N 340 
HIS HE1    H  N N 341 
HIS HE2    H  N N 342 
HIS HXT    H  N N 343 
HOH O      O  N N 344 
HOH H1     H  N N 345 
HOH H2     H  N N 346 
ILE N      N  N N 347 
ILE CA     C  N S 348 
ILE C      C  N N 349 
ILE O      O  N N 350 
ILE CB     C  N S 351 
ILE CG1    C  N N 352 
ILE CG2    C  N N 353 
ILE CD1    C  N N 354 
ILE OXT    O  N N 355 
ILE H      H  N N 356 
ILE H2     H  N N 357 
ILE HA     H  N N 358 
ILE HB     H  N N 359 
ILE HG12   H  N N 360 
ILE HG13   H  N N 361 
ILE HG21   H  N N 362 
ILE HG22   H  N N 363 
ILE HG23   H  N N 364 
ILE HD11   H  N N 365 
ILE HD12   H  N N 366 
ILE HD13   H  N N 367 
ILE HXT    H  N N 368 
LEU N      N  N N 369 
LEU CA     C  N S 370 
LEU C      C  N N 371 
LEU O      O  N N 372 
LEU CB     C  N N 373 
LEU CG     C  N N 374 
LEU CD1    C  N N 375 
LEU CD2    C  N N 376 
LEU OXT    O  N N 377 
LEU H      H  N N 378 
LEU H2     H  N N 379 
LEU HA     H  N N 380 
LEU HB2    H  N N 381 
LEU HB3    H  N N 382 
LEU HG     H  N N 383 
LEU HD11   H  N N 384 
LEU HD12   H  N N 385 
LEU HD13   H  N N 386 
LEU HD21   H  N N 387 
LEU HD22   H  N N 388 
LEU HD23   H  N N 389 
LEU HXT    H  N N 390 
LYS N      N  N N 391 
LYS CA     C  N S 392 
LYS C      C  N N 393 
LYS O      O  N N 394 
LYS CB     C  N N 395 
LYS CG     C  N N 396 
LYS CD     C  N N 397 
LYS CE     C  N N 398 
LYS NZ     N  N N 399 
LYS OXT    O  N N 400 
LYS H      H  N N 401 
LYS H2     H  N N 402 
LYS HA     H  N N 403 
LYS HB2    H  N N 404 
LYS HB3    H  N N 405 
LYS HG2    H  N N 406 
LYS HG3    H  N N 407 
LYS HD2    H  N N 408 
LYS HD3    H  N N 409 
LYS HE2    H  N N 410 
LYS HE3    H  N N 411 
LYS HZ1    H  N N 412 
LYS HZ2    H  N N 413 
LYS HZ3    H  N N 414 
LYS HXT    H  N N 415 
MET N      N  N N 416 
MET CA     C  N S 417 
MET C      C  N N 418 
MET O      O  N N 419 
MET CB     C  N N 420 
MET CG     C  N N 421 
MET SD     S  N N 422 
MET CE     C  N N 423 
MET OXT    O  N N 424 
MET H      H  N N 425 
MET H2     H  N N 426 
MET HA     H  N N 427 
MET HB2    H  N N 428 
MET HB3    H  N N 429 
MET HG2    H  N N 430 
MET HG3    H  N N 431 
MET HE1    H  N N 432 
MET HE2    H  N N 433 
MET HE3    H  N N 434 
MET HXT    H  N N 435 
PEG C1     C  N N 436 
PEG O1     O  N N 437 
PEG C2     C  N N 438 
PEG O2     O  N N 439 
PEG C3     C  N N 440 
PEG C4     C  N N 441 
PEG O4     O  N N 442 
PEG H11    H  N N 443 
PEG H12    H  N N 444 
PEG HO1    H  N N 445 
PEG H21    H  N N 446 
PEG H22    H  N N 447 
PEG H31    H  N N 448 
PEG H32    H  N N 449 
PEG H41    H  N N 450 
PEG H42    H  N N 451 
PEG HO4    H  N N 452 
PHE N      N  N N 453 
PHE CA     C  N S 454 
PHE C      C  N N 455 
PHE O      O  N N 456 
PHE CB     C  N N 457 
PHE CG     C  Y N 458 
PHE CD1    C  Y N 459 
PHE CD2    C  Y N 460 
PHE CE1    C  Y N 461 
PHE CE2    C  Y N 462 
PHE CZ     C  Y N 463 
PHE OXT    O  N N 464 
PHE H      H  N N 465 
PHE H2     H  N N 466 
PHE HA     H  N N 467 
PHE HB2    H  N N 468 
PHE HB3    H  N N 469 
PHE HD1    H  N N 470 
PHE HD2    H  N N 471 
PHE HE1    H  N N 472 
PHE HE2    H  N N 473 
PHE HZ     H  N N 474 
PHE HXT    H  N N 475 
PRO N      N  N N 476 
PRO CA     C  N S 477 
PRO C      C  N N 478 
PRO O      O  N N 479 
PRO CB     C  N N 480 
PRO CG     C  N N 481 
PRO CD     C  N N 482 
PRO OXT    O  N N 483 
PRO H      H  N N 484 
PRO HA     H  N N 485 
PRO HB2    H  N N 486 
PRO HB3    H  N N 487 
PRO HG2    H  N N 488 
PRO HG3    H  N N 489 
PRO HD2    H  N N 490 
PRO HD3    H  N N 491 
PRO HXT    H  N N 492 
SER N      N  N N 493 
SER CA     C  N S 494 
SER C      C  N N 495 
SER O      O  N N 496 
SER CB     C  N N 497 
SER OG     O  N N 498 
SER OXT    O  N N 499 
SER H      H  N N 500 
SER H2     H  N N 501 
SER HA     H  N N 502 
SER HB2    H  N N 503 
SER HB3    H  N N 504 
SER HG     H  N N 505 
SER HXT    H  N N 506 
THR N      N  N N 507 
THR CA     C  N S 508 
THR C      C  N N 509 
THR O      O  N N 510 
THR CB     C  N R 511 
THR OG1    O  N N 512 
THR CG2    C  N N 513 
THR OXT    O  N N 514 
THR H      H  N N 515 
THR H2     H  N N 516 
THR HA     H  N N 517 
THR HB     H  N N 518 
THR HG1    H  N N 519 
THR HG21   H  N N 520 
THR HG22   H  N N 521 
THR HG23   H  N N 522 
THR HXT    H  N N 523 
TRP N      N  N N 524 
TRP CA     C  N S 525 
TRP C      C  N N 526 
TRP O      O  N N 527 
TRP CB     C  N N 528 
TRP CG     C  Y N 529 
TRP CD1    C  Y N 530 
TRP CD2    C  Y N 531 
TRP NE1    N  Y N 532 
TRP CE2    C  Y N 533 
TRP CE3    C  Y N 534 
TRP CZ2    C  Y N 535 
TRP CZ3    C  Y N 536 
TRP CH2    C  Y N 537 
TRP OXT    O  N N 538 
TRP H      H  N N 539 
TRP H2     H  N N 540 
TRP HA     H  N N 541 
TRP HB2    H  N N 542 
TRP HB3    H  N N 543 
TRP HD1    H  N N 544 
TRP HE1    H  N N 545 
TRP HE3    H  N N 546 
TRP HZ2    H  N N 547 
TRP HZ3    H  N N 548 
TRP HH2    H  N N 549 
TRP HXT    H  N N 550 
TYR N      N  N N 551 
TYR CA     C  N S 552 
TYR C      C  N N 553 
TYR O      O  N N 554 
TYR CB     C  N N 555 
TYR CG     C  Y N 556 
TYR CD1    C  Y N 557 
TYR CD2    C  Y N 558 
TYR CE1    C  Y N 559 
TYR CE2    C  Y N 560 
TYR CZ     C  Y N 561 
TYR OH     O  N N 562 
TYR OXT    O  N N 563 
TYR H      H  N N 564 
TYR H2     H  N N 565 
TYR HA     H  N N 566 
TYR HB2    H  N N 567 
TYR HB3    H  N N 568 
TYR HD1    H  N N 569 
TYR HD2    H  N N 570 
TYR HE1    H  N N 571 
TYR HE2    H  N N 572 
TYR HH     H  N N 573 
TYR HXT    H  N N 574 
VAL N      N  N N 575 
VAL CA     C  N S 576 
VAL C      C  N N 577 
VAL O      O  N N 578 
VAL CB     C  N N 579 
VAL CG1    C  N N 580 
VAL CG2    C  N N 581 
VAL OXT    O  N N 582 
VAL H      H  N N 583 
VAL H2     H  N N 584 
VAL HA     H  N N 585 
VAL HB     H  N N 586 
VAL HG11   H  N N 587 
VAL HG12   H  N N 588 
VAL HG13   H  N N 589 
VAL HG21   H  N N 590 
VAL HG22   H  N N 591 
VAL HG23   H  N N 592 
VAL HXT    H  N N 593 
# 
loop_
_chem_comp_bond.comp_id 
_chem_comp_bond.atom_id_1 
_chem_comp_bond.atom_id_2 
_chem_comp_bond.value_order 
_chem_comp_bond.pdbx_aromatic_flag 
_chem_comp_bond.pdbx_stereo_config 
_chem_comp_bond.pdbx_ordinal 
ALA N     CA     sing N N 1   
ALA N     H      sing N N 2   
ALA N     H2     sing N N 3   
ALA CA    C      sing N N 4   
ALA CA    CB     sing N N 5   
ALA CA    HA     sing N N 6   
ALA C     O      doub N N 7   
ALA C     OXT    sing N N 8   
ALA CB    HB1    sing N N 9   
ALA CB    HB2    sing N N 10  
ALA CB    HB3    sing N N 11  
ALA OXT   HXT    sing N N 12  
ARG N     CA     sing N N 13  
ARG N     H      sing N N 14  
ARG N     H2     sing N N 15  
ARG CA    C      sing N N 16  
ARG CA    CB     sing N N 17  
ARG CA    HA     sing N N 18  
ARG C     O      doub N N 19  
ARG C     OXT    sing N N 20  
ARG CB    CG     sing N N 21  
ARG CB    HB2    sing N N 22  
ARG CB    HB3    sing N N 23  
ARG CG    CD     sing N N 24  
ARG CG    HG2    sing N N 25  
ARG CG    HG3    sing N N 26  
ARG CD    NE     sing N N 27  
ARG CD    HD2    sing N N 28  
ARG CD    HD3    sing N N 29  
ARG NE    CZ     sing N N 30  
ARG NE    HE     sing N N 31  
ARG CZ    NH1    sing N N 32  
ARG CZ    NH2    doub N N 33  
ARG NH1   HH11   sing N N 34  
ARG NH1   HH12   sing N N 35  
ARG NH2   HH21   sing N N 36  
ARG NH2   HH22   sing N N 37  
ARG OXT   HXT    sing N N 38  
ASN N     CA     sing N N 39  
ASN N     H      sing N N 40  
ASN N     H2     sing N N 41  
ASN CA    C      sing N N 42  
ASN CA    CB     sing N N 43  
ASN CA    HA     sing N N 44  
ASN C     O      doub N N 45  
ASN C     OXT    sing N N 46  
ASN CB    CG     sing N N 47  
ASN CB    HB2    sing N N 48  
ASN CB    HB3    sing N N 49  
ASN CG    OD1    doub N N 50  
ASN CG    ND2    sing N N 51  
ASN ND2   HD21   sing N N 52  
ASN ND2   HD22   sing N N 53  
ASN OXT   HXT    sing N N 54  
ASP N     CA     sing N N 55  
ASP N     H      sing N N 56  
ASP N     H2     sing N N 57  
ASP CA    C      sing N N 58  
ASP CA    CB     sing N N 59  
ASP CA    HA     sing N N 60  
ASP C     O      doub N N 61  
ASP C     OXT    sing N N 62  
ASP CB    CG     sing N N 63  
ASP CB    HB2    sing N N 64  
ASP CB    HB3    sing N N 65  
ASP CG    OD1    doub N N 66  
ASP CG    OD2    sing N N 67  
ASP OD2   HD2    sing N N 68  
ASP OXT   HXT    sing N N 69  
BRU N1    C2     sing N N 70  
BRU N1    C6     sing N N 71  
BRU N1    "C1'"  sing N N 72  
BRU C2    N3     sing N N 73  
BRU C2    O2     doub N N 74  
BRU N3    C4     sing N N 75  
BRU N3    HN3    sing N N 76  
BRU C4    C5     sing N N 77  
BRU C4    O4     doub N N 78  
BRU C5    C6     doub N N 79  
BRU C5    BR     sing N N 80  
BRU C6    H6     sing N N 81  
BRU "C1'" "C2'"  sing N N 82  
BRU "C1'" "O4'"  sing N N 83  
BRU "C1'" "H1'"  sing N N 84  
BRU "C2'" "C3'"  sing N N 85  
BRU "C2'" "H2'"  sing N N 86  
BRU "C2'" "H2''" sing N N 87  
BRU "C3'" "C4'"  sing N N 88  
BRU "C3'" "O3'"  sing N N 89  
BRU "C3'" "H3'"  sing N N 90  
BRU "C4'" "O4'"  sing N N 91  
BRU "C4'" "C5'"  sing N N 92  
BRU "C4'" "H4'"  sing N N 93  
BRU "O3'" "HO3'" sing N N 94  
BRU "C5'" "O5'"  sing N N 95  
BRU "C5'" "H5'"  sing N N 96  
BRU "C5'" "H5''" sing N N 97  
BRU "O5'" P      sing N N 98  
BRU P     OP1    doub N N 99  
BRU P     OP2    sing N N 100 
BRU P     OP3    sing N N 101 
BRU OP2   HOP2   sing N N 102 
BRU OP3   HOP3   sing N N 103 
CYS N     CA     sing N N 104 
CYS N     H      sing N N 105 
CYS N     H2     sing N N 106 
CYS CA    C      sing N N 107 
CYS CA    CB     sing N N 108 
CYS CA    HA     sing N N 109 
CYS C     O      doub N N 110 
CYS C     OXT    sing N N 111 
CYS CB    SG     sing N N 112 
CYS CB    HB2    sing N N 113 
CYS CB    HB3    sing N N 114 
CYS SG    HG     sing N N 115 
CYS OXT   HXT    sing N N 116 
DA  OP3   P      sing N N 117 
DA  OP3   HOP3   sing N N 118 
DA  P     OP1    doub N N 119 
DA  P     OP2    sing N N 120 
DA  P     "O5'"  sing N N 121 
DA  OP2   HOP2   sing N N 122 
DA  "O5'" "C5'"  sing N N 123 
DA  "C5'" "C4'"  sing N N 124 
DA  "C5'" "H5'"  sing N N 125 
DA  "C5'" "H5''" sing N N 126 
DA  "C4'" "O4'"  sing N N 127 
DA  "C4'" "C3'"  sing N N 128 
DA  "C4'" "H4'"  sing N N 129 
DA  "O4'" "C1'"  sing N N 130 
DA  "C3'" "O3'"  sing N N 131 
DA  "C3'" "C2'"  sing N N 132 
DA  "C3'" "H3'"  sing N N 133 
DA  "O3'" "HO3'" sing N N 134 
DA  "C2'" "C1'"  sing N N 135 
DA  "C2'" "H2'"  sing N N 136 
DA  "C2'" "H2''" sing N N 137 
DA  "C1'" N9     sing N N 138 
DA  "C1'" "H1'"  sing N N 139 
DA  N9    C8     sing Y N 140 
DA  N9    C4     sing Y N 141 
DA  C8    N7     doub Y N 142 
DA  C8    H8     sing N N 143 
DA  N7    C5     sing Y N 144 
DA  C5    C6     sing Y N 145 
DA  C5    C4     doub Y N 146 
DA  C6    N6     sing N N 147 
DA  C6    N1     doub Y N 148 
DA  N6    H61    sing N N 149 
DA  N6    H62    sing N N 150 
DA  N1    C2     sing Y N 151 
DA  C2    N3     doub Y N 152 
DA  C2    H2     sing N N 153 
DA  N3    C4     sing Y N 154 
DC  OP3   P      sing N N 155 
DC  OP3   HOP3   sing N N 156 
DC  P     OP1    doub N N 157 
DC  P     OP2    sing N N 158 
DC  P     "O5'"  sing N N 159 
DC  OP2   HOP2   sing N N 160 
DC  "O5'" "C5'"  sing N N 161 
DC  "C5'" "C4'"  sing N N 162 
DC  "C5'" "H5'"  sing N N 163 
DC  "C5'" "H5''" sing N N 164 
DC  "C4'" "O4'"  sing N N 165 
DC  "C4'" "C3'"  sing N N 166 
DC  "C4'" "H4'"  sing N N 167 
DC  "O4'" "C1'"  sing N N 168 
DC  "C3'" "O3'"  sing N N 169 
DC  "C3'" "C2'"  sing N N 170 
DC  "C3'" "H3'"  sing N N 171 
DC  "O3'" "HO3'" sing N N 172 
DC  "C2'" "C1'"  sing N N 173 
DC  "C2'" "H2'"  sing N N 174 
DC  "C2'" "H2''" sing N N 175 
DC  "C1'" N1     sing N N 176 
DC  "C1'" "H1'"  sing N N 177 
DC  N1    C2     sing N N 178 
DC  N1    C6     sing N N 179 
DC  C2    O2     doub N N 180 
DC  C2    N3     sing N N 181 
DC  N3    C4     doub N N 182 
DC  C4    N4     sing N N 183 
DC  C4    C5     sing N N 184 
DC  N4    H41    sing N N 185 
DC  N4    H42    sing N N 186 
DC  C5    C6     doub N N 187 
DC  C5    H5     sing N N 188 
DC  C6    H6     sing N N 189 
DG  OP3   P      sing N N 190 
DG  OP3   HOP3   sing N N 191 
DG  P     OP1    doub N N 192 
DG  P     OP2    sing N N 193 
DG  P     "O5'"  sing N N 194 
DG  OP2   HOP2   sing N N 195 
DG  "O5'" "C5'"  sing N N 196 
DG  "C5'" "C4'"  sing N N 197 
DG  "C5'" "H5'"  sing N N 198 
DG  "C5'" "H5''" sing N N 199 
DG  "C4'" "O4'"  sing N N 200 
DG  "C4'" "C3'"  sing N N 201 
DG  "C4'" "H4'"  sing N N 202 
DG  "O4'" "C1'"  sing N N 203 
DG  "C3'" "O3'"  sing N N 204 
DG  "C3'" "C2'"  sing N N 205 
DG  "C3'" "H3'"  sing N N 206 
DG  "O3'" "HO3'" sing N N 207 
DG  "C2'" "C1'"  sing N N 208 
DG  "C2'" "H2'"  sing N N 209 
DG  "C2'" "H2''" sing N N 210 
DG  "C1'" N9     sing N N 211 
DG  "C1'" "H1'"  sing N N 212 
DG  N9    C8     sing Y N 213 
DG  N9    C4     sing Y N 214 
DG  C8    N7     doub Y N 215 
DG  C8    H8     sing N N 216 
DG  N7    C5     sing Y N 217 
DG  C5    C6     sing N N 218 
DG  C5    C4     doub Y N 219 
DG  C6    O6     doub N N 220 
DG  C6    N1     sing N N 221 
DG  N1    C2     sing N N 222 
DG  N1    H1     sing N N 223 
DG  C2    N2     sing N N 224 
DG  C2    N3     doub N N 225 
DG  N2    H21    sing N N 226 
DG  N2    H22    sing N N 227 
DG  N3    C4     sing N N 228 
DT  OP3   P      sing N N 229 
DT  OP3   HOP3   sing N N 230 
DT  P     OP1    doub N N 231 
DT  P     OP2    sing N N 232 
DT  P     "O5'"  sing N N 233 
DT  OP2   HOP2   sing N N 234 
DT  "O5'" "C5'"  sing N N 235 
DT  "C5'" "C4'"  sing N N 236 
DT  "C5'" "H5'"  sing N N 237 
DT  "C5'" "H5''" sing N N 238 
DT  "C4'" "O4'"  sing N N 239 
DT  "C4'" "C3'"  sing N N 240 
DT  "C4'" "H4'"  sing N N 241 
DT  "O4'" "C1'"  sing N N 242 
DT  "C3'" "O3'"  sing N N 243 
DT  "C3'" "C2'"  sing N N 244 
DT  "C3'" "H3'"  sing N N 245 
DT  "O3'" "HO3'" sing N N 246 
DT  "C2'" "C1'"  sing N N 247 
DT  "C2'" "H2'"  sing N N 248 
DT  "C2'" "H2''" sing N N 249 
DT  "C1'" N1     sing N N 250 
DT  "C1'" "H1'"  sing N N 251 
DT  N1    C2     sing N N 252 
DT  N1    C6     sing N N 253 
DT  C2    O2     doub N N 254 
DT  C2    N3     sing N N 255 
DT  N3    C4     sing N N 256 
DT  N3    H3     sing N N 257 
DT  C4    O4     doub N N 258 
DT  C4    C5     sing N N 259 
DT  C5    C7     sing N N 260 
DT  C5    C6     doub N N 261 
DT  C7    H71    sing N N 262 
DT  C7    H72    sing N N 263 
DT  C7    H73    sing N N 264 
DT  C6    H6     sing N N 265 
EDO C1    O1     sing N N 266 
EDO C1    C2     sing N N 267 
EDO C1    H11    sing N N 268 
EDO C1    H12    sing N N 269 
EDO O1    HO1    sing N N 270 
EDO C2    O2     sing N N 271 
EDO C2    H21    sing N N 272 
EDO C2    H22    sing N N 273 
EDO O2    HO2    sing N N 274 
GLN N     CA     sing N N 275 
GLN N     H      sing N N 276 
GLN N     H2     sing N N 277 
GLN CA    C      sing N N 278 
GLN CA    CB     sing N N 279 
GLN CA    HA     sing N N 280 
GLN C     O      doub N N 281 
GLN C     OXT    sing N N 282 
GLN CB    CG     sing N N 283 
GLN CB    HB2    sing N N 284 
GLN CB    HB3    sing N N 285 
GLN CG    CD     sing N N 286 
GLN CG    HG2    sing N N 287 
GLN CG    HG3    sing N N 288 
GLN CD    OE1    doub N N 289 
GLN CD    NE2    sing N N 290 
GLN NE2   HE21   sing N N 291 
GLN NE2   HE22   sing N N 292 
GLN OXT   HXT    sing N N 293 
GLU N     CA     sing N N 294 
GLU N     H      sing N N 295 
GLU N     H2     sing N N 296 
GLU CA    C      sing N N 297 
GLU CA    CB     sing N N 298 
GLU CA    HA     sing N N 299 
GLU C     O      doub N N 300 
GLU C     OXT    sing N N 301 
GLU CB    CG     sing N N 302 
GLU CB    HB2    sing N N 303 
GLU CB    HB3    sing N N 304 
GLU CG    CD     sing N N 305 
GLU CG    HG2    sing N N 306 
GLU CG    HG3    sing N N 307 
GLU CD    OE1    doub N N 308 
GLU CD    OE2    sing N N 309 
GLU OE2   HE2    sing N N 310 
GLU OXT   HXT    sing N N 311 
GLY N     CA     sing N N 312 
GLY N     H      sing N N 313 
GLY N     H2     sing N N 314 
GLY CA    C      sing N N 315 
GLY CA    HA2    sing N N 316 
GLY CA    HA3    sing N N 317 
GLY C     O      doub N N 318 
GLY C     OXT    sing N N 319 
GLY OXT   HXT    sing N N 320 
HIS N     CA     sing N N 321 
HIS N     H      sing N N 322 
HIS N     H2     sing N N 323 
HIS CA    C      sing N N 324 
HIS CA    CB     sing N N 325 
HIS CA    HA     sing N N 326 
HIS C     O      doub N N 327 
HIS C     OXT    sing N N 328 
HIS CB    CG     sing N N 329 
HIS CB    HB2    sing N N 330 
HIS CB    HB3    sing N N 331 
HIS CG    ND1    sing Y N 332 
HIS CG    CD2    doub Y N 333 
HIS ND1   CE1    doub Y N 334 
HIS ND1   HD1    sing N N 335 
HIS CD2   NE2    sing Y N 336 
HIS CD2   HD2    sing N N 337 
HIS CE1   NE2    sing Y N 338 
HIS CE1   HE1    sing N N 339 
HIS NE2   HE2    sing N N 340 
HIS OXT   HXT    sing N N 341 
HOH O     H1     sing N N 342 
HOH O     H2     sing N N 343 
ILE N     CA     sing N N 344 
ILE N     H      sing N N 345 
ILE N     H2     sing N N 346 
ILE CA    C      sing N N 347 
ILE CA    CB     sing N N 348 
ILE CA    HA     sing N N 349 
ILE C     O      doub N N 350 
ILE C     OXT    sing N N 351 
ILE CB    CG1    sing N N 352 
ILE CB    CG2    sing N N 353 
ILE CB    HB     sing N N 354 
ILE CG1   CD1    sing N N 355 
ILE CG1   HG12   sing N N 356 
ILE CG1   HG13   sing N N 357 
ILE CG2   HG21   sing N N 358 
ILE CG2   HG22   sing N N 359 
ILE CG2   HG23   sing N N 360 
ILE CD1   HD11   sing N N 361 
ILE CD1   HD12   sing N N 362 
ILE CD1   HD13   sing N N 363 
ILE OXT   HXT    sing N N 364 
LEU N     CA     sing N N 365 
LEU N     H      sing N N 366 
LEU N     H2     sing N N 367 
LEU CA    C      sing N N 368 
LEU CA    CB     sing N N 369 
LEU CA    HA     sing N N 370 
LEU C     O      doub N N 371 
LEU C     OXT    sing N N 372 
LEU CB    CG     sing N N 373 
LEU CB    HB2    sing N N 374 
LEU CB    HB3    sing N N 375 
LEU CG    CD1    sing N N 376 
LEU CG    CD2    sing N N 377 
LEU CG    HG     sing N N 378 
LEU CD1   HD11   sing N N 379 
LEU CD1   HD12   sing N N 380 
LEU CD1   HD13   sing N N 381 
LEU CD2   HD21   sing N N 382 
LEU CD2   HD22   sing N N 383 
LEU CD2   HD23   sing N N 384 
LEU OXT   HXT    sing N N 385 
LYS N     CA     sing N N 386 
LYS N     H      sing N N 387 
LYS N     H2     sing N N 388 
LYS CA    C      sing N N 389 
LYS CA    CB     sing N N 390 
LYS CA    HA     sing N N 391 
LYS C     O      doub N N 392 
LYS C     OXT    sing N N 393 
LYS CB    CG     sing N N 394 
LYS CB    HB2    sing N N 395 
LYS CB    HB3    sing N N 396 
LYS CG    CD     sing N N 397 
LYS CG    HG2    sing N N 398 
LYS CG    HG3    sing N N 399 
LYS CD    CE     sing N N 400 
LYS CD    HD2    sing N N 401 
LYS CD    HD3    sing N N 402 
LYS CE    NZ     sing N N 403 
LYS CE    HE2    sing N N 404 
LYS CE    HE3    sing N N 405 
LYS NZ    HZ1    sing N N 406 
LYS NZ    HZ2    sing N N 407 
LYS NZ    HZ3    sing N N 408 
LYS OXT   HXT    sing N N 409 
MET N     CA     sing N N 410 
MET N     H      sing N N 411 
MET N     H2     sing N N 412 
MET CA    C      sing N N 413 
MET CA    CB     sing N N 414 
MET CA    HA     sing N N 415 
MET C     O      doub N N 416 
MET C     OXT    sing N N 417 
MET CB    CG     sing N N 418 
MET CB    HB2    sing N N 419 
MET CB    HB3    sing N N 420 
MET CG    SD     sing N N 421 
MET CG    HG2    sing N N 422 
MET CG    HG3    sing N N 423 
MET SD    CE     sing N N 424 
MET CE    HE1    sing N N 425 
MET CE    HE2    sing N N 426 
MET CE    HE3    sing N N 427 
MET OXT   HXT    sing N N 428 
PEG C1    O1     sing N N 429 
PEG C1    C2     sing N N 430 
PEG C1    H11    sing N N 431 
PEG C1    H12    sing N N 432 
PEG O1    HO1    sing N N 433 
PEG C2    O2     sing N N 434 
PEG C2    H21    sing N N 435 
PEG C2    H22    sing N N 436 
PEG O2    C3     sing N N 437 
PEG C3    C4     sing N N 438 
PEG C3    H31    sing N N 439 
PEG C3    H32    sing N N 440 
PEG C4    O4     sing N N 441 
PEG C4    H41    sing N N 442 
PEG C4    H42    sing N N 443 
PEG O4    HO4    sing N N 444 
PHE N     CA     sing N N 445 
PHE N     H      sing N N 446 
PHE N     H2     sing N N 447 
PHE CA    C      sing N N 448 
PHE CA    CB     sing N N 449 
PHE CA    HA     sing N N 450 
PHE C     O      doub N N 451 
PHE C     OXT    sing N N 452 
PHE CB    CG     sing N N 453 
PHE CB    HB2    sing N N 454 
PHE CB    HB3    sing N N 455 
PHE CG    CD1    doub Y N 456 
PHE CG    CD2    sing Y N 457 
PHE CD1   CE1    sing Y N 458 
PHE CD1   HD1    sing N N 459 
PHE CD2   CE2    doub Y N 460 
PHE CD2   HD2    sing N N 461 
PHE CE1   CZ     doub Y N 462 
PHE CE1   HE1    sing N N 463 
PHE CE2   CZ     sing Y N 464 
PHE CE2   HE2    sing N N 465 
PHE CZ    HZ     sing N N 466 
PHE OXT   HXT    sing N N 467 
PRO N     CA     sing N N 468 
PRO N     CD     sing N N 469 
PRO N     H      sing N N 470 
PRO CA    C      sing N N 471 
PRO CA    CB     sing N N 472 
PRO CA    HA     sing N N 473 
PRO C     O      doub N N 474 
PRO C     OXT    sing N N 475 
PRO CB    CG     sing N N 476 
PRO CB    HB2    sing N N 477 
PRO CB    HB3    sing N N 478 
PRO CG    CD     sing N N 479 
PRO CG    HG2    sing N N 480 
PRO CG    HG3    sing N N 481 
PRO CD    HD2    sing N N 482 
PRO CD    HD3    sing N N 483 
PRO OXT   HXT    sing N N 484 
SER N     CA     sing N N 485 
SER N     H      sing N N 486 
SER N     H2     sing N N 487 
SER CA    C      sing N N 488 
SER CA    CB     sing N N 489 
SER CA    HA     sing N N 490 
SER C     O      doub N N 491 
SER C     OXT    sing N N 492 
SER CB    OG     sing N N 493 
SER CB    HB2    sing N N 494 
SER CB    HB3    sing N N 495 
SER OG    HG     sing N N 496 
SER OXT   HXT    sing N N 497 
THR N     CA     sing N N 498 
THR N     H      sing N N 499 
THR N     H2     sing N N 500 
THR CA    C      sing N N 501 
THR CA    CB     sing N N 502 
THR CA    HA     sing N N 503 
THR C     O      doub N N 504 
THR C     OXT    sing N N 505 
THR CB    OG1    sing N N 506 
THR CB    CG2    sing N N 507 
THR CB    HB     sing N N 508 
THR OG1   HG1    sing N N 509 
THR CG2   HG21   sing N N 510 
THR CG2   HG22   sing N N 511 
THR CG2   HG23   sing N N 512 
THR OXT   HXT    sing N N 513 
TRP N     CA     sing N N 514 
TRP N     H      sing N N 515 
TRP N     H2     sing N N 516 
TRP CA    C      sing N N 517 
TRP CA    CB     sing N N 518 
TRP CA    HA     sing N N 519 
TRP C     O      doub N N 520 
TRP C     OXT    sing N N 521 
TRP CB    CG     sing N N 522 
TRP CB    HB2    sing N N 523 
TRP CB    HB3    sing N N 524 
TRP CG    CD1    doub Y N 525 
TRP CG    CD2    sing Y N 526 
TRP CD1   NE1    sing Y N 527 
TRP CD1   HD1    sing N N 528 
TRP CD2   CE2    doub Y N 529 
TRP CD2   CE3    sing Y N 530 
TRP NE1   CE2    sing Y N 531 
TRP NE1   HE1    sing N N 532 
TRP CE2   CZ2    sing Y N 533 
TRP CE3   CZ3    doub Y N 534 
TRP CE3   HE3    sing N N 535 
TRP CZ2   CH2    doub Y N 536 
TRP CZ2   HZ2    sing N N 537 
TRP CZ3   CH2    sing Y N 538 
TRP CZ3   HZ3    sing N N 539 
TRP CH2   HH2    sing N N 540 
TRP OXT   HXT    sing N N 541 
TYR N     CA     sing N N 542 
TYR N     H      sing N N 543 
TYR N     H2     sing N N 544 
TYR CA    C      sing N N 545 
TYR CA    CB     sing N N 546 
TYR CA    HA     sing N N 547 
TYR C     O      doub N N 548 
TYR C     OXT    sing N N 549 
TYR CB    CG     sing N N 550 
TYR CB    HB2    sing N N 551 
TYR CB    HB3    sing N N 552 
TYR CG    CD1    doub Y N 553 
TYR CG    CD2    sing Y N 554 
TYR CD1   CE1    sing Y N 555 
TYR CD1   HD1    sing N N 556 
TYR CD2   CE2    doub Y N 557 
TYR CD2   HD2    sing N N 558 
TYR CE1   CZ     doub Y N 559 
TYR CE1   HE1    sing N N 560 
TYR CE2   CZ     sing Y N 561 
TYR CE2   HE2    sing N N 562 
TYR CZ    OH     sing N N 563 
TYR OH    HH     sing N N 564 
TYR OXT   HXT    sing N N 565 
VAL N     CA     sing N N 566 
VAL N     H      sing N N 567 
VAL N     H2     sing N N 568 
VAL CA    C      sing N N 569 
VAL CA    CB     sing N N 570 
VAL CA    HA     sing N N 571 
VAL C     O      doub N N 572 
VAL C     OXT    sing N N 573 
VAL CB    CG1    sing N N 574 
VAL CB    CG2    sing N N 575 
VAL CB    HB     sing N N 576 
VAL CG1   HG11   sing N N 577 
VAL CG1   HG12   sing N N 578 
VAL CG1   HG13   sing N N 579 
VAL CG2   HG21   sing N N 580 
VAL CG2   HG22   sing N N 581 
VAL CG2   HG23   sing N N 582 
VAL OXT   HXT    sing N N 583 
# 
loop_
_ndb_struct_conf_na.entry_id 
_ndb_struct_conf_na.feature 
1DP7 'a-form double helix' 
1DP7 'b-form double helix' 
# 
loop_
_ndb_struct_na_base_pair.model_number 
_ndb_struct_na_base_pair.i_label_asym_id 
_ndb_struct_na_base_pair.i_label_comp_id 
_ndb_struct_na_base_pair.i_label_seq_id 
_ndb_struct_na_base_pair.i_symmetry 
_ndb_struct_na_base_pair.j_label_asym_id 
_ndb_struct_na_base_pair.j_label_comp_id 
_ndb_struct_na_base_pair.j_label_seq_id 
_ndb_struct_na_base_pair.j_symmetry 
_ndb_struct_na_base_pair.shear 
_ndb_struct_na_base_pair.stretch 
_ndb_struct_na_base_pair.stagger 
_ndb_struct_na_base_pair.buckle 
_ndb_struct_na_base_pair.propeller 
_ndb_struct_na_base_pair.opening 
_ndb_struct_na_base_pair.pair_number 
_ndb_struct_na_base_pair.pair_name 
_ndb_struct_na_base_pair.i_auth_asym_id 
_ndb_struct_na_base_pair.i_auth_seq_id 
_ndb_struct_na_base_pair.i_PDB_ins_code 
_ndb_struct_na_base_pair.j_auth_asym_id 
_ndb_struct_na_base_pair.j_auth_seq_id 
_ndb_struct_na_base_pair.j_PDB_ins_code 
_ndb_struct_na_base_pair.hbond_type_28 
_ndb_struct_na_base_pair.hbond_type_12 
1 A DC  1  1_555 A DG  16 2_757 0.171  -0.143 0.033  0.467  2.340   2.084  1  D_DC1:DG16_D  D 1  ? D 16 ? 19 1 
1 A DG  2  1_555 A DC  15 2_757 -0.299 -0.181 0.182  2.971  -18.248 0.878  2  D_DG2:DC15_D  D 2  ? D 15 ? 19 1 
1 A BRU 3  1_555 A DA  14 2_757 -0.262 -0.193 0.000  -6.022 -10.398 -4.914 3  D_BRU3:DA14_D D 3  ? D 14 ? 20 1 
1 A DT  4  1_555 A DA  13 2_757 -0.030 -0.221 -0.147 -6.740 -18.236 3.782  4  D_DT4:DA13_D  D 4  ? D 13 ? 20 1 
1 A DA  5  1_555 A DT  12 2_757 0.213  -0.140 -0.154 -9.213 -2.566  -0.539 5  D_DA5:DT12_D  D 5  ? D 12 ? 20 1 
1 A DC  6  1_555 A DG  11 2_757 0.207  -0.171 -0.052 -0.217 -1.121  -2.663 6  D_DC6:DG11_D  D 6  ? D 11 ? 19 1 
1 A DC  7  1_555 A DG  10 2_757 0.220  -0.151 -0.013 -2.555 -8.833  0.402  7  D_DC7:DG10_D  D 7  ? D 10 ? 19 1 
1 A DA  8  1_555 A BRU 9  2_757 -0.158 -0.166 0.322  -0.477 -16.676 8.215  8  D_DA8:BRU9_D  D 8  ? D 9  ? 20 1 
1 A BRU 9  1_555 A DA  8  2_757 0.158  -0.166 0.322  0.477  -16.676 8.215  9  D_BRU9:DA8_D  D 9  ? D 8  ? 20 1 
1 A DG  10 1_555 A DC  7  2_757 -0.220 -0.151 -0.013 2.555  -8.833  0.402  10 D_DG10:DC7_D  D 10 ? D 7  ? 19 1 
1 A DG  11 1_555 A DC  6  2_757 -0.207 -0.171 -0.052 0.217  -1.121  -2.663 11 D_DG11:DC6_D  D 11 ? D 6  ? 19 1 
1 A DT  12 1_555 A DA  5  2_757 -0.213 -0.140 -0.154 9.213  -2.566  -0.539 12 D_DT12:DA5_D  D 12 ? D 5  ? 20 1 
1 A DA  13 1_555 A DT  4  2_757 0.030  -0.221 -0.147 6.740  -18.236 3.782  13 D_DA13:DT4_D  D 13 ? D 4  ? 20 1 
1 A DA  14 1_555 A BRU 3  2_757 0.262  -0.193 0.000  6.022  -10.398 -4.914 14 D_DA14:BRU3_D D 14 ? D 3  ? 20 1 
1 A DC  15 1_555 A DG  2  2_757 0.299  -0.181 0.182  -2.971 -18.248 0.878  15 D_DC15:DG2_D  D 15 ? D 2  ? 19 1 
1 A DG  16 1_555 A DC  1  2_757 -0.171 -0.143 0.033  -0.467 2.340   2.084  16 D_DG16:DC1_D  D 16 ? D 1  ? 19 1 
# 
loop_
_ndb_struct_na_base_pair_step.model_number 
_ndb_struct_na_base_pair_step.i_label_asym_id_1 
_ndb_struct_na_base_pair_step.i_label_comp_id_1 
_ndb_struct_na_base_pair_step.i_label_seq_id_1 
_ndb_struct_na_base_pair_step.i_symmetry_1 
_ndb_struct_na_base_pair_step.j_label_asym_id_1 
_ndb_struct_na_base_pair_step.j_label_comp_id_1 
_ndb_struct_na_base_pair_step.j_label_seq_id_1 
_ndb_struct_na_base_pair_step.j_symmetry_1 
_ndb_struct_na_base_pair_step.i_label_asym_id_2 
_ndb_struct_na_base_pair_step.i_label_comp_id_2 
_ndb_struct_na_base_pair_step.i_label_seq_id_2 
_ndb_struct_na_base_pair_step.i_symmetry_2 
_ndb_struct_na_base_pair_step.j_label_asym_id_2 
_ndb_struct_na_base_pair_step.j_label_comp_id_2 
_ndb_struct_na_base_pair_step.j_label_seq_id_2 
_ndb_struct_na_base_pair_step.j_symmetry_2 
_ndb_struct_na_base_pair_step.shift 
_ndb_struct_na_base_pair_step.slide 
_ndb_struct_na_base_pair_step.rise 
_ndb_struct_na_base_pair_step.tilt 
_ndb_struct_na_base_pair_step.roll 
_ndb_struct_na_base_pair_step.twist 
_ndb_struct_na_base_pair_step.x_displacement 
_ndb_struct_na_base_pair_step.y_displacement 
_ndb_struct_na_base_pair_step.helical_rise 
_ndb_struct_na_base_pair_step.inclination 
_ndb_struct_na_base_pair_step.tip 
_ndb_struct_na_base_pair_step.helical_twist 
_ndb_struct_na_base_pair_step.step_number 
_ndb_struct_na_base_pair_step.step_name 
_ndb_struct_na_base_pair_step.i_auth_asym_id_1 
_ndb_struct_na_base_pair_step.i_auth_seq_id_1 
_ndb_struct_na_base_pair_step.i_PDB_ins_code_1 
_ndb_struct_na_base_pair_step.j_auth_asym_id_1 
_ndb_struct_na_base_pair_step.j_auth_seq_id_1 
_ndb_struct_na_base_pair_step.j_PDB_ins_code_1 
_ndb_struct_na_base_pair_step.i_auth_asym_id_2 
_ndb_struct_na_base_pair_step.i_auth_seq_id_2 
_ndb_struct_na_base_pair_step.i_PDB_ins_code_2 
_ndb_struct_na_base_pair_step.j_auth_asym_id_2 
_ndb_struct_na_base_pair_step.j_auth_seq_id_2 
_ndb_struct_na_base_pair_step.j_PDB_ins_code_2 
1 A DC  1  1_555 A DG  16 2_757 A DG  2  1_555 A DC  15 2_757 -1.504 1.316  3.255 -4.232 3.806  34.952 1.580  1.824  3.527 6.286  
6.989  35.398 1  DD_DC1DG2:DC15DG16_DD  D 1  ? D 16 ? D 2  ? D 15 ? 
1 A DG  2  1_555 A DC  15 2_757 A BRU 3  1_555 A DA  14 2_757 0.703  -0.007 3.405 2.156  0.927  39.913 -0.122 -0.770 3.436 1.356  
-3.155 39.979 2  DD_DG2BRU3:DA14DC15_DD D 2  ? D 15 ? D 3  ? D 14 ? 
1 A BRU 3  1_555 A DA  14 2_757 A DT  4  1_555 A DA  13 2_757 -0.185 0.018  3.220 1.284  2.811  32.269 -0.455 0.554  3.200 5.044  
-2.304 32.413 3  DD_BRU3DT4:DA13DA14_DD D 3  ? D 14 ? D 4  ? D 13 ? 
1 A DT  4  1_555 A DA  13 2_757 A DA  5  1_555 A DT  12 2_757 -0.212 0.972  3.364 -0.574 6.061  42.703 0.697  0.229  3.466 8.273  
0.783  43.115 4  DD_DT4DA5:DT12DA13_DD  D 4  ? D 13 ? D 5  ? D 12 ? 
1 A DA  5  1_555 A DT  12 2_757 A DC  6  1_555 A DG  11 2_757 0.621  0.457  3.099 -0.590 4.782  28.466 -0.102 -1.372 3.119 9.638  
1.188  28.863 5  DD_DA5DC6:DG11DT12_DD  D 5  ? D 12 ? D 6  ? D 11 ? 
1 A DC  6  1_555 A DG  11 2_757 A DC  7  1_555 A DG  10 2_757 1.292  -0.162 3.269 1.845  1.787  36.632 -0.502 -1.797 3.317 2.839  
-2.932 36.718 6  DD_DC6DC7:DG10DG11_DD  D 6  ? D 11 ? D 7  ? D 10 ? 
1 A DC  7  1_555 A DG  10 2_757 A DA  8  1_555 A BRU 9  2_757 0.485  -1.200 3.098 -1.821 12.649 29.916 -4.083 -1.145 2.376 23.216 
3.343  32.474 7  DD_DC7DA8:BRU9DG10_DD  D 7  ? D 10 ? D 8  ? D 9  ? 
1 A DA  8  1_555 A BRU 9  2_757 A BRU 9  1_555 A DA  8  2_757 0.000  -1.096 3.247 0.000  4.491  35.980 -2.374 0.000  3.092 7.235  
0.000  36.250 8  DD_DA8BRU9:DA8BRU9_DD  D 8  ? D 9  ? D 9  ? D 8  ? 
1 A BRU 9  1_555 A DA  8  2_757 A DG  10 1_555 A DC  7  2_757 -0.485 -1.200 3.098 1.821  12.649 29.916 -4.083 1.145  2.376 23.216 
-3.343 32.474 9  DD_BRU9DG10:DC7DA8_DD  D 9  ? D 8  ? D 10 ? D 7  ? 
1 A DG  10 1_555 A DC  7  2_757 A DG  11 1_555 A DC  6  2_757 -1.292 -0.162 3.269 -1.845 1.787  36.632 -0.502 1.797  3.317 2.839  
2.932  36.718 10 DD_DG10DG11:DC6DC7_DD  D 10 ? D 7  ? D 11 ? D 6  ? 
1 A DG  11 1_555 A DC  6  2_757 A DT  12 1_555 A DA  5  2_757 -0.621 0.457  3.099 0.590  4.782  28.466 -0.102 1.372  3.119 9.638  
-1.188 28.862 11 DD_DG11DT12:DA5DC6_DD  D 11 ? D 6  ? D 12 ? D 5  ? 
1 A DT  12 1_555 A DA  5  2_757 A DA  13 1_555 A DT  4  2_757 0.212  0.972  3.364 0.574  6.061  42.703 0.697  -0.229 3.466 8.273  
-0.783 43.115 12 DD_DT12DA13:DT4DA5_DD  D 12 ? D 5  ? D 13 ? D 4  ? 
1 A DA  13 1_555 A DT  4  2_757 A DA  14 1_555 A BRU 3  2_757 0.185  0.018  3.220 -1.284 2.811  32.269 -0.455 -0.554 3.200 5.044  
2.304  32.413 13 DD_DA13DA14:BRU3DT4_DD D 13 ? D 4  ? D 14 ? D 3  ? 
1 A DA  14 1_555 A BRU 3  2_757 A DC  15 1_555 A DG  2  2_757 -0.703 -0.007 3.405 -2.156 0.927  39.913 -0.122 0.770  3.436 1.356  
3.155  39.979 14 DD_DA14DC15:DG2BRU3_DD D 14 ? D 3  ? D 15 ? D 2  ? 
1 A DC  15 1_555 A DG  2  2_757 A DG  16 1_555 A DC  1  2_757 1.504  1.316  3.255 4.232  3.806  34.952 1.580  -1.824 3.527 6.286  
-6.989 35.398 15 DD_DC15DG16:DC1DG2_DD  D 15 ? D 2  ? D 16 ? D 1  ? 
# 
_atom_sites.entry_id                    1DP7 
_atom_sites.fract_transf_matrix[1][1]   -0.00621310 
_atom_sites.fract_transf_matrix[1][2]   0.00581226 
_atom_sites.fract_transf_matrix[1][3]   -0.01178771 
_atom_sites.fract_transf_matrix[2][1]   0.02099593 
_atom_sites.fract_transf_matrix[2][2]   0.00188583 
_atom_sites.fract_transf_matrix[2][3]   -0.01013673 
_atom_sites.fract_transf_matrix[3][1]   -0.00491234 
_atom_sites.fract_transf_matrix[3][2]   -0.01480108 
_atom_sites.fract_transf_matrix[3][3]   -0.01292838 
_atom_sites.fract_transf_vector[1]      0.740827 
_atom_sites.fract_transf_vector[2]      0.490224 
_atom_sites.fract_transf_vector[3]      0.907109 
# 
loop_
_atom_type.symbol 
BR 
C  
N  
O  
P  
S  
# 
loop_
_atom_site.group_PDB 
_atom_site.id 
_atom_site.type_symbol 
_atom_site.label_atom_id 
_atom_site.label_alt_id 
_atom_site.label_comp_id 
_atom_site.label_asym_id 
_atom_site.label_entity_id 
_atom_site.label_seq_id 
_atom_site.pdbx_PDB_ins_code 
_atom_site.Cartn_x 
_atom_site.Cartn_y 
_atom_site.Cartn_z 
_atom_site.occupancy 
_atom_site.B_iso_or_equiv 
_atom_site.pdbx_formal_charge 
_atom_site.auth_seq_id 
_atom_site.auth_comp_id 
_atom_site.auth_asym_id 
_atom_site.auth_atom_id 
_atom_site.pdbx_PDB_model_num 
ATOM   1    O  "O5'" . DC  A 1 1  ? -10.321 32.426  -3.307  1.00 34.90 ? 1   DC  D "O5'" 1 
ATOM   2    C  "C5'" . DC  A 1 1  ? -10.068 33.295  -4.414  1.00 31.78 ? 1   DC  D "C5'" 1 
ATOM   3    C  "C4'" . DC  A 1 1  ? -9.527  32.511  -5.589  1.00 29.48 ? 1   DC  D "C4'" 1 
ATOM   4    O  "O4'" . DC  A 1 1  ? -8.106  32.340  -5.468  1.00 29.50 ? 1   DC  D "O4'" 1 
ATOM   5    C  "C3'" . DC  A 1 1  ? -10.097 31.109  -5.762  1.00 27.88 ? 1   DC  D "C3'" 1 
ATOM   6    O  "O3'" . DC  A 1 1  ? -10.120 30.826  -7.155  1.00 26.59 ? 1   DC  D "O3'" 1 
ATOM   7    C  "C2'" . DC  A 1 1  ? -9.047  30.219  -5.127  1.00 26.06 ? 1   DC  D "C2'" 1 
ATOM   8    C  "C1'" . DC  A 1 1  ? -7.790  30.941  -5.552  1.00 24.51 ? 1   DC  D "C1'" 1 
ATOM   9    N  N1    . DC  A 1 1  ? -6.574  30.732  -4.758  1.00 21.38 ? 1   DC  D N1    1 
ATOM   10   C  C2    . DC  A 1 1  ? -5.346  30.837  -5.404  1.00 18.49 ? 1   DC  D C2    1 
ATOM   11   O  O2    . DC  A 1 1  ? -5.329  31.051  -6.621  1.00 18.51 ? 1   DC  D O2    1 
ATOM   12   N  N3    . DC  A 1 1  ? -4.207  30.714  -4.709  1.00 17.32 ? 1   DC  D N3    1 
ATOM   13   C  C4    . DC  A 1 1  ? -4.257  30.504  -3.384  1.00 17.00 ? 1   DC  D C4    1 
ATOM   14   N  N4    . DC  A 1 1  ? -3.099  30.396  -2.732  1.00 18.52 ? 1   DC  D N4    1 
ATOM   15   C  C5    . DC  A 1 1  ? -5.498  30.388  -2.683  1.00 19.43 ? 1   DC  D C5    1 
ATOM   16   C  C6    . DC  A 1 1  ? -6.628  30.487  -3.412  1.00 19.62 ? 1   DC  D C6    1 
ATOM   17   P  P     . DG  A 1 2  ? -11.474 30.264  -7.798  1.00 23.19 ? 2   DG  D P     1 
ATOM   18   O  OP1   . DG  A 1 2  ? -12.432 31.405  -7.865  1.00 25.33 ? 2   DG  D OP1   1 
ATOM   19   O  OP2   . DG  A 1 2  ? -11.816 29.059  -7.028  1.00 23.21 ? 2   DG  D OP2   1 
ATOM   20   O  "O5'" . DG  A 1 2  ? -11.116 29.960  -9.311  1.00 21.44 ? 2   DG  D "O5'" 1 
ATOM   21   C  "C5'" . DG  A 1 2  ? -10.808 31.017  -10.213 1.00 20.11 ? 2   DG  D "C5'" 1 
ATOM   22   C  "C4'" . DG  A 1 2  ? -9.736  30.591  -11.187 1.00 18.34 ? 2   DG  D "C4'" 1 
ATOM   23   O  "O4'" . DG  A 1 2  ? -8.502  30.317  -10.489 1.00 18.37 ? 2   DG  D "O4'" 1 
ATOM   24   C  "C3'" . DG  A 1 2  ? -10.038 29.333  -12.002 1.00 15.47 ? 2   DG  D "C3'" 1 
ATOM   25   O  "O3'" . DG  A 1 2  ? -9.397  29.556  -13.248 1.00 17.32 ? 2   DG  D "O3'" 1 
ATOM   26   C  "C2'" . DG  A 1 2  ? -9.304  28.227  -11.230 1.00 16.87 ? 2   DG  D "C2'" 1 
ATOM   27   C  "C1'" . DG  A 1 2  ? -8.074  28.966  -10.705 1.00 16.11 ? 2   DG  D "C1'" 1 
ATOM   28   N  N9    . DG  A 1 2  ? -7.550  28.487  -9.427  1.00 16.03 ? 2   DG  D N9    1 
ATOM   29   C  C8    . DG  A 1 2  ? -8.259  28.165  -8.294  1.00 14.57 ? 2   DG  D C8    1 
ATOM   30   N  N7    . DG  A 1 2  ? -7.496  27.860  -7.271  1.00 16.34 ? 2   DG  D N7    1 
ATOM   31   C  C5    . DG  A 1 2  ? -6.190  27.985  -7.774  1.00 13.99 ? 2   DG  D C5    1 
ATOM   32   C  C6    . DG  A 1 2  ? -4.932  27.806  -7.124  1.00 12.33 ? 2   DG  D C6    1 
ATOM   33   O  O6    . DG  A 1 2  ? -4.740  27.514  -5.958  1.00 15.71 ? 2   DG  D O6    1 
ATOM   34   N  N1    . DG  A 1 2  ? -3.871  28.023  -7.975  1.00 12.85 ? 2   DG  D N1    1 
ATOM   35   C  C2    . DG  A 1 2  ? -3.978  28.359  -9.311  1.00 12.30 ? 2   DG  D C2    1 
ATOM   36   N  N2    . DG  A 1 2  ? -2.798  28.508  -10.024 1.00 15.13 ? 2   DG  D N2    1 
ATOM   37   N  N3    . DG  A 1 2  ? -5.165  28.531  -9.947  1.00 14.89 ? 2   DG  D N3    1 
ATOM   38   C  C4    . DG  A 1 2  ? -6.212  28.334  -9.114  1.00 12.94 ? 2   DG  D C4    1 
HETATM 39   N  N1    . BRU A 1 3  ? -5.902  25.231  -11.003 1.00 13.25 ? 3   BRU D N1    1 
HETATM 40   C  C2    . BRU A 1 3  ? -4.876  25.039  -10.052 1.00 11.90 ? 3   BRU D C2    1 
HETATM 41   N  N3    . BRU A 1 3  ? -5.286  24.810  -8.776  1.00 12.15 ? 3   BRU D N3    1 
HETATM 42   C  C4    . BRU A 1 3  ? -6.555  24.778  -8.347  1.00 12.48 ? 3   BRU D C4    1 
HETATM 43   C  C5    . BRU A 1 3  ? -7.494  24.961  -9.399  1.00 14.67 ? 3   BRU D C5    1 
HETATM 44   C  C6    . BRU A 1 3  ? -7.147  25.166  -10.637 1.00 13.17 ? 3   BRU D C6    1 
HETATM 45   O  O2    . BRU A 1 3  ? -3.695  25.072  -10.340 1.00 16.11 ? 3   BRU D O2    1 
HETATM 46   O  O4    . BRU A 1 3  ? -6.859  24.522  -7.164  1.00 16.38 ? 3   BRU D O4    1 
HETATM 47   BR BR    . BRU A 1 3  ? -9.538  24.841  -8.911  1.00 24.07 ? 3   BRU D BR    1 
HETATM 48   C  "C1'" . BRU A 1 3  ? -5.570  25.522  -12.399 1.00 15.34 ? 3   BRU D "C1'" 1 
HETATM 49   C  "C2'" . BRU A 1 3  ? -6.188  24.539  -13.405 1.00 12.90 ? 3   BRU D "C2'" 1 
HETATM 50   C  "C3'" . BRU A 1 3  ? -6.370  25.389  -14.672 1.00 13.22 ? 3   BRU D "C3'" 1 
HETATM 51   C  "C4'" . BRU A 1 3  ? -6.220  26.827  -14.177 1.00 14.89 ? 3   BRU D "C4'" 1 
HETATM 52   O  "O3'" . BRU A 1 3  ? -5.363  25.264  -15.682 1.00 15.24 ? 3   BRU D "O3'" 1 
HETATM 53   O  "O4'" . BRU A 1 3  ? -6.175  26.765  -12.738 1.00 16.05 ? 3   BRU D "O4'" 1 
HETATM 54   C  "C5'" . BRU A 1 3  ? -7.201  27.867  -14.655 1.00 17.61 ? 3   BRU D "C5'" 1 
HETATM 55   O  "O5'" . BRU A 1 3  ? -8.534  27.478  -14.391 1.00 15.66 ? 3   BRU D "O5'" 1 
HETATM 56   P  P     . BRU A 1 3  ? -9.665  28.602  -14.493 1.00 16.77 ? 3   BRU D P     1 
HETATM 57   O  OP1   . BRU A 1 3  ? -9.359  29.394  -15.720 1.00 18.57 ? 3   BRU D OP1   1 
HETATM 58   O  OP2   . BRU A 1 3  ? -11.000 27.969  -14.310 1.00 18.18 ? 3   BRU D OP2   1 
ATOM   59   P  P     . DT  A 1 4  ? -4.929  23.870  -16.240 1.00 15.11 ? 4   DT  D P     1 
ATOM   60   O  OP1   . DT  A 1 4  ? -4.328  24.155  -17.603 1.00 18.00 ? 4   DT  D OP1   1 
ATOM   61   O  OP2   . DT  A 1 4  ? -5.973  22.812  -16.099 1.00 17.03 ? 4   DT  D OP2   1 
ATOM   62   O  "O5'" . DT  A 1 4  ? -3.756  23.444  -15.244 1.00 15.07 ? 4   DT  D "O5'" 1 
ATOM   63   C  "C5'" . DT  A 1 4  ? -2.625  24.318  -15.052 1.00 17.08 ? 4   DT  D "C5'" 1 
ATOM   64   C  "C4'" . DT  A 1 4  ? -1.590  23.641  -14.178 1.00 15.82 ? 4   DT  D "C4'" 1 
ATOM   65   O  "O4'" . DT  A 1 4  ? -2.167  23.490  -12.867 1.00 16.38 ? 4   DT  D "O4'" 1 
ATOM   66   C  "C3'" . DT  A 1 4  ? -1.132  22.241  -14.616 1.00 18.10 ? 4   DT  D "C3'" 1 
ATOM   67   O  "O3'" . DT  A 1 4  ? 0.302   22.168  -14.459 1.00 19.59 ? 4   DT  D "O3'" 1 
ATOM   68   C  "C2'" . DT  A 1 4  ? -1.852  21.306  -13.642 1.00 16.56 ? 4   DT  D "C2'" 1 
ATOM   69   C  "C1'" . DT  A 1 4  ? -1.990  22.166  -12.374 1.00 15.63 ? 4   DT  D "C1'" 1 
ATOM   70   N  N1    . DT  A 1 4  ? -3.144  21.900  -11.467 1.00 13.98 ? 4   DT  D N1    1 
ATOM   71   C  C2    . DT  A 1 4  ? -2.900  21.739  -10.132 1.00 13.56 ? 4   DT  D C2    1 
ATOM   72   O  O2    . DT  A 1 4  ? -1.754  21.754  -9.687  1.00 16.57 ? 4   DT  D O2    1 
ATOM   73   N  N3    . DT  A 1 4  ? -4.018  21.581  -9.322  1.00 12.35 ? 4   DT  D N3    1 
ATOM   74   C  C4    . DT  A 1 4  ? -5.341  21.580  -9.751  1.00 11.46 ? 4   DT  D C4    1 
ATOM   75   O  O4    . DT  A 1 4  ? -6.281  21.489  -8.945  1.00 13.76 ? 4   DT  D O4    1 
ATOM   76   C  C5    . DT  A 1 4  ? -5.506  21.691  -11.188 1.00 12.51 ? 4   DT  D C5    1 
ATOM   77   C  C7    . DT  A 1 4  ? -6.883  21.621  -11.760 1.00 14.43 ? 4   DT  D C7    1 
ATOM   78   C  C6    . DT  A 1 4  ? -4.432  21.854  -11.962 1.00 14.14 ? 4   DT  D C6    1 
ATOM   79   P  P     . DA  A 1 5  ? 1.139   20.887  -14.976 1.00 20.74 ? 5   DA  D P     1 
ATOM   80   O  OP1   . DA  A 1 5  ? 2.470   21.462  -15.359 1.00 23.99 ? 5   DA  D OP1   1 
ATOM   81   O  OP2   . DA  A 1 5  ? 0.353   20.101  -15.955 1.00 23.47 ? 5   DA  D OP2   1 
ATOM   82   O  "O5'" . DA  A 1 5  ? 1.370   20.072  -13.643 1.00 19.33 ? 5   DA  D "O5'" 1 
ATOM   83   C  "C5'" . DA  A 1 5  ? 2.159   20.630  -12.595 1.00 17.61 ? 5   DA  D "C5'" 1 
ATOM   84   C  "C4'" . DA  A 1 5  ? 2.416   19.579  -11.538 1.00 17.32 ? 5   DA  D "C4'" 1 
ATOM   85   O  "O4'" . DA  A 1 5  ? 1.263   19.308  -10.734 1.00 18.24 ? 5   DA  D "O4'" 1 
ATOM   86   C  "C3'" . DA  A 1 5  ? 2.875   18.223  -12.065 1.00 16.89 ? 5   DA  D "C3'" 1 
ATOM   87   O  "O3'" . DA  A 1 5  ? 3.845   17.750  -11.132 1.00 19.93 ? 5   DA  D "O3'" 1 
ATOM   88   C  "C2'" . DA  A 1 5  ? 1.601   17.380  -12.070 1.00 16.34 ? 5   DA  D "C2'" 1 
ATOM   89   C  "C1'" . DA  A 1 5  ? 0.903   17.918  -10.838 1.00 15.77 ? 5   DA  D "C1'" 1 
ATOM   90   N  N9    . DA  A 1 5  ? -0.564  17.915  -10.907 1.00 14.16 ? 5   DA  D N9    1 
ATOM   91   C  C8    . DA  A 1 5  ? -1.348  18.104  -11.996 1.00 14.09 ? 5   DA  D C8    1 
ATOM   92   N  N7    . DA  A 1 5  ? -2.619  18.260  -11.701 1.00 14.47 ? 5   DA  D N7    1 
ATOM   93   C  C5    . DA  A 1 5  ? -2.681  18.100  -10.341 1.00 12.40 ? 5   DA  D C5    1 
ATOM   94   C  C6    . DA  A 1 5  ? -3.752  18.112  -9.450  1.00 12.04 ? 5   DA  D C6    1 
ATOM   95   N  N6    . DA  A 1 5  ? -5.021  18.326  -9.850  1.00 12.46 ? 5   DA  D N6    1 
ATOM   96   N  N1    . DA  A 1 5  ? -3.489  17.898  -8.139  1.00 13.98 ? 5   DA  D N1    1 
ATOM   97   C  C2    . DA  A 1 5  ? -2.206  17.698  -7.777  1.00 14.25 ? 5   DA  D C2    1 
ATOM   98   N  N3    . DA  A 1 5  ? -1.109  17.653  -8.539  1.00 13.46 ? 5   DA  D N3    1 
ATOM   99   C  C4    . DA  A 1 5  ? -1.415  17.864  -9.824  1.00 14.21 ? 5   DA  D C4    1 
ATOM   100  P  P     . DC  A 1 6  ? 4.595   16.368  -11.381 1.00 19.84 ? 6   DC  D P     1 
ATOM   101  O  OP1   . DC  A 1 6  ? 5.885   16.422  -10.647 1.00 24.35 ? 6   DC  D OP1   1 
ATOM   102  O  OP2   . DC  A 1 6  ? 4.572   15.952  -12.783 1.00 20.92 ? 6   DC  D OP2   1 
ATOM   103  O  "O5'" . DC  A 1 6  ? 3.688   15.346  -10.542 1.00 19.27 ? 6   DC  D "O5'" 1 
ATOM   104  C  "C5'" . DC  A 1 6  ? 3.718   15.359  -9.118  1.00 18.13 ? 6   DC  D "C5'" 1 
ATOM   105  C  "C4'" . DC  A 1 6  ? 2.806   14.281  -8.586  1.00 15.77 ? 6   DC  D "C4'" 1 
ATOM   106  O  "O4'" . DC  A 1 6  ? 1.431   14.639  -8.809  1.00 13.81 ? 6   DC  D "O4'" 1 
ATOM   107  C  "C3'" . DC  A 1 6  ? 2.985   12.943  -9.293  1.00 14.94 ? 6   DC  D "C3'" 1 
ATOM   108  O  "O3'" . DC  A 1 6  ? 2.796   11.933  -8.328  1.00 17.13 ? 6   DC  D "O3'" 1 
ATOM   109  C  "C2'" . DC  A 1 6  ? 1.827   12.902  -10.272 1.00 14.65 ? 6   DC  D "C2'" 1 
ATOM   110  C  "C1'" . DC  A 1 6  ? 0.774   13.565  -9.422  1.00 12.86 ? 6   DC  D "C1'" 1 
ATOM   111  N  N1    . DC  A 1 6  ? -0.439  14.084  -10.119 1.00 11.89 ? 6   DC  D N1    1 
ATOM   112  C  C2    . DC  A 1 6  ? -1.595  14.283  -9.343  1.00 11.45 ? 6   DC  D C2    1 
ATOM   113  O  O2    . DC  A 1 6  ? -1.504  14.147  -8.142  1.00 12.57 ? 6   DC  D O2    1 
ATOM   114  N  N3    . DC  A 1 6  ? -2.763  14.622  -9.949  1.00 11.17 ? 6   DC  D N3    1 
ATOM   115  C  C4    . DC  A 1 6  ? -2.796  14.810  -11.264 1.00 11.08 ? 6   DC  D C4    1 
ATOM   116  N  N4    . DC  A 1 6  ? -3.960  15.127  -11.855 1.00 10.70 ? 6   DC  D N4    1 
ATOM   117  C  C5    . DC  A 1 6  ? -1.606  14.671  -12.073 1.00 10.83 ? 6   DC  D C5    1 
ATOM   118  C  C6    . DC  A 1 6  ? -0.468  14.309  -11.454 1.00 11.79 ? 6   DC  D C6    1 
ATOM   119  P  P     . DC  A 1 7  ? 3.706   10.600  -8.348  1.00 18.54 ? 7   DC  D P     1 
ATOM   120  O  OP1   . DC  A 1 7  ? 4.828   10.936  -7.484  1.00 22.71 ? 7   DC  D OP1   1 
ATOM   121  O  OP2   . DC  A 1 7  ? 3.902   10.048  -9.686  1.00 19.79 ? 7   DC  D OP2   1 
ATOM   122  O  "O5'" . DC  A 1 7  ? 2.795   9.565   -7.560  1.00 16.43 ? 7   DC  D "O5'" 1 
ATOM   123  C  "C5'" . DC  A 1 7  ? 1.647   9.007   -8.212  1.00 14.18 ? 7   DC  D "C5'" 1 
ATOM   124  C  "C4'" . DC  A 1 7  ? 0.438   9.278   -7.360  1.00 11.56 ? 7   DC  D "C4'" 1 
ATOM   125  O  "O4'" . DC  A 1 7  ? -0.066  10.612  -7.647  1.00 12.34 ? 7   DC  D "O4'" 1 
ATOM   126  C  "C3'" . DC  A 1 7  ? -0.743  8.365   -7.607  1.00 11.74 ? 7   DC  D "C3'" 1 
ATOM   127  O  "O3'" . DC  A 1 7  ? -0.568  7.162   -6.832  1.00 12.10 ? 7   DC  D "O3'" 1 
ATOM   128  C  "C2'" . DC  A 1 7  ? -1.912  9.227   -7.136  1.00 11.76 ? 7   DC  D "C2'" 1 
ATOM   129  C  "C1'" . DC  A 1 7  ? -1.487  10.637  -7.560  1.00 12.42 ? 7   DC  D "C1'" 1 
ATOM   130  N  N1    . DC  A 1 7  ? -1.994  10.889  -8.929  1.00 11.09 ? 7   DC  D N1    1 
ATOM   131  C  C2    . DC  A 1 7  ? -3.340  11.243  -9.053  1.00 9.80  ? 7   DC  D C2    1 
ATOM   132  O  O2    . DC  A 1 7  ? -4.009  11.262  -8.004  1.00 10.91 ? 7   DC  D O2    1 
ATOM   133  N  N3    . DC  A 1 7  ? -3.874  11.533  -10.265 1.00 9.76  ? 7   DC  D N3    1 
ATOM   134  C  C4    . DC  A 1 7  ? -3.130  11.429  -11.354 1.00 11.68 ? 7   DC  D C4    1 
ATOM   135  N  N4    . DC  A 1 7  ? -3.699  11.718  -12.559 1.00 10.83 ? 7   DC  D N4    1 
ATOM   136  C  C5    . DC  A 1 7  ? -1.736  11.035  -11.278 1.00 10.32 ? 7   DC  D C5    1 
ATOM   137  C  C6    . DC  A 1 7  ? -1.216  10.778  -10.047 1.00 11.95 ? 7   DC  D C6    1 
ATOM   138  P  P     . DA  A 1 8  ? -1.114  5.774   -7.414  1.00 12.25 ? 8   DA  D P     1 
ATOM   139  O  OP1   . DA  A 1 8  ? -0.573  4.707   -6.559  1.00 15.55 ? 8   DA  D OP1   1 
ATOM   140  O  OP2   . DA  A 1 8  ? -0.858  5.730   -8.898  1.00 11.74 ? 8   DA  D OP2   1 
ATOM   141  O  "O5'" . DA  A 1 8  ? -2.715  5.857   -7.239  1.00 11.03 ? 8   DA  D "O5'" 1 
ATOM   142  C  "C5'" . DA  A 1 8  ? -3.262  5.953   -5.947  1.00 13.06 ? 8   DA  D "C5'" 1 
ATOM   143  C  "C4'" . DA  A 1 8  ? -4.692  6.424   -6.016  1.00 11.52 ? 8   DA  D "C4'" 1 
ATOM   144  O  "O4'" . DA  A 1 8  ? -4.729  7.708   -6.661  1.00 11.40 ? 8   DA  D "O4'" 1 
ATOM   145  C  "C3'" . DA  A 1 8  ? -5.646  5.542   -6.814  1.00 10.57 ? 8   DA  D "C3'" 1 
ATOM   146  O  "O3'" . DA  A 1 8  ? -6.195  4.560   -5.958  1.00 11.43 ? 8   DA  D "O3'" 1 
ATOM   147  C  "C2'" . DA  A 1 8  ? -6.704  6.528   -7.284  1.00 12.23 ? 8   DA  D "C2'" 1 
ATOM   148  C  "C1'" . DA  A 1 8  ? -5.942  7.844   -7.421  1.00 11.23 ? 8   DA  D "C1'" 1 
ATOM   149  N  N9    . DA  A 1 8  ? -5.550  8.040   -8.817  1.00 10.83 ? 8   DA  D N9    1 
ATOM   150  C  C8    . DA  A 1 8  ? -4.335  7.859   -9.409  1.00 11.39 ? 8   DA  D C8    1 
ATOM   151  N  N7    . DA  A 1 8  ? -4.322  8.182   -10.684 1.00 10.47 ? 8   DA  D N7    1 
ATOM   152  C  C5    . DA  A 1 8  ? -5.647  8.579   -10.939 1.00 10.31 ? 8   DA  D C5    1 
ATOM   153  C  C6    . DA  A 1 8  ? -6.297  9.068   -12.081 1.00 10.09 ? 8   DA  D C6    1 
ATOM   154  N  N6    . DA  A 1 8  ? -5.695  9.337   -13.231 1.00 11.37 ? 8   DA  D N6    1 
ATOM   155  N  N1    . DA  A 1 8  ? -7.623  9.322   -11.991 1.00 11.14 ? 8   DA  D N1    1 
ATOM   156  C  C2    . DA  A 1 8  ? -8.240  9.171   -10.797 1.00 10.39 ? 8   DA  D C2    1 
ATOM   157  N  N3    . DA  A 1 8  ? -7.733  8.754   -9.664  1.00 10.21 ? 8   DA  D N3    1 
ATOM   158  C  C4    . DA  A 1 8  ? -6.411  8.464   -9.799  1.00 9.99  ? 8   DA  D C4    1 
HETATM 159  N  N1    . BRU A 1 9  ? -8.981  5.433   -10.677 1.00 13.67 ? 9   BRU D N1    1 
HETATM 160  C  C2    . BRU A 1 9  ? -9.254  5.948   -11.893 1.00 11.22 ? 9   BRU D C2    1 
HETATM 161  N  N3    . BRU A 1 9  ? -8.174  6.056   -12.758 1.00 11.85 ? 9   BRU D N3    1 
HETATM 162  C  C4    . BRU A 1 9  ? -6.920  5.687   -12.471 1.00 10.30 ? 9   BRU D C4    1 
HETATM 163  C  C5    . BRU A 1 9  ? -6.785  5.110   -11.160 1.00 12.08 ? 9   BRU D C5    1 
HETATM 164  C  C6    . BRU A 1 9  ? -7.776  5.006   -10.341 1.00 13.06 ? 9   BRU D C6    1 
HETATM 165  O  O2    . BRU A 1 9  ? -10.375 6.296   -12.189 1.00 13.50 ? 9   BRU D O2    1 
HETATM 166  O  O4    . BRU A 1 9  ? -5.978  5.913   -13.276 1.00 12.93 ? 9   BRU D O4    1 
HETATM 167  BR BR    . BRU A 1 9  ? -4.823  4.556   -10.783 1.00 15.13 ? 9   BRU D BR    1 
HETATM 168  C  "C1'" . BRU A 1 9  ? -10.068 5.352   -9.695  1.00 13.84 ? 9   BRU D "C1'" 1 
HETATM 169  C  "C2'" . BRU A 1 9  ? -10.819 4.063   -9.958  1.00 12.11 ? 9   BRU D "C2'" 1 
HETATM 170  C  "C3'" . BRU A 1 9  ? -10.397 3.141   -8.824  1.00 15.00 ? 9   BRU D "C3'" 1 
HETATM 171  C  "C4'" . BRU A 1 9  ? -10.029 4.096   -7.707  1.00 14.07 ? 9   BRU D "C4'" 1 
HETATM 172  O  "O3'" . BRU A 1 9  ? -11.479 2.301   -8.445  1.00 13.15 ? 9   BRU D "O3'" 1 
HETATM 173  O  "O4'" . BRU A 1 9  ? -9.482  5.257   -8.400  1.00 13.32 ? 9   BRU D "O4'" 1 
HETATM 174  C  "C5'" . BRU A 1 9  ? -9.009  3.591   -6.711  1.00 14.48 ? 9   BRU D "C5'" 1 
HETATM 175  O  "O5'" . BRU A 1 9  ? -7.793  3.287   -7.365  1.00 12.82 ? 9   BRU D "O5'" 1 
HETATM 176  P  P     . BRU A 1 9  ? -6.460  3.107   -6.531  1.00 11.11 ? 9   BRU D P     1 
HETATM 177  O  OP1   . BRU A 1 9  ? -6.731  2.280   -5.298  1.00 14.53 ? 9   BRU D OP1   1 
HETATM 178  O  OP2   . BRU A 1 9  ? -5.463  2.633   -7.528  1.00 12.75 ? 9   BRU D OP2   1 
ATOM   179  P  P     . DG  A 1 10 ? -11.690 0.958   -9.251  1.00 14.52 ? 10  DG  D P     1 
ATOM   180  O  OP1   . DG  A 1 10 ? -12.675 0.141   -8.460  1.00 16.08 ? 10  DG  D OP1   1 
ATOM   181  O  OP2   . DG  A 1 10 ? -10.397 0.329   -9.681  1.00 14.92 ? 10  DG  D OP2   1 
ATOM   182  O  "O5'" . DG  A 1 10 ? -12.391 1.421   -10.628 1.00 14.63 ? 10  DG  D "O5'" 1 
ATOM   183  C  "C5'" . DG  A 1 10 ? -13.613 2.139   -10.635 1.00 14.28 ? 10  DG  D "C5'" 1 
ATOM   184  C  "C4'" . DG  A 1 10 ? -14.078 2.332   -12.057 1.00 14.53 ? 10  DG  D "C4'" 1 
ATOM   185  O  "O4'" . DG  A 1 10 ? -13.119 3.170   -12.751 1.00 13.85 ? 10  DG  D "O4'" 1 
ATOM   186  C  "C3'" . DG  A 1 10 ? -14.204 1.065   -12.888 1.00 16.36 ? 10  DG  D "C3'" 1 
ATOM   187  O  "O3'" . DG  A 1 10 ? -15.297 1.331   -13.770 1.00 20.48 ? 10  DG  D "O3'" 1 
ATOM   188  C  "C2'" . DG  A 1 10 ? -12.864 1.003   -13.617 1.00 15.07 ? 10  DG  D "C2'" 1 
ATOM   189  C  "C1'" . DG  A 1 10 ? -12.646 2.474   -13.893 1.00 13.41 ? 10  DG  D "C1'" 1 
ATOM   190  N  N9    . DG  A 1 10 ? -11.239 2.800   -14.078 1.00 11.23 ? 10  DG  D N9    1 
ATOM   191  C  C8    . DG  A 1 10 ? -10.187 2.530   -13.222 1.00 12.20 ? 10  DG  D C8    1 
ATOM   192  N  N7    . DG  A 1 10 ? -9.023  2.887   -13.724 1.00 12.66 ? 10  DG  D N7    1 
ATOM   193  C  C5    . DG  A 1 10 ? -9.341  3.450   -14.955 1.00 10.47 ? 10  DG  D C5    1 
ATOM   194  C  C6    . DG  A 1 10 ? -8.499  4.048   -15.969 1.00 11.39 ? 10  DG  D C6    1 
ATOM   195  O  O6    . DG  A 1 10 ? -7.259  4.237   -15.953 1.00 10.46 ? 10  DG  D O6    1 
ATOM   196  N  N1    . DG  A 1 10 ? -9.220  4.463   -17.062 1.00 9.45  ? 10  DG  D N1    1 
ATOM   197  C  C2    . DG  A 1 10 ? -10.579 4.360   -17.186 1.00 8.78  ? 10  DG  D C2    1 
ATOM   198  N  N2    . DG  A 1 10 ? -11.079 4.782   -18.342 1.00 10.60 ? 10  DG  D N2    1 
ATOM   199  N  N3    . DG  A 1 10 ? -11.381 3.863   -16.250 1.00 10.98 ? 10  DG  D N3    1 
ATOM   200  C  C4    . DG  A 1 10 ? -10.698 3.409   -15.182 1.00 10.52 ? 10  DG  D C4    1 
ATOM   201  P  P     . DG  A 1 11 ? -16.088 0.125   -14.480 1.00 20.71 ? 11  DG  D P     1 
ATOM   202  O  OP1   . DG  A 1 11 ? -17.520 0.314   -14.130 1.00 24.32 ? 11  DG  D OP1   1 
ATOM   203  O  OP2   . DG  A 1 11 ? -15.445 -1.199  -14.328 1.00 22.10 ? 11  DG  D OP2   1 
ATOM   204  O  "O5'" . DG  A 1 11 ? -15.963 0.479   -16.017 1.00 19.33 ? 11  DG  D "O5'" 1 
ATOM   205  C  "C5'" . DG  A 1 11 ? -16.539 1.684   -16.505 1.00 18.66 ? 11  DG  D "C5'" 1 
ATOM   206  C  "C4'" . DG  A 1 11 ? -16.349 1.750   -18.000 1.00 18.71 ? 11  DG  D "C4'" 1 
ATOM   207  O  "O4'" . DG  A 1 11 ? -14.992 2.054   -18.397 1.00 17.85 ? 11  DG  D "O4'" 1 
ATOM   208  C  "C3'" . DG  A 1 11 ? -16.675 0.444   -18.696 1.00 19.69 ? 11  DG  D "C3'" 1 
ATOM   209  O  "O3'" . DG  A 1 11 ? -17.068 0.827   -20.004 1.00 24.65 ? 11  DG  D "O3'" 1 
ATOM   210  C  "C2'" . DG  A 1 11 ? -15.329 -0.258  -18.744 1.00 18.26 ? 11  DG  D "C2'" 1 
ATOM   211  C  "C1'" . DG  A 1 11 ? -14.402 0.921   -19.013 1.00 15.98 ? 11  DG  D "C1'" 1 
ATOM   212  N  N9    . DG  A 1 11 ? -13.056 0.804   -18.460 1.00 15.12 ? 11  DG  D N9    1 
ATOM   213  C  C8    . DG  A 1 11 ? -12.704 0.358   -17.208 1.00 13.13 ? 11  DG  D C8    1 
ATOM   214  N  N7    . DG  A 1 11 ? -11.425 0.473   -16.965 1.00 13.46 ? 11  DG  D N7    1 
ATOM   215  C  C5    . DG  A 1 11 ? -10.902 1.033   -18.126 1.00 11.37 ? 11  DG  D C5    1 
ATOM   216  C  C6    . DG  A 1 11 ? -9.582  1.412   -18.419 1.00 10.16 ? 11  DG  D C6    1 
ATOM   217  O  O6    . DG  A 1 11 ? -8.622  1.385   -17.679 1.00 10.86 ? 11  DG  D O6    1 
ATOM   218  N  N1    . DG  A 1 11 ? -9.467  1.888   -19.734 1.00 10.07 ? 11  DG  D N1    1 
ATOM   219  C  C2    . DG  A 1 11 ? -10.525 2.015   -20.631 1.00 11.41 ? 11  DG  D C2    1 
ATOM   220  N  N2    . DG  A 1 11 ? -10.241 2.460   -21.892 1.00 10.83 ? 11  DG  D N2    1 
ATOM   221  N  N3    . DG  A 1 11 ? -11.774 1.713   -20.325 1.00 11.83 ? 11  DG  D N3    1 
ATOM   222  C  C4    . DG  A 1 11 ? -11.882 1.217   -19.072 1.00 12.33 ? 11  DG  D C4    1 
ATOM   223  P  P     . DT  A 1 12 ? -18.060 -0.079  -20.806 1.00 28.19 ? 12  DT  D P     1 
ATOM   224  O  OP1   . DT  A 1 12 ? -19.004 0.910   -21.404 1.00 29.91 ? 12  DT  D OP1   1 
ATOM   225  O  OP2   . DT  A 1 12 ? -18.554 -1.254  -20.053 1.00 27.85 ? 12  DT  D OP2   1 
ATOM   226  O  "O5'" . DT  A 1 12 ? -17.162 -0.721  -21.940 1.00 28.66 ? 12  DT  D "O5'" 1 
ATOM   227  C  "C5'" . DT  A 1 12 ? -16.978 0.022   -23.102 1.00 29.00 ? 12  DT  D "C5'" 1 
ATOM   228  C  "C4'" . DT  A 1 12 ? -15.825 -0.509  -23.890 1.00 28.07 ? 12  DT  D "C4'" 1 
ATOM   229  O  "O4'" . DT  A 1 12 ? -14.590 -0.430  -23.161 1.00 26.37 ? 12  DT  D "O4'" 1 
ATOM   230  C  "C3'" . DT  A 1 12 ? -15.951 -1.918  -24.431 1.00 29.44 ? 12  DT  D "C3'" 1 
ATOM   231  O  "O3'" . DT  A 1 12 ? -15.729 -1.684  -25.797 1.00 31.26 ? 12  DT  D "O3'" 1 
ATOM   232  C  "C2'" . DT  A 1 12 ? -14.809 -2.667  -23.757 1.00 29.37 ? 12  DT  D "C2'" 1 
ATOM   233  C  "C1'" . DT  A 1 12 ? -13.803 -1.548  -23.449 1.00 27.26 ? 12  DT  D "C1'" 1 
ATOM   234  N  N1    . DT  A 1 12 ? -12.938 -1.733  -22.278 1.00 25.54 ? 12  DT  D N1    1 
ATOM   235  C  C2    . DT  A 1 12 ? -11.619 -1.320  -22.389 1.00 22.25 ? 12  DT  D C2    1 
ATOM   236  O  O2    . DT  A 1 12 ? -11.155 -0.867  -23.430 1.00 24.24 ? 12  DT  D O2    1 
ATOM   237  N  N3    . DT  A 1 12 ? -10.883 -1.454  -21.243 1.00 19.51 ? 12  DT  D N3    1 
ATOM   238  C  C4    . DT  A 1 12 ? -11.330 -1.944  -20.015 1.00 20.03 ? 12  DT  D C4    1 
ATOM   239  O  O4    . DT  A 1 12 ? -10.588 -1.986  -19.038 1.00 18.53 ? 12  DT  D O4    1 
ATOM   240  C  C5    . DT  A 1 12 ? -12.696 -2.384  -19.978 1.00 22.23 ? 12  DT  D C5    1 
ATOM   241  C  C7    . DT  A 1 12 ? -13.211 -2.960  -18.699 1.00 23.27 ? 12  DT  D C7    1 
ATOM   242  C  C6    . DT  A 1 12 ? -13.429 -2.262  -21.102 1.00 22.97 ? 12  DT  D C6    1 
ATOM   243  P  P     . DA  A 1 13 ? -15.957 -2.832  -26.870 1.00 34.05 ? 13  DA  D P     1 
ATOM   244  O  OP1   . DA  A 1 13 ? -16.864 -2.199  -27.838 1.00 33.32 ? 13  DA  D OP1   1 
ATOM   245  O  OP2   . DA  A 1 13 ? -16.357 -4.088  -26.166 1.00 31.89 ? 13  DA  D OP2   1 
ATOM   246  O  "O5'" . DA  A 1 13 ? -14.516 -2.911  -27.521 1.00 31.02 ? 13  DA  D "O5'" 1 
ATOM   247  C  "C5'" . DA  A 1 13 ? -13.846 -1.717  -27.921 1.00 27.53 ? 13  DA  D "C5'" 1 
ATOM   248  C  "C4'" . DA  A 1 13 ? -12.399 -2.018  -28.219 1.00 25.33 ? 13  DA  D "C4'" 1 
ATOM   249  O  "O4'" . DA  A 1 13 ? -11.646 -2.226  -26.997 1.00 22.92 ? 13  DA  D "O4'" 1 
ATOM   250  C  "C3'" . DA  A 1 13 ? -12.182 -3.278  -29.066 1.00 26.45 ? 13  DA  D "C3'" 1 
ATOM   251  O  "O3'" . DA  A 1 13 ? -11.107 -3.045  -29.953 1.00 30.43 ? 13  DA  D "O3'" 1 
ATOM   252  C  "C2'" . DA  A 1 13 ? -11.788 -4.341  -28.050 1.00 23.30 ? 13  DA  D "C2'" 1 
ATOM   253  C  "C1'" . DA  A 1 13 ? -11.040 -3.522  -26.987 1.00 20.98 ? 13  DA  D "C1'" 1 
ATOM   254  N  N9    . DA  A 1 13 ? -11.173 -4.028  -25.628 1.00 17.31 ? 13  DA  D N9    1 
ATOM   255  C  C8    . DA  A 1 13 ? -12.273 -4.582  -25.071 1.00 17.58 ? 13  DA  D C8    1 
ATOM   256  N  N7    . DA  A 1 13 ? -12.159 -4.838  -23.795 1.00 17.72 ? 13  DA  D N7    1 
ATOM   257  C  C5    . DA  A 1 13 ? -10.874 -4.469  -23.495 1.00 14.33 ? 13  DA  D C5    1 
ATOM   258  C  C6    . DA  A 1 13 ? -10.117 -4.501  -22.312 1.00 14.45 ? 13  DA  D C6    1 
ATOM   259  N  N6    . DA  A 1 13 ? -10.589 -4.916  -21.103 1.00 15.52 ? 13  DA  D N6    1 
ATOM   260  N  N1    . DA  A 1 13 ? -8.855  -4.081  -22.393 1.00 14.59 ? 13  DA  D N1    1 
ATOM   261  C  C2    . DA  A 1 13 ? -8.378  -3.614  -23.554 1.00 15.74 ? 13  DA  D C2    1 
ATOM   262  N  N3    . DA  A 1 13 ? -8.994  -3.501  -24.721 1.00 15.60 ? 13  DA  D N3    1 
ATOM   263  C  C4    . DA  A 1 13 ? -10.236 -3.971  -24.627 1.00 15.76 ? 13  DA  D C4    1 
ATOM   264  P  P     . DA  A 1 14 ? -10.697 -4.183  -30.991 1.00 32.07 ? 14  DA  D P     1 
ATOM   265  O  OP1   . DA  A 1 14 ? -10.077 -3.469  -32.139 1.00 33.96 ? 14  DA  D OP1   1 
ATOM   266  O  OP2   . DA  A 1 14 ? -11.838 -5.061  -31.195 1.00 33.16 ? 14  DA  D OP2   1 
ATOM   267  O  "O5'" . DA  A 1 14 ? -9.548  -4.934  -30.229 1.00 31.87 ? 14  DA  D "O5'" 1 
ATOM   268  C  "C5'" . DA  A 1 14 ? -8.336  -4.243  -29.973 1.00 30.81 ? 14  DA  D "C5'" 1 
ATOM   269  C  "C4'" . DA  A 1 14 ? -7.386  -5.161  -29.253 1.00 31.39 ? 14  DA  D "C4'" 1 
ATOM   270  O  "O4'" . DA  A 1 14 ? -7.837  -5.370  -27.890 1.00 30.66 ? 14  DA  D "O4'" 1 
ATOM   271  C  "C3'" . DA  A 1 14 ? -7.309  -6.549  -29.880 1.00 31.09 ? 14  DA  D "C3'" 1 
ATOM   272  O  "O3'" . DA  A 1 14 ? -5.971  -6.965  -29.724 1.00 31.14 ? 14  DA  D "O3'" 1 
ATOM   273  C  "C2'" . DA  A 1 14 ? -8.225  -7.381  -29.003 1.00 29.16 ? 14  DA  D "C2'" 1 
ATOM   274  C  "C1'" . DA  A 1 14 ? -7.907  -6.764  -27.656 1.00 28.20 ? 14  DA  D "C1'" 1 
ATOM   275  N  N9    . DA  A 1 14 ? -8.870  -7.002  -26.600 1.00 24.41 ? 14  DA  D N9    1 
ATOM   276  C  C8    . DA  A 1 14 ? -10.211 -7.270  -26.643 1.00 24.70 ? 14  DA  D C8    1 
ATOM   277  N  N7    . DA  A 1 14 ? -10.723 -7.550  -25.469 1.00 24.53 ? 14  DA  D N7    1 
ATOM   278  C  C5    . DA  A 1 14 ? -9.639  -7.408  -24.602 1.00 22.12 ? 14  DA  D C5    1 
ATOM   279  C  C6    . DA  A 1 14 ? -9.517  -7.562  -23.242 1.00 19.52 ? 14  DA  D C6    1 
ATOM   280  N  N6    . DA  A 1 14 ? -10.547 -7.856  -22.475 1.00 21.07 ? 14  DA  D N6    1 
ATOM   281  N  N1    . DA  A 1 14 ? -8.284  -7.390  -22.684 1.00 18.79 ? 14  DA  D N1    1 
ATOM   282  C  C2    . DA  A 1 14 ? -7.266  -7.055  -23.450 1.00 18.83 ? 14  DA  D C2    1 
ATOM   283  N  N3    . DA  A 1 14 ? -7.269  -6.835  -24.781 1.00 18.94 ? 14  DA  D N3    1 
ATOM   284  C  C4    . DA  A 1 14 ? -8.506  -7.053  -25.283 1.00 21.62 ? 14  DA  D C4    1 
ATOM   285  P  P     . DC  A 1 15 ? -5.407  -8.218  -30.556 1.00 30.59 ? 15  DC  D P     1 
ATOM   286  O  OP1   . DC  A 1 15 ? -5.016  -7.676  -31.889 1.00 31.75 ? 15  DC  D OP1   1 
ATOM   287  O  OP2   . DC  A 1 15 ? -6.293  -9.418  -30.457 1.00 29.87 ? 15  DC  D OP2   1 
ATOM   288  O  "O5'" . DC  A 1 15 ? -4.052  -8.471  -29.739 1.00 30.76 ? 15  DC  D "O5'" 1 
ATOM   289  C  "C5'" . DC  A 1 15 ? -3.266  -7.341  -29.274 1.00 28.28 ? 15  DC  D "C5'" 1 
ATOM   290  C  "C4'" . DC  A 1 15 ? -2.568  -7.656  -27.964 1.00 28.15 ? 15  DC  D "C4'" 1 
ATOM   291  O  "O4'" . DC  A 1 15 ? -3.511  -7.770  -26.874 1.00 23.18 ? 15  DC  D "O4'" 1 
ATOM   292  C  "C3'" . DC  A 1 15 ? -1.740  -8.933  -27.936 1.00 28.37 ? 15  DC  D "C3'" 1 
ATOM   293  O  "O3'" . DC  A 1 15 ? -0.545  -8.718  -27.200 1.00 31.34 ? 15  DC  D "O3'" 1 
ATOM   294  C  "C2'" . DC  A 1 15 ? -2.608  -9.925  -27.185 1.00 24.52 ? 15  DC  D "C2'" 1 
ATOM   295  C  "C1'" . DC  A 1 15 ? -3.396  -9.041  -26.232 1.00 22.58 ? 15  DC  D "C1'" 1 
ATOM   296  N  N1    . DC  A 1 15 ? -4.754  -9.545  -26.018 1.00 18.64 ? 15  DC  D N1    1 
ATOM   297  C  C2    . DC  A 1 15 ? -5.161  -9.898  -24.713 1.00 18.12 ? 15  DC  D C2    1 
ATOM   298  O  O2    . DC  A 1 15 ? -4.323  -9.818  -23.786 1.00 20.47 ? 15  DC  D O2    1 
ATOM   299  N  N3    . DC  A 1 15 ? -6.424  -10.279 -24.511 1.00 13.89 ? 15  DC  D N3    1 
ATOM   300  C  C4    . DC  A 1 15 ? -7.297  -10.305 -25.515 1.00 13.33 ? 15  DC  D C4    1 
ATOM   301  N  N4    . DC  A 1 15 ? -8.562  -10.567 -25.248 1.00 15.28 ? 15  DC  D N4    1 
ATOM   302  C  C5    . DC  A 1 15 ? -6.891  -10.030 -26.875 1.00 15.01 ? 15  DC  D C5    1 
ATOM   303  C  C6    . DC  A 1 15 ? -5.631  -9.653  -27.064 1.00 16.47 ? 15  DC  D C6    1 
ATOM   304  P  P     . DG  A 1 16 ? 0.724   -9.615  -27.516 1.00 32.78 ? 16  DG  D P     1 
ATOM   305  O  OP1   . DG  A 1 16 ? 1.905   -8.938  -26.904 1.00 34.59 ? 16  DG  D OP1   1 
ATOM   306  O  OP2   . DG  A 1 16 ? 0.702   -9.898  -28.973 1.00 31.45 ? 16  DG  D OP2   1 
ATOM   307  O  "O5'" . DG  A 1 16 ? 0.410   -10.963 -26.745 1.00 31.83 ? 16  DG  D "O5'" 1 
ATOM   308  C  "C5'" . DG  A 1 16 ? 0.527   -11.036 -25.333 1.00 31.48 ? 16  DG  D "C5'" 1 
ATOM   309  C  "C4'" . DG  A 1 16 ? 0.023   -12.375 -24.857 1.00 29.56 ? 16  DG  D "C4'" 1 
ATOM   310  O  "O4'" . DG  A 1 16 ? -1.415  -12.427 -24.973 1.00 27.49 ? 16  DG  D "O4'" 1 
ATOM   311  C  "C3'" . DG  A 1 16 ? 0.542   -13.577 -25.657 1.00 29.50 ? 16  DG  D "C3'" 1 
ATOM   312  O  "O3'" . DG  A 1 16 ? 0.752   -14.682 -24.749 1.00 31.52 ? 16  DG  D "O3'" 1 
ATOM   313  C  "C2'" . DG  A 1 16 ? -0.643  -13.928 -26.546 1.00 28.21 ? 16  DG  D "C2'" 1 
ATOM   314  C  "C1'" . DG  A 1 16 ? -1.775  -13.638 -25.597 1.00 24.75 ? 16  DG  D "C1'" 1 
ATOM   315  N  N9    . DG  A 1 16 ? -3.079  -13.450 -26.207 1.00 21.33 ? 16  DG  D N9    1 
ATOM   316  C  C8    . DG  A 1 16 ? -3.350  -13.145 -27.513 1.00 19.50 ? 16  DG  D C8    1 
ATOM   317  N  N7    . DG  A 1 16 ? -4.628  -13.065 -27.758 1.00 18.48 ? 16  DG  D N7    1 
ATOM   318  C  C5    . DG  A 1 16 ? -5.231  -13.357 -26.540 1.00 17.85 ? 16  DG  D C5    1 
ATOM   319  C  C6    . DG  A 1 16 ? -6.590  -13.446 -26.183 1.00 15.94 ? 16  DG  D C6    1 
ATOM   320  O  O6    . DG  A 1 16 ? -7.618  -13.316 -26.903 1.00 18.70 ? 16  DG  D O6    1 
ATOM   321  N  N1    . DG  A 1 16 ? -6.746  -13.728 -24.830 1.00 16.33 ? 16  DG  D N1    1 
ATOM   322  C  C2    . DG  A 1 16 ? -5.713  -13.895 -23.916 1.00 15.82 ? 16  DG  D C2    1 
ATOM   323  N  N2    . DG  A 1 16 ? -6.072  -14.119 -22.612 1.00 16.23 ? 16  DG  D N2    1 
ATOM   324  N  N3    . DG  A 1 16 ? -4.454  -13.832 -24.244 1.00 18.33 ? 16  DG  D N3    1 
ATOM   325  C  C4    . DG  A 1 16 ? -4.279  -13.564 -25.568 1.00 19.88 ? 16  DG  D C4    1 
ATOM   326  N  N     . THR B 2 1  ? 4.685   8.697   8.627   1.00 25.27 ? 1   THR P N     1 
ATOM   327  C  CA    . THR B 2 1  ? 4.303   7.288   8.425   1.00 25.04 ? 1   THR P CA    1 
ATOM   328  C  C     . THR B 2 1  ? 5.364   6.475   7.646   1.00 23.67 ? 1   THR P C     1 
ATOM   329  O  O     . THR B 2 1  ? 5.145   5.301   7.355   1.00 23.34 ? 1   THR P O     1 
ATOM   330  C  CB    . THR B 2 1  ? 2.942   7.231   7.681   1.00 25.75 ? 1   THR P CB    1 
ATOM   331  O  OG1   . THR B 2 1  ? 2.489   8.564   7.474   1.00 26.41 ? 1   THR P OG1   1 
ATOM   332  C  CG2   . THR B 2 1  ? 1.897   6.512   8.536   1.00 27.92 ? 1   THR P CG2   1 
ATOM   333  N  N     . VAL B 2 2  ? 6.497   7.101   7.305   1.00 23.34 ? 2   VAL P N     1 
ATOM   334  C  CA    . VAL B 2 2  ? 7.565   6.394   6.580   1.00 22.72 ? 2   VAL P CA    1 
ATOM   335  C  C     . VAL B 2 2  ? 8.059   5.188   7.388   1.00 22.10 ? 2   VAL P C     1 
ATOM   336  O  O     . VAL B 2 2  ? 8.129   4.064   6.892   1.00 22.39 ? 2   VAL P O     1 
ATOM   337  C  CB    . VAL B 2 2  ? 8.759   7.299   6.291   1.00 23.81 ? 2   VAL P CB    1 
ATOM   338  C  CG1   . VAL B 2 2  ? 9.822   6.521   5.538   1.00 24.70 ? 2   VAL P CG1   1 
ATOM   339  C  CG2   . VAL B 2 2  ? 8.329   8.493   5.518   1.00 25.46 ? 2   VAL P CG2   1 
ATOM   340  N  N     . GLN B 2 3  ? 8.374   5.392   8.669   1.00 21.16 ? 3   GLN P N     1 
ATOM   341  C  CA    . GLN B 2 3  ? 8.851   4.243   9.427   1.00 21.35 ? 3   GLN P CA    1 
ATOM   342  C  C     . GLN B 2 3  ? 7.762   3.193   9.651   1.00 19.33 ? 3   GLN P C     1 
ATOM   343  O  O     . GLN B 2 3  ? 8.016   1.992   9.635   1.00 21.33 ? 3   GLN P O     1 
ATOM   344  C  CB    . GLN B 2 3  ? 9.501   4.692   10.755  1.00 22.65 ? 3   GLN P CB    1 
ATOM   345  C  CG    . GLN B 2 3  ? 10.282  3.574   11.419  1.00 25.14 ? 3   GLN P CG    1 
ATOM   346  C  CD    . GLN B 2 3  ? 11.404  3.076   10.539  1.00 23.95 ? 3   GLN P CD    1 
ATOM   347  O  OE1   . GLN B 2 3  ? 11.507  1.863   10.230  1.00 25.69 ? 3   GLN P OE1   1 
ATOM   348  N  NE2   . GLN B 2 3  ? 12.234  4.009   10.104  1.00 24.38 ? 3   GLN P NE2   1 
ATOM   349  N  N     . TRP B 2 4  ? 6.509   3.624   9.828   1.00 20.67 ? 4   TRP P N     1 
ATOM   350  C  CA    . TRP B 2 4  ? 5.456   2.628   9.987   1.00 19.55 ? 4   TRP P CA    1 
ATOM   351  C  C     . TRP B 2 4  ? 5.399   1.749   8.666   1.00 17.95 ? 4   TRP P C     1 
ATOM   352  O  O     . TRP B 2 4  ? 5.221   0.518   8.701   1.00 18.83 ? 4   TRP P O     1 
ATOM   353  C  CB    . TRP B 2 4  ? 4.095   3.349   10.203  1.00 19.99 ? 4   TRP P CB    1 
ATOM   354  C  CG    . TRP B 2 4  ? 2.918   2.437   10.152  1.00 20.06 ? 4   TRP P CG    1 
ATOM   355  C  CD1   . TRP B 2 4  ? 2.449   1.671   11.157  1.00 21.07 ? 4   TRP P CD1   1 
ATOM   356  C  CD2   . TRP B 2 4  ? 2.070   2.169   9.012   1.00 19.67 ? 4   TRP P CD2   1 
ATOM   357  N  NE1   . TRP B 2 4  ? 1.367   0.927   10.737  1.00 21.08 ? 4   TRP P NE1   1 
ATOM   358  C  CE2   . TRP B 2 4  ? 1.112   1.224   9.423   1.00 19.87 ? 4   TRP P CE2   1 
ATOM   359  C  CE3   . TRP B 2 4  ? 2.025   2.649   7.698   1.00 19.88 ? 4   TRP P CE3   1 
ATOM   360  C  CZ2   . TRP B 2 4  ? 0.129   0.742   8.562   1.00 19.63 ? 4   TRP P CZ2   1 
ATOM   361  C  CZ3   . TRP B 2 4  ? 1.047   2.162   6.844   1.00 19.35 ? 4   TRP P CZ3   1 
ATOM   362  C  CH2   . TRP B 2 4  ? 0.117   1.219   7.292   1.00 18.23 ? 4   TRP P CH2   1 
ATOM   363  N  N     . LEU B 2 5  ? 5.531   2.393   7.520   1.00 17.27 ? 5   LEU P N     1 
ATOM   364  C  CA    . LEU B 2 5  ? 5.495   1.640   6.274   1.00 16.57 ? 5   LEU P CA    1 
ATOM   365  C  C     . LEU B 2 5  ? 6.651   0.645   6.231   1.00 16.96 ? 5   LEU P C     1 
ATOM   366  O  O     . LEU B 2 5  ? 6.464   -0.523  5.950   1.00 18.02 ? 5   LEU P O     1 
ATOM   367  C  CB    . LEU B 2 5  ? 5.581   2.551   5.043   1.00 17.91 ? 5   LEU P CB    1 
ATOM   368  C  CG    . LEU B 2 5  ? 4.245   3.222   4.682   1.00 18.43 ? 5   LEU P CG    1 
ATOM   369  C  CD1   . LEU B 2 5  ? 4.534   4.385   3.735   1.00 18.34 ? 5   LEU P CD1   1 
ATOM   370  C  CD2   . LEU B 2 5  ? 3.287   2.166   4.040   1.00 18.04 ? 5   LEU P CD2   1 
ATOM   371  N  N     . LEU B 2 6  ? 7.832   1.130   6.539   1.00 18.66 ? 6   LEU P N     1 
ATOM   372  C  CA    . LEU B 2 6  ? 9.010   0.230   6.505   1.00 19.83 ? 6   LEU P CA    1 
ATOM   373  C  C     . LEU B 2 6  ? 8.919   -0.922  7.504   1.00 20.71 ? 6   LEU P C     1 
ATOM   374  O  O     . LEU B 2 6  ? 9.426   -2.033  7.245   1.00 21.78 ? 6   LEU P O     1 
ATOM   375  C  CB    . LEU B 2 6  ? 10.307  1.059   6.699   1.00 19.92 ? 6   LEU P CB    1 
ATOM   376  C  CG    . LEU B 2 6  ? 10.611  2.071   5.574   1.00 20.82 ? 6   LEU P CG    1 
ATOM   377  C  CD1   . LEU B 2 6  ? 11.606  3.146   6.011   1.00 22.45 ? 6   LEU P CD1   1 
ATOM   378  C  CD2   . LEU B 2 6  ? 11.100  1.301   4.342   1.00 20.72 ? 6   LEU P CD2   1 
ATOM   379  N  N     . ASP B 2 7  ? 8.267   -0.686  8.651   1.00 21.80 ? 7   ASP P N     1 
ATOM   380  C  CA    . ASP B 2 7  ? 8.082   -1.716  9.683   1.00 21.61 ? 7   ASP P CA    1 
ATOM   381  C  C     . ASP B 2 7  ? 7.033   -2.750  9.326   1.00 21.85 ? 7   ASP P C     1 
ATOM   382  O  O     . ASP B 2 7  ? 7.070   -3.869  9.790   1.00 22.34 ? 7   ASP P O     1 
ATOM   383  C  CB    . ASP B 2 7  ? 7.646   -1.090  11.009  1.00 23.51 ? 7   ASP P CB    1 
ATOM   384  C  CG    . ASP B 2 7  ? 8.736   -0.253  11.666  1.00 26.86 ? 7   ASP P CG    1 
ATOM   385  O  OD1   . ASP B 2 7  ? 9.914   -0.325  11.244  1.00 24.06 ? 7   ASP P OD1   1 
ATOM   386  O  OD2   . ASP B 2 7  ? 8.402   0.488   12.638  1.00 29.25 ? 7   ASP P OD2   1 
ATOM   387  N  N     . ASN B 2 8  ? 6.115   -2.396  8.439   1.00 19.47 ? 8   ASN P N     1 
ATOM   388  C  CA    . ASN B 2 8  ? 5.064   -3.296  8.100   1.00 19.97 ? 8   ASN P CA    1 
ATOM   389  C  C     . ASN B 2 8  ? 5.100   -3.886  6.687   1.00 18.36 ? 8   ASN P C     1 
ATOM   390  O  O     . ASN B 2 8  ? 4.468   -4.927  6.459   1.00 18.95 ? 8   ASN P O     1 
ATOM   391  C  CB    . ASN B 2 8  ? 3.753   -2.542  8.308   1.00 20.90 ? 8   ASN P CB    1 
ATOM   392  C  CG    . ASN B 2 8  ? 3.392   -2.413  9.793   1.00 20.95 ? 8   ASN P CG    1 
ATOM   393  O  OD1   . ASN B 2 8  ? 2.835   -3.338  10.369  1.00 23.78 ? 8   ASN P OD1   1 
ATOM   394  N  ND2   . ASN B 2 8  ? 3.769   -1.298  10.401  1.00 22.00 ? 8   ASN P ND2   1 
ATOM   395  N  N     . TYR B 2 9  ? 5.852   -3.265  5.770   1.00 17.18 ? 9   TYR P N     1 
ATOM   396  C  CA    . TYR B 2 9  ? 5.897   -3.749  4.374   1.00 17.84 ? 9   TYR P CA    1 
ATOM   397  C  C     . TYR B 2 9  ? 7.314   -3.671  3.831   1.00 18.03 ? 9   TYR P C     1 
ATOM   398  O  O     . TYR B 2 9  ? 8.131   -2.940  4.369   1.00 18.24 ? 9   TYR P O     1 
ATOM   399  C  CB    . TYR B 2 9  ? 4.996   -2.863  3.495   1.00 17.18 ? 9   TYR P CB    1 
ATOM   400  C  CG    . TYR B 2 9  ? 3.542   -2.932  3.912   1.00 16.59 ? 9   TYR P CG    1 
ATOM   401  C  CD1   . TYR B 2 9  ? 3.033   -2.018  4.827   1.00 15.82 ? 9   TYR P CD1   1 
ATOM   402  C  CD2   . TYR B 2 9  ? 2.727   -3.972  3.466   1.00 16.63 ? 9   TYR P CD2   1 
ATOM   403  C  CE1   . TYR B 2 9  ? 1.704   -2.157  5.311   1.00 16.66 ? 9   TYR P CE1   1 
ATOM   404  C  CE2   . TYR B 2 9  ? 1.412   -4.135  3.924   1.00 16.96 ? 9   TYR P CE2   1 
ATOM   405  C  CZ    . TYR B 2 9  ? 0.923   -3.210  4.856   1.00 15.58 ? 9   TYR P CZ    1 
ATOM   406  O  OH    . TYR B 2 9  ? -0.361  -3.445  5.299   1.00 18.90 ? 9   TYR P OH    1 
ATOM   407  N  N     . GLU B 2 10 ? 7.566   -4.413  2.743   1.00 18.13 ? 10  GLU P N     1 
ATOM   408  C  CA    . GLU B 2 10 ? 8.879   -4.400  2.084   1.00 19.17 ? 10  GLU P CA    1 
ATOM   409  C  C     . GLU B 2 10 ? 8.720   -4.764  0.615   1.00 18.22 ? 10  GLU P C     1 
ATOM   410  O  O     . GLU B 2 10 ? 7.785   -5.469  0.263   1.00 17.94 ? 10  GLU P O     1 
ATOM   411  C  CB    . GLU B 2 10 ? 9.843   -5.429  2.719   1.00 19.08 ? 10  GLU P CB    1 
ATOM   412  C  CG    . GLU B 2 10 ? 9.306   -6.859  2.687   1.00 18.69 ? 10  GLU P CG    1 
ATOM   413  C  CD    . GLU B 2 10 ? 10.107  -7.822  3.593   1.00 20.75 ? 10  GLU P CD    1 
ATOM   414  O  OE1   . GLU B 2 10 ? 9.744   -8.994  3.641   1.00 24.22 ? 10  GLU P OE1   1 
ATOM   415  O  OE2   . GLU B 2 10 ? 11.066  -7.374  4.220   1.00 25.34 ? 10  GLU P OE2   1 
ATOM   416  N  N     . THR B 2 11 ? 9.648   -4.289  -0.205  1.00 18.58 ? 11  THR P N     1 
ATOM   417  C  CA    . THR B 2 11 ? 9.660   -4.600  -1.641  1.00 18.34 ? 11  THR P CA    1 
ATOM   418  C  C     . THR B 2 11 ? 10.004  -6.075  -1.687  1.00 17.71 ? 11  THR P C     1 
ATOM   419  O  O     . THR B 2 11 ? 10.707  -6.619  -0.803  1.00 17.45 ? 11  THR P O     1 
ATOM   420  C  CB    . THR B 2 11 ? 10.697  -3.756  -2.417  1.00 20.85 ? 11  THR P CB    1 
ATOM   421  O  OG1   . THR B 2 11 ? 11.923  -3.730  -1.691  1.00 25.28 ? 11  THR P OG1   1 
ATOM   422  C  CG2   . THR B 2 11 ? 10.244  -2.314  -2.594  1.00 21.61 ? 11  THR P CG2   1 
ATOM   423  N  N     . ALA B 2 12 ? 9.473   -6.749  -2.704  1.00 16.44 ? 12  ALA P N     1 
ATOM   424  C  CA    . ALA B 2 12 ? 9.690   -8.181  -2.831  1.00 17.19 ? 12  ALA P CA    1 
ATOM   425  C  C     . ALA B 2 12 ? 9.404   -8.543  -4.271  1.00 17.15 ? 12  ALA P C     1 
ATOM   426  O  O     . ALA B 2 12 ? 8.810   -7.755  -4.994  1.00 17.72 ? 12  ALA P O     1 
ATOM   427  C  CB    . ALA B 2 12 ? 8.722   -8.913  -1.899  1.00 19.21 ? 12  ALA P CB    1 
ATOM   428  N  N     . GLU B 2 13 ? 9.792   -9.746  -4.661  1.00 16.14 ? 13  GLU P N     1 
ATOM   429  C  CA    . GLU B 2 13 ? 9.639   -10.207 -5.996  1.00 16.51 ? 13  GLU P CA    1 
ATOM   430  C  C     . GLU B 2 13 ? 8.485   -11.127 -6.250  1.00 15.56 ? 13  GLU P C     1 
ATOM   431  O  O     . GLU B 2 13 ? 8.170   -11.998 -5.445  1.00 15.47 ? 13  GLU P O     1 
ATOM   432  C  CB    . GLU B 2 13 ? 10.962  -10.893 -6.413  1.00 15.27 ? 13  GLU P CB    1 
ATOM   433  C  CG    . GLU B 2 13 ? 12.067  -9.819  -6.510  1.00 16.94 ? 13  GLU P CG    1 
ATOM   434  C  CD    . GLU B 2 13 ? 13.463  -10.353 -6.803  1.00 19.08 ? 13  GLU P CD    1 
ATOM   435  O  OE1   . GLU B 2 13 ? 13.750  -11.535 -6.490  1.00 19.36 ? 13  GLU P OE1   1 
ATOM   436  O  OE2   . GLU B 2 13 ? 14.279  -9.512  -7.301  1.00 18.43 ? 13  GLU P OE2   1 
ATOM   437  N  N     . GLY B 2 14 ? 7.765   -10.824 -7.316  1.00 14.42 ? 14  GLY P N     1 
ATOM   438  C  CA    . GLY B 2 14 ? 6.708   -11.712 -7.765  1.00 17.01 ? 14  GLY P CA    1 
ATOM   439  C  C     . GLY B 2 14 ? 5.428   -11.773 -6.954  1.00 17.74 ? 14  GLY P C     1 
ATOM   440  O  O     . GLY B 2 14 ? 4.617   -12.681 -7.163  1.00 19.25 ? 14  GLY P O     1 
ATOM   441  N  N     . VAL B 2 15 ? 5.235   -10.808 -6.078  1.00 16.73 ? 15  VAL P N     1 
ATOM   442  C  CA    . VAL B 2 15 ? 4.037   -10.778 -5.244  1.00 16.80 ? 15  VAL P CA    1 
ATOM   443  C  C     . VAL B 2 15 ? 3.427   -9.376  -5.242  1.00 15.23 ? 15  VAL P C     1 
ATOM   444  O  O     . VAL B 2 15 ? 4.087   -8.386  -5.524  1.00 15.74 ? 15  VAL P O     1 
ATOM   445  C  CB    . VAL B 2 15 ? 4.395   -11.230 -3.819  1.00 17.45 ? 15  VAL P CB    1 
ATOM   446  C  CG1   . VAL B 2 15 ? 4.857   -12.697 -3.851  1.00 17.36 ? 15  VAL P CG1   1 
ATOM   447  C  CG2   . VAL B 2 15 ? 5.481   -10.273 -3.245  1.00 18.52 ? 15  VAL P CG2   1 
ATOM   448  N  N     . SER B 2 16 ? 2.138   -9.300  -4.999  1.00 16.61 ? 16  SER P N     1 
ATOM   449  C  CA    . SER B 2 16 ? 1.473   -7.999  -4.975  1.00 17.14 ? 16  SER P CA    1 
ATOM   450  C  C     . SER B 2 16 ? 0.467   -7.928  -3.821  1.00 16.84 ? 16  SER P C     1 
ATOM   451  O  O     . SER B 2 16 ? 0.121   -8.953  -3.193  1.00 18.24 ? 16  SER P O     1 
ATOM   452  C  CB    . SER B 2 16 ? 0.722   -7.768  -6.279  1.00 18.84 ? 16  SER P CB    1 
ATOM   453  O  OG    . SER B 2 16 ? -0.427  -8.608  -6.302  1.00 20.26 ? 16  SER P OG    1 
ATOM   454  N  N     . LEU B 2 17 ? 0.015   -6.712  -3.558  1.00 15.24 ? 17  LEU P N     1 
ATOM   455  C  CA    . LEU B 2 17 ? -0.981  -6.415  -2.511  1.00 14.95 ? 17  LEU P CA    1 
ATOM   456  C  C     . LEU B 2 17 ? -2.039  -5.500  -3.071  1.00 13.31 ? 17  LEU P C     1 
ATOM   457  O  O     . LEU B 2 17 ? -1.733  -4.582  -3.806  1.00 14.20 ? 17  LEU P O     1 
ATOM   458  C  CB    . LEU B 2 17 ? -0.356  -5.680  -1.317  1.00 17.81 ? 17  LEU P CB    1 
ATOM   459  C  CG    . LEU B 2 17 ? 0.478   -6.486  -0.339  1.00 21.52 ? 17  LEU P CG    1 
ATOM   460  C  CD1   . LEU B 2 17 ? 1.187   -5.510  0.561   1.00 20.94 ? 17  LEU P CD1   1 
ATOM   461  C  CD2   . LEU B 2 17 ? -0.374  -7.427  0.444   1.00 22.43 ? 17  LEU P CD2   1 
ATOM   462  N  N     . PRO B 2 18 ? -3.323  -5.759  -2.774  1.00 13.40 ? 18  PRO P N     1 
ATOM   463  C  CA    . PRO B 2 18 ? -4.340  -4.870  -3.291  1.00 13.33 ? 18  PRO P CA    1 
ATOM   464  C  C     . PRO B 2 18 ? -4.106  -3.493  -2.676  1.00 12.22 ? 18  PRO P C     1 
ATOM   465  O  O     . PRO B 2 18 ? -3.790  -3.410  -1.447  1.00 13.60 ? 18  PRO P O     1 
ATOM   466  C  CB    . PRO B 2 18 ? -5.659  -5.435  -2.725  1.00 11.96 ? 18  PRO P CB    1 
ATOM   467  C  CG    . PRO B 2 18 ? -5.341  -6.913  -2.552  1.00 14.78 ? 18  PRO P CG    1 
ATOM   468  C  CD    . PRO B 2 18 ? -3.906  -6.947  -2.103  1.00 13.99 ? 18  PRO P CD    1 
ATOM   469  N  N     . ARG B 2 19 ? -4.305  -2.425  -3.452  1.00 12.34 ? 19  ARG P N     1 
ATOM   470  C  CA    . ARG B 2 19 ? -4.104  -1.106  -2.878  1.00 12.65 ? 19  ARG P CA    1 
ATOM   471  C  C     . ARG B 2 19 ? -5.065  -0.791  -1.747  1.00 14.62 ? 19  ARG P C     1 
ATOM   472  O  O     . ARG B 2 19 ? -4.682  -0.169  -0.741  1.00 15.40 ? 19  ARG P O     1 
ATOM   473  C  CB    . ARG B 2 19 ? -4.233  -0.007  -3.957  1.00 12.37 ? 19  ARG P CB    1 
ATOM   474  C  CG    . ARG B 2 19 ? -3.165  -0.174  -4.987  1.00 11.10 ? 19  ARG P CG    1 
ATOM   475  C  CD    . ARG B 2 19 ? -3.093  1.054   -5.918  1.00 12.15 ? 19  ARG P CD    1 
ATOM   476  N  NE    . ARG B 2 19 ? -2.021  0.930   -6.959  1.00 13.85 ? 19  ARG P NE    1 
ATOM   477  C  CZ    . ARG B 2 19 ? -1.960  1.639   -8.087  1.00 14.08 ? 19  ARG P CZ    1 
ATOM   478  N  NH1   . ARG B 2 19 ? -2.889  2.536   -8.428  1.00 14.01 ? 19  ARG P NH1   1 
ATOM   479  N  NH2   . ARG B 2 19 ? -0.907  1.469   -8.869  1.00 17.23 ? 19  ARG P NH2   1 
ATOM   480  N  N     . SER B 2 20 ? -6.316  -1.252  -1.866  1.00 13.88 ? 20  SER P N     1 
ATOM   481  C  CA    . SER B 2 20 ? -7.306  -0.933  -0.811  1.00 15.79 ? 20  SER P CA    1 
ATOM   482  C  C     . SER B 2 20 ? -6.956  -1.474  0.597   1.00 15.40 ? 20  SER P C     1 
ATOM   483  O  O     . SER B 2 20 ? -7.114  -0.770  1.595   1.00 15.02 ? 20  SER P O     1 
ATOM   484  C  CB    . SER B 2 20 ? -8.704  -1.446  -1.201  1.00 18.40 ? 20  SER P CB    1 
ATOM   485  O  OG    . SER B 2 20 ? -8.666  -2.842  -1.456  1.00 23.90 ? 20  SER P OG    1 
ATOM   486  N  N     . THR B 2 21 ? -6.505  -2.711  0.657   1.00 16.72 ? 21  THR P N     1 
ATOM   487  C  CA    . THR B 2 21 ? -6.249  -3.260  1.992   1.00 17.91 ? 21  THR P CA    1 
ATOM   488  C  C     . THR B 2 21 ? -5.027  -2.570  2.582   1.00 17.48 ? 21  THR P C     1 
ATOM   489  O  O     . THR B 2 21 ? -4.987  -2.321  3.778   1.00 17.52 ? 21  THR P O     1 
ATOM   490  C  CB    . THR B 2 21 ? -6.140  -4.771  1.959   1.00 19.62 ? 21  THR P CB    1 
ATOM   491  O  OG1   . THR B 2 21 ? -6.181  -5.288  3.317   1.00 23.37 ? 21  THR P OG1   1 
ATOM   492  C  CG2   . THR B 2 21 ? -4.835  -5.203  1.234   1.00 19.48 ? 21  THR P CG2   1 
ATOM   493  N  N     . LEU B 2 22 ? -4.073  -2.176  1.746   1.00 17.07 ? 22  LEU P N     1 
ATOM   494  C  CA    . LEU B 2 22 ? -2.924  -1.461  2.269   1.00 15.01 ? 22  LEU P CA    1 
ATOM   495  C  C     . LEU B 2 22 ? -3.375  -0.077  2.794   1.00 12.49 ? 22  LEU P C     1 
ATOM   496  O  O     . LEU B 2 22 ? -3.009  0.309   3.923   1.00 11.61 ? 22  LEU P O     1 
ATOM   497  C  CB    . LEU B 2 22 ? -1.884  -1.292  1.188   1.00 18.47 ? 22  LEU P CB    1 
ATOM   498  C  CG    . LEU B 2 22 ? -0.687  -0.427  1.484   1.00 22.82 ? 22  LEU P CG    1 
ATOM   499  C  CD1   . LEU B 2 22 ? -0.005  -0.698  2.802   1.00 25.51 ? 22  LEU P CD1   1 
ATOM   500  C  CD2   . LEU B 2 22 ? 0.280   -0.780  0.315   1.00 26.24 ? 22  LEU P CD2   1 
ATOM   501  N  N     . TYR B 2 23 ? -4.205  0.653   2.024   1.00 10.83 ? 23  TYR P N     1 
ATOM   502  C  CA    . TYR B 2 23 ? -4.657  1.956   2.470   1.00 11.39 ? 23  TYR P CA    1 
ATOM   503  C  C     . TYR B 2 23 ? -5.549  1.770   3.706   1.00 11.65 ? 23  TYR P C     1 
ATOM   504  O  O     . TYR B 2 23 ? -5.479  2.564   4.639   1.00 12.79 ? 23  TYR P O     1 
ATOM   505  C  CB    . TYR B 2 23 ? -5.418  2.647   1.355   1.00 13.15 ? 23  TYR P CB    1 
ATOM   506  C  CG    . TYR B 2 23 ? -5.887  4.023   1.726   1.00 12.95 ? 23  TYR P CG    1 
ATOM   507  C  CD1   . TYR B 2 23 ? -5.001  5.095   1.997   1.00 13.45 ? 23  TYR P CD1   1 
ATOM   508  C  CD2   . TYR B 2 23 ? -7.256  4.289   1.819   1.00 15.46 ? 23  TYR P CD2   1 
ATOM   509  C  CE1   . TYR B 2 23 ? -5.451  6.362   2.337   1.00 13.69 ? 23  TYR P CE1   1 
ATOM   510  C  CE2   . TYR B 2 23 ? -7.718  5.536   2.161   1.00 16.91 ? 23  TYR P CE2   1 
ATOM   511  C  CZ    . TYR B 2 23 ? -6.839  6.578   2.425   1.00 14.97 ? 23  TYR P CZ    1 
ATOM   512  O  OH    . TYR B 2 23 ? -7.343  7.805   2.752   1.00 16.87 ? 23  TYR P OH    1 
ATOM   513  N  N     . ASN B 2 24 ? -6.367  0.717   3.691   1.00 13.14 ? 24  ASN P N     1 
ATOM   514  C  CA    . ASN B 2 24 ? -7.197  0.448   4.865   1.00 13.57 ? 24  ASN P CA    1 
ATOM   515  C  C     . ASN B 2 24 ? -6.358  0.213   6.135   1.00 13.72 ? 24  ASN P C     1 
ATOM   516  O  O     . ASN B 2 24 ? -6.743  0.646   7.224   1.00 14.74 ? 24  ASN P O     1 
ATOM   517  C  CB    . ASN B 2 24 ? -8.119  -0.729  4.605   1.00 15.24 ? 24  ASN P CB    1 
ATOM   518  C  CG    . ASN B 2 24 ? -9.336  -0.311  3.810   1.00 13.38 ? 24  ASN P CG    1 
ATOM   519  O  OD1   . ASN B 2 24 ? -10.008 -1.131  3.180   1.00 18.10 ? 24  ASN P OD1   1 
ATOM   520  N  ND2   . ASN B 2 24 ? -9.612  0.941   3.836   1.00 11.27 ? 24  ASN P ND2   1 
ATOM   521  N  N     . HIS B 2 25 ? -5.227  -0.474  6.012   1.00 13.00 ? 25  HIS P N     1 
ATOM   522  C  CA    . HIS B 2 25 ? -4.364  -0.683  7.159   1.00 13.16 ? 25  HIS P CA    1 
ATOM   523  C  C     . HIS B 2 25 ? -3.815  0.692   7.602   1.00 13.71 ? 25  HIS P C     1 
ATOM   524  O  O     . HIS B 2 25 ? -3.719  1.025   8.794   1.00 13.63 ? 25  HIS P O     1 
ATOM   525  C  CB    . HIS B 2 25 ? -3.233  -1.594  6.723   1.00 15.16 ? 25  HIS P CB    1 
ATOM   526  C  CG    . HIS B 2 25 ? -2.375  -2.040  7.852   1.00 18.55 ? 25  HIS P CG    1 
ATOM   527  N  ND1   . HIS B 2 25 ? -1.178  -2.696  7.650   1.00 19.98 ? 25  HIS P ND1   1 
ATOM   528  C  CD2   . HIS B 2 25 ? -2.527  -1.919  9.193   1.00 19.38 ? 25  HIS P CD2   1 
ATOM   529  C  CE1   . HIS B 2 25 ? -0.630  -2.964  8.823   1.00 20.79 ? 25  HIS P CE1   1 
ATOM   530  N  NE2   . HIS B 2 25 ? -1.430  -2.510  9.775   1.00 21.75 ? 25  HIS P NE2   1 
ATOM   531  N  N     . TYR B 2 26 ? -3.378  1.500   6.631   1.00 12.62 ? 26  TYR P N     1 
ATOM   532  C  CA    . TYR B 2 26 ? -2.893  2.841   6.980   1.00 13.51 ? 26  TYR P CA    1 
ATOM   533  C  C     . TYR B 2 26 ? -3.954  3.657   7.737   1.00 14.58 ? 26  TYR P C     1 
ATOM   534  O  O     . TYR B 2 26 ? -3.623  4.421   8.662   1.00 15.27 ? 26  TYR P O     1 
ATOM   535  C  CB    . TYR B 2 26 ? -2.474  3.588   5.690   1.00 12.26 ? 26  TYR P CB    1 
ATOM   536  C  CG    . TYR B 2 26 ? -2.363  5.087   5.804   1.00 12.47 ? 26  TYR P CG    1 
ATOM   537  C  CD1   . TYR B 2 26 ? -3.390  5.941   5.326   1.00 12.54 ? 26  TYR P CD1   1 
ATOM   538  C  CD2   . TYR B 2 26 ? -1.231  5.697   6.396   1.00 14.93 ? 26  TYR P CD2   1 
ATOM   539  C  CE1   . TYR B 2 26 ? -3.299  7.272   5.421   1.00 14.15 ? 26  TYR P CE1   1 
ATOM   540  C  CE2   . TYR B 2 26 ? -1.150  7.042   6.505   1.00 16.24 ? 26  TYR P CE2   1 
ATOM   541  C  CZ    . TYR B 2 26 ? -2.197  7.829   6.023   1.00 15.60 ? 26  TYR P CZ    1 
ATOM   542  O  OH    . TYR B 2 26 ? -2.190  9.180   6.214   1.00 19.02 ? 26  TYR P OH    1 
ATOM   543  N  N     . LEU B 2 27 ? -5.221  3.541   7.342   1.00 15.45 ? 27  LEU P N     1 
ATOM   544  C  CA    . LEU B 2 27 ? -6.251  4.313   8.018   1.00 16.84 ? 27  LEU P CA    1 
ATOM   545  C  C     . LEU B 2 27 ? -6.408  3.846   9.468   1.00 17.76 ? 27  LEU P C     1 
ATOM   546  O  O     . LEU B 2 27 ? -6.679  4.657   10.364  1.00 18.66 ? 27  LEU P O     1 
ATOM   547  C  CB    . LEU B 2 27 ? -7.549  4.173   7.290   1.00 14.94 ? 27  LEU P CB    1 
ATOM   548  C  CG    . LEU B 2 27 ? -7.628  4.865   5.930   1.00 15.61 ? 27  LEU P CG    1 
ATOM   549  C  CD1   . LEU B 2 27 ? -9.026  4.487   5.355   1.00 17.26 ? 27  LEU P CD1   1 
ATOM   550  C  CD2   . LEU B 2 27 ? -7.366  6.383   6.038   1.00 15.87 ? 27  LEU P CD2   1 
ATOM   551  N  N     . LEU B 2 28 ? -6.239  2.551   9.713   1.00 18.66 ? 28  LEU P N     1 
ATOM   552  C  CA    . LEU B 2 28 ? -6.329  2.099   11.122  1.00 21.11 ? 28  LEU P CA    1 
ATOM   553  C  C     . LEU B 2 28 ? -5.158  2.648   11.925  1.00 22.35 ? 28  LEU P C     1 
ATOM   554  O  O     . LEU B 2 28 ? -5.304  3.104   13.075  1.00 23.94 ? 28  LEU P O     1 
ATOM   555  C  CB    . LEU B 2 28 ? -6.338  0.585   11.210  1.00 22.21 ? 28  LEU P CB    1 
ATOM   556  C  CG    . LEU B 2 28 ? -7.511  -0.160  10.592  1.00 24.13 ? 28  LEU P CG    1 
ATOM   557  C  CD1   . LEU B 2 28 ? -7.270  -1.662  10.865  1.00 26.08 ? 28  LEU P CD1   1 
ATOM   558  C  CD2   . LEU B 2 28 ? -8.872  0.315   11.160  1.00 27.20 ? 28  LEU P CD2   1 
ATOM   559  N  N     . HIS B 2 29 ? -3.964  2.597   11.339  1.00 22.20 ? 29  HIS P N     1 
ATOM   560  C  CA    . HIS B 2 29 ? -2.786  3.109   11.996  1.00 21.88 ? 29  HIS P CA    1 
ATOM   561  C  C     . HIS B 2 29 ? -2.969  4.569   12.322  1.00 22.92 ? 29  HIS P C     1 
ATOM   562  O  O     . HIS B 2 29 ? -2.633  5.022   13.427  1.00 21.07 ? 29  HIS P O     1 
ATOM   563  C  CB    . HIS B 2 29 ? -1.560  2.938   11.083  1.00 22.65 ? 29  HIS P CB    1 
ATOM   564  C  CG    . HIS B 2 29 ? -0.358  3.731   11.511  1.00 22.59 ? 29  HIS P CG    1 
ATOM   565  N  ND1   . HIS B 2 29 ? 0.378   3.420   12.636  1.00 25.73 ? 29  HIS P ND1   1 
ATOM   566  C  CD2   . HIS B 2 29 ? 0.210   4.839   10.981  1.00 24.26 ? 29  HIS P CD2   1 
ATOM   567  C  CE1   . HIS B 2 29 ? 1.346   4.307   12.782  1.00 24.06 ? 29  HIS P CE1   1 
ATOM   568  N  NE2   . HIS B 2 29 ? 1.270   5.179   11.792  1.00 24.29 ? 29  HIS P NE2   1 
ATOM   569  N  N     . SER B 2 30 ? -3.497  5.324   11.363  1.00 22.26 ? 30  SER P N     1 
ATOM   570  C  CA    . SER B 2 30 ? -3.680  6.743   11.545  1.00 23.87 ? 30  SER P CA    1 
ATOM   571  C  C     . SER B 2 30 ? -4.656  6.995   12.701  1.00 26.09 ? 30  SER P C     1 
ATOM   572  O  O     . SER B 2 30 ? -4.373  7.792   13.602  1.00 27.18 ? 30  SER P O     1 
ATOM   573  C  CB    . SER B 2 30 ? -4.204  7.372   10.250  1.00 23.59 ? 30  SER P CB    1 
ATOM   574  O  OG    . SER B 2 30 ? -3.188  7.228   9.253   1.00 23.96 ? 30  SER P OG    1 
ATOM   575  N  N     . GLN B 2 31 ? -5.784  6.302   12.676  1.00 27.21 ? 31  GLN P N     1 
ATOM   576  C  CA    . GLN B 2 31 ? -6.803  6.463   13.716  1.00 30.19 ? 31  GLN P CA    1 
ATOM   577  C  C     . GLN B 2 31 ? -6.238  6.058   15.069  1.00 31.69 ? 31  GLN P C     1 
ATOM   578  O  O     . GLN B 2 31 ? -6.416  6.764   16.061  1.00 32.16 ? 31  GLN P O     1 
ATOM   579  C  CB    . GLN B 2 31 ? -8.025  5.587   13.443  1.00 31.07 ? 31  GLN P CB    1 
ATOM   580  C  CG    . GLN B 2 31 ? -9.001  5.595   14.630  1.00 34.42 ? 31  GLN P CG    1 
ATOM   581  C  CD    . GLN B 2 31 ? -10.094 4.551   14.532  1.00 35.85 ? 31  GLN P CD    1 
ATOM   582  O  OE1   . GLN B 2 31 ? -10.995 4.504   15.369  1.00 38.01 ? 31  GLN P OE1   1 
ATOM   583  N  NE2   . GLN B 2 31 ? -10.016 3.700   13.519  1.00 38.32 ? 31  GLN P NE2   1 
ATOM   584  N  N     . GLU B 2 32 ? -5.563  4.922   15.113  1.00 32.85 ? 32  GLU P N     1 
ATOM   585  C  CA    . GLU B 2 32 ? -5.003  4.465   16.369  1.00 35.12 ? 32  GLU P CA    1 
ATOM   586  C  C     . GLU B 2 32 ? -3.942  5.374   16.935  1.00 35.56 ? 32  GLU P C     1 
ATOM   587  O  O     . GLU B 2 32 ? -3.831  5.498   18.160  1.00 36.30 ? 32  GLU P O     1 
ATOM   588  C  CB    . GLU B 2 32 ? -4.467  3.043   16.215  1.00 36.30 ? 32  GLU P CB    1 
ATOM   589  C  CG    . GLU B 2 32 ? -5.603  2.049   16.256  1.00 38.80 ? 32  GLU P CG    1 
ATOM   590  C  CD    . GLU B 2 32 ? -5.170  0.648   15.934  1.00 40.99 ? 32  GLU P CD    1 
ATOM   591  O  OE1   . GLU B 2 32 ? -4.048  0.270   16.371  1.00 42.44 ? 32  GLU P OE1   1 
ATOM   592  O  OE2   . GLU B 2 32 ? -5.963  -0.070  15.259  1.00 40.66 ? 32  GLU P OE2   1 
ATOM   593  N  N     . GLN B 2 33 ? -3.168  6.017   16.070  1.00 35.71 ? 33  GLN P N     1 
ATOM   594  C  CA    . GLN B 2 33 ? -2.118  6.916   16.530  1.00 36.04 ? 33  GLN P CA    1 
ATOM   595  C  C     . GLN B 2 33 ? -2.553  8.378   16.573  1.00 35.98 ? 33  GLN P C     1 
ATOM   596  O  O     . GLN B 2 33 ? -1.721  9.259   16.771  1.00 36.94 ? 33  GLN P O     1 
ATOM   597  C  CB    . GLN B 2 33 ? -0.884  6.778   15.634  1.00 36.45 ? 33  GLN P CB    1 
ATOM   598  C  CG    . GLN B 2 33 ? -0.388  5.354   15.539  1.00 37.82 ? 33  GLN P CG    1 
ATOM   599  C  CD    . GLN B 2 33 ? 0.147   4.847   16.847  1.00 39.22 ? 33  GLN P CD    1 
ATOM   600  O  OE1   . GLN B 2 33 ? -0.228  3.756   17.316  1.00 39.51 ? 33  GLN P OE1   1 
ATOM   601  N  NE2   . GLN B 2 33 ? 1.035   5.632   17.457  1.00 39.37 ? 33  GLN P NE2   1 
ATOM   602  N  N     . LYS B 2 34 ? -3.846  8.633   16.404  1.00 36.06 ? 34  LYS P N     1 
ATOM   603  C  CA    . LYS B 2 34 ? -4.368  10.003  16.412  1.00 36.35 ? 34  LYS P CA    1 
ATOM   604  C  C     . LYS B 2 34 ? -3.691  10.904  15.400  1.00 36.26 ? 34  LYS P C     1 
ATOM   605  O  O     . LYS B 2 34 ? -3.307  12.036  15.723  1.00 36.20 ? 34  LYS P O     1 
ATOM   606  C  CB    . LYS B 2 34 ? -4.208  10.651  17.791  1.00 37.63 ? 34  LYS P CB    1 
ATOM   607  C  CG    . LYS B 2 34 ? -4.608  9.789   18.956  1.00 39.20 ? 34  LYS P CG    1 
ATOM   608  C  CD    . LYS B 2 34 ? -5.991  9.243   18.775  1.00 41.20 ? 34  LYS P CD    1 
ATOM   609  C  CE    . LYS B 2 34 ? -6.560  8.730   20.097  1.00 42.55 ? 34  LYS P CE    1 
ATOM   610  N  NZ    . LYS B 2 34 ? -5.500  8.102   20.952  1.00 43.76 ? 34  LYS P NZ    1 
ATOM   611  N  N     . LEU B 2 35 ? -3.537  10.407  14.171  1.00 35.99 ? 35  LEU P N     1 
ATOM   612  C  CA    . LEU B 2 35 ? -2.919  11.175  13.081  1.00 35.02 ? 35  LEU P CA    1 
ATOM   613  C  C     . LEU B 2 35 ? -4.009  11.378  12.022  1.00 34.11 ? 35  LEU P C     1 
ATOM   614  O  O     . LEU B 2 35 ? -4.792  10.470  11.782  1.00 33.01 ? 35  LEU P O     1 
ATOM   615  C  CB    . LEU B 2 35 ? -1.754  10.380  12.485  1.00 36.64 ? 35  LEU P CB    1 
ATOM   616  C  CG    . LEU B 2 35 ? -0.326  10.627  12.994  1.00 37.88 ? 35  LEU P CG    1 
ATOM   617  C  CD1   . LEU B 2 35 ? 0.003   12.107  12.773  1.00 38.15 ? 35  LEU P CD1   1 
ATOM   618  C  CD2   . LEU B 2 35 ? -0.187  10.248  14.454  1.00 37.91 ? 35  LEU P CD2   1 
ATOM   619  N  N     . GLU B 2 36 ? -4.096  12.551  11.398  1.00 33.47 ? 36  GLU P N     1 
ATOM   620  C  CA    . GLU B 2 36 ? -5.149  12.731  10.397  1.00 32.45 ? 36  GLU P CA    1 
ATOM   621  C  C     . GLU B 2 36 ? -4.660  12.081  9.103   1.00 29.15 ? 36  GLU P C     1 
ATOM   622  O  O     . GLU B 2 36 ? -3.626  12.437  8.560   1.00 28.21 ? 36  GLU P O     1 
ATOM   623  C  CB    . GLU B 2 36 ? -5.489  14.203  10.171  1.00 36.54 ? 36  GLU P CB    1 
ATOM   624  C  CG    . GLU B 2 36 ? -4.392  15.014  9.547   1.00 41.91 ? 36  GLU P CG    1 
ATOM   625  C  CD    . GLU B 2 36 ? -3.376  15.502  10.572  1.00 44.93 ? 36  GLU P CD    1 
ATOM   626  O  OE1   . GLU B 2 36 ? -2.448  16.256  10.183  1.00 46.78 ? 36  GLU P OE1   1 
ATOM   627  O  OE2   . GLU B 2 36 ? -3.515  15.131  11.763  1.00 47.01 ? 36  GLU P OE2   1 
ATOM   628  N  N     . PRO B 2 37 ? -5.399  11.089  8.620   1.00 27.06 ? 37  PRO P N     1 
ATOM   629  C  CA    . PRO B 2 37 ? -5.010  10.379  7.389   1.00 23.84 ? 37  PRO P CA    1 
ATOM   630  C  C     . PRO B 2 37 ? -5.098  11.200  6.136   1.00 21.62 ? 37  PRO P C     1 
ATOM   631  O  O     . PRO B 2 37 ? -5.982  12.028  6.024   1.00 22.03 ? 37  PRO P O     1 
ATOM   632  C  CB    . PRO B 2 37 ? -5.996  9.234   7.343   1.00 24.70 ? 37  PRO P CB    1 
ATOM   633  C  CG    . PRO B 2 37 ? -7.215  9.910   7.828   1.00 27.04 ? 37  PRO P CG    1 
ATOM   634  C  CD    . PRO B 2 37 ? -6.728  10.634  9.066   1.00 26.53 ? 37  PRO P CD    1 
ATOM   635  N  N     . VAL B 2 38 ? -4.177  10.951  5.203   1.00 18.10 ? 38  VAL P N     1 
ATOM   636  C  CA    . VAL B 2 38 ? -4.210  11.631  3.897   1.00 17.45 ? 38  VAL P CA    1 
ATOM   637  C  C     . VAL B 2 38 ? -5.126  10.766  3.038   1.00 15.76 ? 38  VAL P C     1 
ATOM   638  O  O     . VAL B 2 38 ? -5.458  9.658   3.422   1.00 17.17 ? 38  VAL P O     1 
ATOM   639  C  CB    . VAL B 2 38 ? -2.829  11.750  3.213   1.00 17.07 ? 38  VAL P CB    1 
ATOM   640  C  CG1   . VAL B 2 38 ? -1.855  12.537  4.134   1.00 19.12 ? 38  VAL P CG1   1 
ATOM   641  C  CG2   . VAL B 2 38 ? -2.279  10.381  2.863   1.00 17.18 ? 38  VAL P CG2   1 
ATOM   642  N  N     . ASN B 2 39 ? -5.549  11.278  1.882   1.00 15.97 ? 39  ASN P N     1 
ATOM   643  C  CA    . ASN B 2 39 ? -6.431  10.496  1.044   1.00 14.56 ? 39  ASN P CA    1 
ATOM   644  C  C     . ASN B 2 39 ? -5.645  9.448   0.220   1.00 13.17 ? 39  ASN P C     1 
ATOM   645  O  O     . ASN B 2 39 ? -4.400  9.351   0.281   1.00 11.95 ? 39  ASN P O     1 
ATOM   646  C  CB    . ASN B 2 39 ? -7.307  11.417  0.144   1.00 15.38 ? 39  ASN P CB    1 
ATOM   647  C  CG    . ASN B 2 39 ? -6.496  12.121  -0.954  1.00 15.81 ? 39  ASN P CG    1 
ATOM   648  O  OD1   . ASN B 2 39 ? -5.326  11.852  -1.145  1.00 16.00 ? 39  ASN P OD1   1 
ATOM   649  N  ND2   . ASN B 2 39 ? -7.141  13.051  -1.683  1.00 18.22 ? 39  ASN P ND2   1 
ATOM   650  N  N     . ALA B 2 40 ? -6.368  8.612   -0.519  1.00 12.26 ? 40  ALA P N     1 
ATOM   651  C  CA    . ALA B 2 40 ? -5.730  7.502   -1.253  1.00 11.11 ? 40  ALA P CA    1 
ATOM   652  C  C     . ALA B 2 40 ? -4.725  7.977   -2.305  1.00 11.38 ? 40  ALA P C     1 
ATOM   653  O  O     . ALA B 2 40 ? -3.687  7.341   -2.455  1.00 11.71 ? 40  ALA P O     1 
ATOM   654  C  CB    . ALA B 2 40 ? -6.806  6.580   -1.887  1.00 14.21 ? 40  ALA P CB    1 
ATOM   655  N  N     . ALA B 2 41 ? -4.981  9.102   -2.970  1.00 11.31 ? 41  ALA P N     1 
ATOM   656  C  CA    . ALA B 2 41 ? -4.052  9.602   -3.977  1.00 12.75 ? 41  ALA P CA    1 
ATOM   657  C  C     . ALA B 2 41 ? -2.742  10.059  -3.280  1.00 11.98 ? 41  ALA P C     1 
ATOM   658  O  O     . ALA B 2 41 ? -1.628  9.734   -3.721  1.00 12.30 ? 41  ALA P O     1 
ATOM   659  C  CB    . ALA B 2 41 ? -4.688  10.787  -4.706  1.00 12.39 ? 41  ALA P CB    1 
ATOM   660  N  N     . SER B 2 42 ? -2.894  10.830  -2.200  1.00 12.71 ? 42  SER P N     1 
ATOM   661  C  CA    . SER B 2 42 ? -1.735  11.302  -1.447  1.00 13.18 ? 42  SER P CA    1 
ATOM   662  C  C     . SER B 2 42 ? -0.975  10.102  -0.873  1.00 13.60 ? 42  SER P C     1 
ATOM   663  O  O     . SER B 2 42 ? 0.262   10.093  -0.823  1.00 14.20 ? 42  SER P O     1 
ATOM   664  C  CB    . SER B 2 42 ? -2.186  12.191  -0.292  1.00 14.86 ? 42  SER P CB    1 
ATOM   665  O  OG    . SER B 2 42 ? -2.687  13.427  -0.780  1.00 20.23 ? 42  SER P OG    1 
ATOM   666  N  N     . PHE B 2 43 ? -1.706  9.070   -0.462  1.00 12.40 ? 43  PHE P N     1 
ATOM   667  C  CA    . PHE B 2 43 ? -1.031  7.890   0.077   1.00 13.37 ? 43  PHE P CA    1 
ATOM   668  C  C     . PHE B 2 43 ? -0.235  7.213   -1.027  1.00 12.35 ? 43  PHE P C     1 
ATOM   669  O  O     . PHE B 2 43 ? 0.846   6.657   -0.759  1.00 12.60 ? 43  PHE P O     1 
ATOM   670  C  CB    . PHE B 2 43 ? -2.050  6.919   0.693   1.00 11.97 ? 43  PHE P CB    1 
ATOM   671  C  CG    . PHE B 2 43 ? -1.432  5.661   1.263   1.00 11.99 ? 43  PHE P CG    1 
ATOM   672  C  CD1   . PHE B 2 43 ? -0.756  5.714   2.495   1.00 13.00 ? 43  PHE P CD1   1 
ATOM   673  C  CD2   . PHE B 2 43 ? -1.512  4.486   0.614   1.00 13.52 ? 43  PHE P CD2   1 
ATOM   674  C  CE1   . PHE B 2 43 ? -0.171  4.585   3.050   1.00 13.86 ? 43  PHE P CE1   1 
ATOM   675  C  CE2   . PHE B 2 43 ? -0.922  3.327   1.156   1.00 13.84 ? 43  PHE P CE2   1 
ATOM   676  C  CZ    . PHE B 2 43 ? -0.254  3.405   2.399   1.00 13.06 ? 43  PHE P CZ    1 
ATOM   677  N  N     . GLY B 2 44 ? -0.744  7.218   -2.260  1.00 12.44 ? 44  GLY P N     1 
ATOM   678  C  CA    . GLY B 2 44 ? 0.033   6.647   -3.356  1.00 11.30 ? 44  GLY P CA    1 
ATOM   679  C  C     . GLY B 2 44 ? 1.343   7.435   -3.515  1.00 12.43 ? 44  GLY P C     1 
ATOM   680  O  O     . GLY B 2 44 ? 2.387   6.842   -3.817  1.00 13.11 ? 44  GLY P O     1 
ATOM   681  N  N     . LYS B 2 45 ? 1.281   8.754   -3.334  1.00 12.05 ? 45  LYS P N     1 
ATOM   682  C  CA    . LYS B 2 45 ? 2.534   9.536   -3.473  1.00 14.20 ? 45  LYS P CA    1 
ATOM   683  C  C     . LYS B 2 45 ? 3.488   9.125   -2.371  1.00 15.06 ? 45  LYS P C     1 
ATOM   684  O  O     . LYS B 2 45 ? 4.667   8.915   -2.609  1.00 17.14 ? 45  LYS P O     1 
ATOM   685  C  CB    . LYS B 2 45 ? 2.252   11.046  -3.389  1.00 14.57 ? 45  LYS P CB    1 
ATOM   686  C  CG    . LYS B 2 45 ? 1.376   11.508  -4.570  1.00 14.03 ? 45  LYS P CG    1 
ATOM   687  C  CD    . LYS B 2 45 ? 1.151   13.000  -4.616  1.00 15.11 ? 45  LYS P CD    1 
ATOM   688  C  CE    . LYS B 2 45 ? 0.359   13.325  -5.857  1.00 14.13 ? 45  LYS P CE    1 
ATOM   689  N  NZ    . LYS B 2 45 ? 0.272   14.822  -5.840  1.00 15.18 ? 45  LYS P NZ    1 
ATOM   690  N  N     . LEU B 2 46 ? 2.958   8.957   -1.175  1.00 13.67 ? 46  LEU P N     1 
ATOM   691  C  CA    . LEU B 2 46 ? 3.821   8.594   -0.031  1.00 16.73 ? 46  LEU P CA    1 
ATOM   692  C  C     . LEU B 2 46 ? 4.473   7.220   -0.229  1.00 17.23 ? 46  LEU P C     1 
ATOM   693  O  O     . LEU B 2 46 ? 5.707   7.057   -0.089  1.00 19.71 ? 46  LEU P O     1 
ATOM   694  C  CB    . LEU B 2 46 ? 2.952   8.593   1.247   1.00 17.13 ? 46  LEU P CB    1 
ATOM   695  C  CG    . LEU B 2 46 ? 3.626   8.023   2.509   1.00 19.87 ? 46  LEU P CG    1 
ATOM   696  C  CD1   . LEU B 2 46 ? 4.718   8.949   2.925   1.00 20.87 ? 46  LEU P CD1   1 
ATOM   697  C  CD2   . LEU B 2 46 ? 2.590   7.843   3.601   1.00 20.81 ? 46  LEU P CD2   1 
ATOM   698  N  N     . ILE B 2 47 ? 3.692   6.225   -0.631  1.00 18.13 ? 47  ILE P N     1 
ATOM   699  C  CA    . ILE B 2 47 ? 4.259   4.907   -0.691  1.00 18.74 ? 47  ILE P CA    1 
ATOM   700  C  C     . ILE B 2 47 ? 5.286   4.787   -1.784  1.00 19.98 ? 47  ILE P C     1 
ATOM   701  O  O     . ILE B 2 47 ? 6.240   4.026   -1.629  1.00 19.78 ? 47  ILE P O     1 
ATOM   702  C  CB    . ILE B 2 47 ? 3.151   3.838   -0.778  1.00 20.55 ? 47  ILE P CB    1 
ATOM   703  C  CG1   . ILE B 2 47 ? 3.699   2.488   -0.295  1.00 23.72 ? 47  ILE P CG1   1 
ATOM   704  C  CG2   . ILE B 2 47 ? 2.598   3.810   -2.149  1.00 21.79 ? 47  ILE P CG2   1 
ATOM   705  C  CD1   . ILE B 2 47 ? 2.689   1.441   -0.136  1.00 24.40 ? 47  ILE P CD1   1 
ATOM   706  N  N     . ARG B 2 48 ? 5.122   5.532   -2.861  1.00 20.20 ? 48  ARG P N     1 
ATOM   707  C  CA    . ARG B 2 48 ? 6.126   5.454   -3.930  1.00 22.26 ? 48  ARG P CA    1 
ATOM   708  C  C     . ARG B 2 48 ? 7.374   6.238   -3.549  1.00 23.17 ? 48  ARG P C     1 
ATOM   709  O  O     . ARG B 2 48 ? 8.427   6.074   -4.186  1.00 23.82 ? 48  ARG P O     1 
ATOM   710  C  CB    . ARG B 2 48 ? 5.549   5.986   -5.240  1.00 22.30 ? 48  ARG P CB    1 
ATOM   711  C  CG    . ARG B 2 48 ? 4.426   5.112   -5.792  1.00 22.82 ? 48  ARG P CG    1 
ATOM   712  C  CD    . ARG B 2 48 ? 3.636   5.828   -6.905  1.00 22.36 ? 48  ARG P CD    1 
ATOM   713  N  NE    . ARG B 2 48 ? 2.494   5.029   -7.418  1.00 22.75 ? 48  ARG P NE    1 
ATOM   714  C  CZ    . ARG B 2 48 ? 2.605   4.048   -8.303  1.00 25.68 ? 48  ARG P CZ    1 
ATOM   715  N  NH1   . ARG B 2 48 ? 1.532   3.384   -8.730  1.00 25.22 ? 48  ARG P NH1   1 
ATOM   716  N  NH2   . ARG B 2 48 ? 3.819   3.708   -8.750  1.00 25.72 ? 48  ARG P NH2   1 
ATOM   717  N  N     . SER B 2 49 ? 7.288   7.072   -2.511  1.00 22.50 ? 49  SER P N     1 
ATOM   718  C  CA    . SER B 2 49 ? 8.485   7.823   -2.081  1.00 22.72 ? 49  SER P CA    1 
ATOM   719  C  C     . SER B 2 49 ? 9.276   6.934   -1.128  1.00 21.84 ? 49  SER P C     1 
ATOM   720  O  O     . SER B 2 49 ? 10.428  7.246   -0.804  1.00 24.72 ? 49  SER P O     1 
ATOM   721  C  CB    . SER B 2 49 ? 8.126   9.107   -1.347  1.00 22.50 ? 49  SER P CB    1 
ATOM   722  O  OG    . SER B 2 49 ? 7.606   8.860   -0.047  1.00 22.75 ? 49  SER P OG    1 
ATOM   723  N  N     . VAL B 2 50 ? 8.666   5.849   -0.666  1.00 20.55 ? 50  VAL P N     1 
ATOM   724  C  CA    . VAL B 2 50 ? 9.277   4.932   0.285   1.00 20.62 ? 50  VAL P CA    1 
ATOM   725  C  C     . VAL B 2 50 ? 9.759   3.648   -0.368  1.00 21.70 ? 50  VAL P C     1 
ATOM   726  O  O     . VAL B 2 50 ? 10.869  3.189   -0.082  1.00 23.26 ? 50  VAL P O     1 
ATOM   727  C  CB    . VAL B 2 50 ? 8.260   4.587   1.426   1.00 20.24 ? 50  VAL P CB    1 
ATOM   728  C  CG1   . VAL B 2 50 ? 8.805   3.499   2.384   1.00 20.93 ? 50  VAL P CG1   1 
ATOM   729  C  CG2   . VAL B 2 50 ? 7.921   5.883   2.210   1.00 19.29 ? 50  VAL P CG2   1 
ATOM   730  N  N     . PHE B 2 51 ? 8.913   3.049   -1.209  1.00 20.82 ? 51  PHE P N     1 
ATOM   731  C  CA    . PHE B 2 51 ? 9.249   1.815   -1.893  1.00 22.00 ? 51  PHE P CA    1 
ATOM   732  C  C     . PHE B 2 51 ? 9.490   2.107   -3.354  1.00 24.54 ? 51  PHE P C     1 
ATOM   733  O  O     . PHE B 2 51 ? 8.582   2.440   -4.085  1.00 24.79 ? 51  PHE P O     1 
ATOM   734  C  CB    . PHE B 2 51 ? 8.132   0.818   -1.712  1.00 18.38 ? 51  PHE P CB    1 
ATOM   735  C  CG    . PHE B 2 51 ? 7.898   0.491   -0.280  1.00 18.78 ? 51  PHE P CG    1 
ATOM   736  C  CD1   . PHE B 2 51 ? 6.735   0.894   0.361   1.00 18.77 ? 51  PHE P CD1   1 
ATOM   737  C  CD2   . PHE B 2 51 ? 8.850   -0.212  0.431   1.00 17.03 ? 51  PHE P CD2   1 
ATOM   738  C  CE1   . PHE B 2 51 ? 6.538   0.591   1.694   1.00 17.44 ? 51  PHE P CE1   1 
ATOM   739  C  CE2   . PHE B 2 51 ? 8.668   -0.534  1.793   1.00 18.59 ? 51  PHE P CE2   1 
ATOM   740  C  CZ    . PHE B 2 51 ? 7.531   -0.143  2.429   1.00 18.90 ? 51  PHE P CZ    1 
ATOM   741  N  N     . MET B 2 52 ? 10.742  1.969   -3.763  1.00 25.84 ? 52  MET P N     1 
ATOM   742  C  CA    . MET B 2 52 ? 11.153  2.251   -5.132  1.00 27.36 ? 52  MET P CA    1 
ATOM   743  C  C     . MET B 2 52 ? 10.775  1.149   -6.089  1.00 25.41 ? 52  MET P C     1 
ATOM   744  O  O     . MET B 2 52 ? 10.882  -0.012  -5.751  1.00 26.73 ? 52  MET P O     1 
ATOM   745  C  CB    . MET B 2 52 ? 12.675  2.441   -5.142  1.00 30.62 ? 52  MET P CB    1 
ATOM   746  C  CG    . MET B 2 52 ? 13.129  3.891   -5.270  1.00 35.54 ? 52  MET P CG    1 
ATOM   747  S  SD    . MET B 2 52 ? 12.309  5.055   -4.230  1.00 41.72 ? 52  MET P SD    1 
ATOM   748  C  CE    . MET B 2 52 ? 13.259  4.853   -2.619  1.00 40.59 ? 52  MET P CE    1 
ATOM   749  N  N     . GLY B 2 53 ? 10.334  1.489   -7.293  1.00 24.14 ? 53  GLY P N     1 
ATOM   750  C  CA    . GLY B 2 53 ? 10.055  0.449   -8.272  1.00 22.46 ? 53  GLY P CA    1 
ATOM   751  C  C     . GLY B 2 53 ? 8.732   -0.295  -8.239  1.00 21.75 ? 53  GLY P C     1 
ATOM   752  O  O     . GLY B 2 53 ? 8.569   -1.322  -8.928  1.00 21.11 ? 53  GLY P O     1 
ATOM   753  N  N     . LEU B 2 54 ? 7.771   0.192   -7.466  1.00 20.72 ? 54  LEU P N     1 
ATOM   754  C  CA    . LEU B 2 54 ? 6.505   -0.515  -7.444  1.00 21.19 ? 54  LEU P CA    1 
ATOM   755  C  C     . LEU B 2 54 ? 5.819   -0.410  -8.806  1.00 21.35 ? 54  LEU P C     1 
ATOM   756  O  O     . LEU B 2 54 ? 5.881   0.625   -9.462  1.00 22.46 ? 54  LEU P O     1 
ATOM   757  C  CB    . LEU B 2 54 ? 5.596   0.052   -6.365  1.00 22.66 ? 54  LEU P CB    1 
ATOM   758  C  CG    . LEU B 2 54 ? 5.950   -0.148  -4.886  1.00 24.12 ? 54  LEU P CG    1 
ATOM   759  C  CD1   . LEU B 2 54 ? 4.784   0.420   -4.047  1.00 25.15 ? 54  LEU P CD1   1 
ATOM   760  C  CD2   . LEU B 2 54 ? 6.127   -1.597  -4.564  1.00 26.05 ? 54  LEU P CD2   1 
ATOM   761  N  N     . ARG B 2 55 ? 5.177   -1.483  -9.218  1.00 20.11 ? 55  ARG P N     1 
ATOM   762  C  CA    . ARG B 2 55 ? 4.460   -1.519  -10.490 1.00 20.04 ? 55  ARG P CA    1 
ATOM   763  C  C     . ARG B 2 55 ? 2.949   -1.599  -10.260 1.00 19.51 ? 55  ARG P C     1 
ATOM   764  O  O     . ARG B 2 55 ? 2.473   -1.899  -9.152  1.00 20.08 ? 55  ARG P O     1 
ATOM   765  C  CB    . ARG B 2 55 ? 4.955   -2.690  -11.324 1.00 20.34 ? 55  ARG P CB    1 
ATOM   766  C  CG    . ARG B 2 55 ? 6.405   -2.458  -11.816 1.00 23.22 ? 55  ARG P CG    1 
ATOM   767  C  CD    . ARG B 2 55 ? 7.045   -3.731  -12.323 1.00 22.17 ? 55  ARG P CD    1 
ATOM   768  N  NE    . ARG B 2 55 ? 8.434   -3.438  -12.699 1.00 25.63 ? 55  ARG P NE    1 
ATOM   769  C  CZ    . ARG B 2 55 ? 8.782   -2.880  -13.857 1.00 26.00 ? 55  ARG P CZ    1 
ATOM   770  N  NH1   . ARG B 2 55 ? 7.855   -2.575  -14.762 1.00 23.95 ? 55  ARG P NH1   1 
ATOM   771  N  NH2   . ARG B 2 55 ? 10.062  -2.598  -14.086 1.00 25.57 ? 55  ARG P NH2   1 
ATOM   772  N  N     . THR B 2 56 ? 2.196   -1.250  -11.284 1.00 18.65 ? 56  THR P N     1 
ATOM   773  C  CA    . THR B 2 56 ? 0.753   -1.244  -11.150 1.00 18.16 ? 56  THR P CA    1 
ATOM   774  C  C     . THR B 2 56 ? 0.176   -2.436  -11.867 1.00 17.03 ? 56  THR P C     1 
ATOM   775  O  O     . THR B 2 56 ? 0.557   -2.695  -12.998 1.00 17.72 ? 56  THR P O     1 
ATOM   776  C  CB    . THR B 2 56 ? 0.186   0.011   -11.852 1.00 18.25 ? 56  THR P CB    1 
ATOM   777  O  OG1   . THR B 2 56 ? 0.662   1.176   -11.176 1.00 22.23 ? 56  THR P OG1   1 
ATOM   778  C  CG2   . THR B 2 56 ? -1.400  -0.010  -11.882 1.00 19.34 ? 56  THR P CG2   1 
ATOM   779  N  N     . ARG B 2 57 ? -0.705  -3.208  -11.208 1.00 13.87 ? 57  ARG P N     1 
ATOM   780  C  CA    . ARG B 2 57 ? -1.418  -4.267  -11.907 1.00 14.38 ? 57  ARG P CA    1 
ATOM   781  C  C     . ARG B 2 57 ? -2.876  -4.139  -11.468 1.00 12.85 ? 57  ARG P C     1 
ATOM   782  O  O     . ARG B 2 57 ? -3.162  -3.476  -10.444 1.00 13.01 ? 57  ARG P O     1 
ATOM   783  C  CB    . ARG B 2 57 ? -0.968  -5.694  -11.571 1.00 15.89 ? 57  ARG P CB    1 
ATOM   784  C  CG    . ARG B 2 57 ? 0.506   -5.963  -11.807 1.00 17.43 ? 57  ARG P CG    1 
ATOM   785  C  CD    . ARG B 2 57 ? 0.769   -7.442  -11.719 1.00 18.18 ? 57  ARG P CD    1 
ATOM   786  N  NE    . ARG B 2 57 ? 0.274   -8.107  -12.924 1.00 17.82 ? 57  ARG P NE    1 
ATOM   787  C  CZ    . ARG B 2 57 ? 0.172   -9.413  -13.100 1.00 20.26 ? 57  ARG P CZ    1 
ATOM   788  N  NH1   . ARG B 2 57 ? 0.519   -10.249 -12.129 1.00 22.76 ? 57  ARG P NH1   1 
ATOM   789  N  NH2   . ARG B 2 57 ? -0.209  -9.873  -14.287 1.00 22.63 ? 57  ARG P NH2   1 
ATOM   790  N  N     . ARG B 2 58 ? -3.791  -4.722  -12.263 1.00 12.20 ? 58  ARG P N     1 
ATOM   791  C  CA    . ARG B 2 58 ? -5.198  -4.753  -11.925 1.00 11.61 ? 58  ARG P CA    1 
ATOM   792  C  C     . ARG B 2 58 ? -5.589  -6.189  -12.092 1.00 12.43 ? 58  ARG P C     1 
ATOM   793  O  O     . ARG B 2 58 ? -5.667  -6.709  -13.219 1.00 13.95 ? 58  ARG P O     1 
ATOM   794  C  CB    . ARG B 2 58 ? -6.009  -3.881  -12.855 1.00 11.34 ? 58  ARG P CB    1 
ATOM   795  C  CG    . ARG B 2 58 ? -5.618  -2.440  -12.715 1.00 11.67 ? 58  ARG P CG    1 
ATOM   796  C  CD    . ARG B 2 58 ? -6.195  -1.593  -13.877 1.00 12.41 ? 58  ARG P CD    1 
ATOM   797  N  NE    . ARG B 2 58 ? -7.660  -1.386  -13.783 1.00 12.45 ? 58  ARG P NE    1 
ATOM   798  C  CZ    . ARG B 2 58 ? -8.366  -0.790  -14.763 1.00 12.67 ? 58  ARG P CZ    1 
ATOM   799  N  NH1   . ARG B 2 58 ? -7.740  -0.389  -15.887 1.00 12.73 ? 58  ARG P NH1   1 
ATOM   800  N  NH2   . ARG B 2 58 ? -9.670  -0.495  -14.563 1.00 12.30 ? 58  ARG P NH2   1 
ATOM   801  N  N     . LEU B 2 59 ? -5.799  -6.823  -10.944 1.00 12.48 ? 59  LEU P N     1 
ATOM   802  C  CA    . LEU B 2 59 ? -6.060  -8.244  -10.849 1.00 13.25 ? 59  LEU P CA    1 
ATOM   803  C  C     . LEU B 2 59 ? -7.463  -8.522  -10.509 1.00 15.02 ? 59  LEU P C     1 
ATOM   804  O  O     . LEU B 2 59 ? -8.080  -7.778  -9.705  1.00 16.80 ? 59  LEU P O     1 
ATOM   805  C  CB    . LEU B 2 59 ? -5.140  -8.852  -9.769  1.00 14.77 ? 59  LEU P CB    1 
ATOM   806  C  CG    . LEU B 2 59 ? -3.650  -8.597  -10.055 1.00 14.80 ? 59  LEU P CG    1 
ATOM   807  C  CD1   . LEU B 2 59 ? -2.872  -9.277  -8.986  1.00 16.98 ? 59  LEU P CD1   1 
ATOM   808  C  CD2   . LEU B 2 59 ? -3.167  -9.148  -11.399 1.00 17.57 ? 59  LEU P CD2   1 
ATOM   809  N  N     . GLY B 2 60 ? -7.979  -9.598  -11.082 1.00 14.98 ? 60  GLY P N     1 
ATOM   810  C  CA    . GLY B 2 60 ? -9.363  -9.976  -10.843 1.00 16.01 ? 60  GLY P CA    1 
ATOM   811  C  C     . GLY B 2 60 ? -10.034 -10.448 -12.120 1.00 17.27 ? 60  GLY P C     1 
ATOM   812  O  O     . GLY B 2 60 ? -9.508  -10.173 -13.220 1.00 16.42 ? 60  GLY P O     1 
ATOM   813  N  N     . THR B 2 61 ? -11.217 -11.079 -12.006 1.00 18.39 ? 61  THR P N     1 
ATOM   814  C  CA    . THR B 2 61 ? -11.930 -11.547 -13.188 1.00 18.85 ? 61  THR P CA    1 
ATOM   815  C  C     . THR B 2 61 ? -12.595 -10.376 -13.886 1.00 18.61 ? 61  THR P C     1 
ATOM   816  O  O     . THR B 2 61 ? -12.695 -9.273  -13.338 1.00 18.79 ? 61  THR P O     1 
ATOM   817  C  CB    . THR B 2 61 ? -12.977 -12.607 -12.817 1.00 20.12 ? 61  THR P CB    1 
ATOM   818  O  OG1   . THR B 2 61 ? -13.893 -12.075 -11.847 1.00 22.77 ? 61  THR P OG1   1 
ATOM   819  C  CG2   . THR B 2 61 ? -12.272 -13.790 -12.226 1.00 20.06 ? 61  THR P CG2   1 
ATOM   820  N  N     . ARG B 2 62 ? -13.036 -10.566 -15.122 1.00 18.94 ? 62  ARG P N     1 
ATOM   821  C  CA    . ARG B 2 62 ? -13.656 -9.464  -15.828 1.00 19.17 ? 62  ARG P CA    1 
ATOM   822  C  C     . ARG B 2 62 ? -14.756 -8.767  -15.039 1.00 19.39 ? 62  ARG P C     1 
ATOM   823  O  O     . ARG B 2 62 ? -15.623 -9.426  -14.446 1.00 21.28 ? 62  ARG P O     1 
ATOM   824  C  CB    . ARG B 2 62 ? -14.234 -9.960  -17.156 1.00 22.04 ? 62  ARG P CB    1 
ATOM   825  C  CG    . ARG B 2 62 ? -13.145 -10.348 -18.127 1.00 23.87 ? 62  ARG P CG    1 
ATOM   826  C  CD    . ARG B 2 62 ? -13.737 -10.389 -19.493 1.00 24.96 ? 62  ARG P CD    1 
ATOM   827  N  NE    . ARG B 2 62 ? -12.713 -10.560 -20.493 1.00 22.84 ? 62  ARG P NE    1 
ATOM   828  C  CZ    . ARG B 2 62 ? -13.005 -10.654 -21.782 1.00 22.27 ? 62  ARG P CZ    1 
ATOM   829  N  NH1   . ARG B 2 62 ? -14.283 -10.583 -22.167 1.00 22.85 ? 62  ARG P NH1   1 
ATOM   830  N  NH2   . ARG B 2 62 ? -12.046 -10.812 -22.654 1.00 19.68 ? 62  ARG P NH2   1 
ATOM   831  N  N     . GLY B 2 63 ? -14.717 -7.439  -15.059 1.00 18.83 ? 63  GLY P N     1 
ATOM   832  C  CA    . GLY B 2 63 ? -15.683 -6.609  -14.360 1.00 20.08 ? 63  GLY P CA    1 
ATOM   833  C  C     . GLY B 2 63 ? -15.339 -6.450  -12.896 1.00 19.70 ? 63  GLY P C     1 
ATOM   834  O  O     . GLY B 2 63 ? -15.975 -5.655  -12.194 1.00 21.29 ? 63  GLY P O     1 
ATOM   835  N  N     . ASN B 2 64 ? -14.303 -7.166  -12.464 1.00 19.06 ? 64  ASN P N     1 
ATOM   836  C  CA    . ASN B 2 64 ? -13.925 -7.160  -11.045 1.00 19.07 ? 64  ASN P CA    1 
ATOM   837  C  C     . ASN B 2 64 ? -12.465 -6.848  -10.807 1.00 17.05 ? 64  ASN P C     1 
ATOM   838  O  O     . ASN B 2 64 ? -11.948 -7.123  -9.713  1.00 17.90 ? 64  ASN P O     1 
ATOM   839  C  CB    . ASN B 2 64 ? -14.206 -8.527  -10.443 1.00 19.10 ? 64  ASN P CB    1 
ATOM   840  C  CG    . ASN B 2 64 ? -15.652 -8.987  -10.683 1.00 21.46 ? 64  ASN P CG    1 
ATOM   841  O  OD1   . ASN B 2 64 ? -16.601 -8.282  -10.309 1.00 21.34 ? 64  ASN P OD1   1 
ATOM   842  N  ND2   . ASN B 2 64 ? -15.814 -10.172 -11.306 1.00 23.37 ? 64  ASN P ND2   1 
ATOM   843  N  N     . SER B 2 65 ? -11.770 -6.315  -11.806 1.00 15.86 ? 65  SER P N     1 
ATOM   844  C  CA    . SER B 2 65 ? -10.345 -5.962  -11.659 1.00 15.99 ? 65  SER P CA    1 
ATOM   845  C  C     . SER B 2 65 ? -10.162 -4.888  -10.563 1.00 13.76 ? 65  SER P C     1 
ATOM   846  O  O     . SER B 2 65 ? -10.901 -3.888  -10.530 1.00 16.97 ? 65  SER P O     1 
ATOM   847  C  CB    . SER B 2 65 ? -9.805  -5.360  -12.948 1.00 16.92 ? 65  SER P CB    1 
ATOM   848  O  OG    . SER B 2 65 ? -10.011 -6.259  -14.035 1.00 16.83 ? 65  SER P OG    1 
ATOM   849  N  N     . LYS B 2 66 ? -9.112  -5.061  -9.749  1.00 13.76 ? 66  LYS P N     1 
ATOM   850  C  CA    . LYS B 2 66 ? -8.795  -4.098  -8.690  1.00 13.41 ? 66  LYS P CA    1 
ATOM   851  C  C     . LYS B 2 66 ? -7.322  -3.800  -8.682  1.00 12.74 ? 66  LYS P C     1 
ATOM   852  O  O     . LYS B 2 66 ? -6.495  -4.691  -8.952  1.00 14.04 ? 66  LYS P O     1 
ATOM   853  C  CB    . LYS B 2 66 ? -9.206  -4.651  -7.315  1.00 16.50 ? 66  LYS P CB    1 
ATOM   854  C  CG    . LYS B 2 66 ? -10.713 -4.934  -7.203  1.00 18.65 ? 66  LYS P CG    1 
ATOM   855  C  CD    . LYS B 2 66 ? -11.547 -3.637  -7.229  1.00 22.34 ? 66  LYS P CD    1 
ATOM   856  C  CE    . LYS B 2 66 ? -11.244 -2.679  -6.039  1.00 23.72 ? 66  LYS P CE    1 
ATOM   857  N  NZ    . LYS B 2 66 ? -12.084 -1.438  -6.120  1.00 26.62 ? 66  LYS P NZ    1 
ATOM   858  N  N     . TYR B 2 67 ? -6.993  -2.546  -8.439  1.00 10.47 ? 67  TYR P N     1 
ATOM   859  C  CA    . TYR B 2 67 ? -5.578  -2.172  -8.439  1.00 10.38 ? 67  TYR P CA    1 
ATOM   860  C  C     . TYR B 2 67 ? -4.768  -2.786  -7.342  1.00 10.86 ? 67  TYR P C     1 
ATOM   861  O  O     . TYR B 2 67 ? -5.229  -2.897  -6.191  1.00 11.88 ? 67  TYR P O     1 
ATOM   862  C  CB    . TYR B 2 67 ? -5.433  -0.674  -8.337  1.00 11.49 ? 67  TYR P CB    1 
ATOM   863  C  CG    . TYR B 2 67 ? -5.738  0.044   -9.609  1.00 9.79  ? 67  TYR P CG    1 
ATOM   864  C  CD1   . TYR B 2 67 ? -7.003  0.550   -9.886  1.00 11.72 ? 67  TYR P CD1   1 
ATOM   865  C  CD2   . TYR B 2 67 ? -4.731  0.245   -10.530 1.00 13.18 ? 67  TYR P CD2   1 
ATOM   866  C  CE1   . TYR B 2 67 ? -7.253  1.238   -11.078 1.00 11.72 ? 67  TYR P CE1   1 
ATOM   867  C  CE2   . TYR B 2 67 ? -4.971  0.937   -11.715 1.00 11.69 ? 67  TYR P CE2   1 
ATOM   868  C  CZ    . TYR B 2 67 ? -6.235  1.422   -11.974 1.00 12.25 ? 67  TYR P CZ    1 
ATOM   869  O  OH    . TYR B 2 67 ? -6.461  2.104   -13.157 1.00 12.41 ? 67  TYR P OH    1 
ATOM   870  N  N     . HIS B 2 68 ? -3.548  -3.189  -7.711  1.00 11.57 ? 68  HIS P N     1 
ATOM   871  C  CA    . HIS B 2 68 ? -2.540  -3.764  -6.797  1.00 13.04 ? 68  HIS P CA    1 
ATOM   872  C  C     . HIS B 2 68 ? -1.213  -3.037  -6.963  1.00 14.07 ? 68  HIS P C     1 
ATOM   873  O  O     . HIS B 2 68 ? -0.866  -2.520  -8.044  1.00 15.82 ? 68  HIS P O     1 
ATOM   874  C  CB    . HIS B 2 68 ? -2.228  -5.201  -7.128  1.00 12.56 ? 68  HIS P CB    1 
ATOM   875  C  CG    . HIS B 2 68 ? -3.291  -6.178  -6.693  1.00 12.09 ? 68  HIS P CG    1 
ATOM   876  N  ND1   . HIS B 2 68 ? -3.014  -7.265  -5.882  1.00 15.43 ? 68  HIS P ND1   1 
ATOM   877  C  CD2   . HIS B 2 68 ? -4.620  -6.233  -6.976  1.00 13.89 ? 68  HIS P CD2   1 
ATOM   878  C  CE1   . HIS B 2 68 ? -4.134  -7.940  -5.677  1.00 16.18 ? 68  HIS P CE1   1 
ATOM   879  N  NE2   . HIS B 2 68 ? -5.118  -7.339  -6.321  1.00 17.76 ? 68  HIS P NE2   1 
ATOM   880  N  N     . TYR B 2 69 ? -0.452  -2.993  -5.873  1.00 13.39 ? 69  TYR P N     1 
ATOM   881  C  CA    . TYR B 2 69 ? 0.927   -2.490  -5.921  1.00 14.20 ? 69  TYR P CA    1 
ATOM   882  C  C     . TYR B 2 69 ? 1.691   -3.813  -6.135  1.00 14.66 ? 69  TYR P C     1 
ATOM   883  O  O     . TYR B 2 69 ? 1.598   -4.730  -5.298  1.00 16.31 ? 69  TYR P O     1 
ATOM   884  C  CB    . TYR B 2 69 ? 1.244   -1.797  -4.563  1.00 14.66 ? 69  TYR P CB    1 
ATOM   885  C  CG    . TYR B 2 69 ? 0.743   -0.338  -4.463  1.00 16.70 ? 69  TYR P CG    1 
ATOM   886  C  CD1   . TYR B 2 69 ? -0.030  0.085   -3.348  1.00 18.64 ? 69  TYR P CD1   1 
ATOM   887  C  CD2   . TYR B 2 69 ? 0.948   0.595   -5.475  1.00 19.88 ? 69  TYR P CD2   1 
ATOM   888  C  CE1   . TYR B 2 69 ? -0.566  1.390   -3.266  1.00 18.48 ? 69  TYR P CE1   1 
ATOM   889  C  CE2   . TYR B 2 69 ? 0.395   1.922   -5.404  1.00 20.29 ? 69  TYR P CE2   1 
ATOM   890  C  CZ    . TYR B 2 69 ? -0.375  2.306   -4.289  1.00 21.13 ? 69  TYR P CZ    1 
ATOM   891  O  OH    . TYR B 2 69 ? -1.042  3.567   -4.195  1.00 17.85 ? 69  TYR P OH    1 
ATOM   892  N  N     . TYR B 2 70 ? 2.386   -3.971  -7.260  1.00 14.91 ? 70  TYR P N     1 
ATOM   893  C  CA    . TYR B 2 70 ? 3.115   -5.200  -7.582  1.00 15.19 ? 70  TYR P CA    1 
ATOM   894  C  C     . TYR B 2 70 ? 4.570   -4.985  -7.171  1.00 15.31 ? 70  TYR P C     1 
ATOM   895  O  O     . TYR B 2 70 ? 5.172   -3.977  -7.577  1.00 17.47 ? 70  TYR P O     1 
ATOM   896  C  CB    . TYR B 2 70 ? 3.002   -5.482  -9.081  1.00 16.63 ? 70  TYR P CB    1 
ATOM   897  C  CG    . TYR B 2 70 ? 3.874   -6.567  -9.640  1.00 20.09 ? 70  TYR P CG    1 
ATOM   898  C  CD1   . TYR B 2 70 ? 4.549   -6.363  -10.825 1.00 22.10 ? 70  TYR P CD1   1 
ATOM   899  C  CD2   . TYR B 2 70 ? 4.024   -7.784  -8.999  1.00 22.78 ? 70  TYR P CD2   1 
ATOM   900  C  CE1   . TYR B 2 70 ? 5.366   -7.361  -11.375 1.00 21.40 ? 70  TYR P CE1   1 
ATOM   901  C  CE2   . TYR B 2 70 ? 4.860   -8.799  -9.558  1.00 22.76 ? 70  TYR P CE2   1 
ATOM   902  C  CZ    . TYR B 2 70 ? 5.508   -8.558  -10.743 1.00 21.32 ? 70  TYR P CZ    1 
ATOM   903  O  OH    . TYR B 2 70 ? 6.272   -9.568  -11.316 1.00 22.47 ? 70  TYR P OH    1 
ATOM   904  N  N     . GLY B 2 71 ? 5.092   -5.931  -6.408  1.00 14.50 ? 71  GLY P N     1 
ATOM   905  C  CA    . GLY B 2 71 ? 6.460   -5.826  -5.902  1.00 15.04 ? 71  GLY P CA    1 
ATOM   906  C  C     . GLY B 2 71 ? 6.571   -5.430  -4.439  1.00 16.59 ? 71  GLY P C     1 
ATOM   907  O  O     . GLY B 2 71 ? 7.574   -4.837  -4.004  1.00 16.83 ? 71  GLY P O     1 
ATOM   908  N  N     . LEU B 2 72 ? 5.526   -5.758  -3.693  1.00 15.90 ? 72  LEU P N     1 
ATOM   909  C  CA    . LEU B 2 72 ? 5.415   -5.391  -2.273  1.00 15.76 ? 72  LEU P CA    1 
ATOM   910  C  C     . LEU B 2 72 ? 4.750   -6.528  -1.512  1.00 15.91 ? 72  LEU P C     1 
ATOM   911  O  O     . LEU B 2 72 ? 3.907   -7.240  -2.070  1.00 16.70 ? 72  LEU P O     1 
ATOM   912  C  CB    . LEU B 2 72 ? 4.494   -4.140  -2.114  1.00 17.57 ? 72  LEU P CB    1 
ATOM   913  C  CG    . LEU B 2 72 ? 4.567   -3.459  -0.743  1.00 16.94 ? 72  LEU P CG    1 
ATOM   914  C  CD1   . LEU B 2 72 ? 6.026   -2.880  -0.606  1.00 18.16 ? 72  LEU P CD1   1 
ATOM   915  C  CD2   . LEU B 2 72 ? 3.572   -2.331  -0.578  1.00 18.00 ? 72  LEU P CD2   1 
ATOM   916  N  N     . ARG B 2 73 ? 5.132   -6.694  -0.250  1.00 16.72 ? 73  ARG P N     1 
ATOM   917  C  CA    . ARG B 2 73 ? 4.494   -7.689  0.615   1.00 17.89 ? 73  ARG P CA    1 
ATOM   918  C  C     . ARG B 2 73 ? 4.523   -7.207  2.060   1.00 18.07 ? 73  ARG P C     1 
ATOM   919  O  O     . ARG B 2 73 ? 5.271   -6.292  2.403   1.00 17.86 ? 73  ARG P O     1 
ATOM   920  C  CB    . ARG B 2 73 ? 5.199   -9.051  0.535   1.00 19.68 ? 73  ARG P CB    1 
ATOM   921  C  CG    . ARG B 2 73 ? 6.519   -9.064  1.229   1.00 20.79 ? 73  ARG P CG    1 
ATOM   922  C  CD    . ARG B 2 73 ? 7.218   -10.412 1.078   1.00 23.51 ? 73  ARG P CD    1 
ATOM   923  N  NE    . ARG B 2 73 ? 8.550   -10.375 1.676   1.00 26.18 ? 73  ARG P NE    1 
ATOM   924  C  CZ    . ARG B 2 73 ? 9.530   -11.217 1.346   1.00 27.76 ? 73  ARG P CZ    1 
ATOM   925  N  NH1   . ARG B 2 73 ? 9.329   -12.139 0.415   1.00 29.03 ? 73  ARG P NH1   1 
ATOM   926  N  NH2   . ARG B 2 73 ? 10.699  -11.154 1.978   1.00 29.12 ? 73  ARG P NH2   1 
ATOM   927  N  N     . ILE B 2 74 ? 3.700   -7.863  2.888   1.00 21.03 ? 74  ILE P N     1 
ATOM   928  C  CA    . ILE B 2 74 ? 3.675   -7.595  4.323   1.00 24.28 ? 74  ILE P CA    1 
ATOM   929  C  C     . ILE B 2 74 ? 5.059   -8.058  4.827   1.00 26.19 ? 74  ILE P C     1 
ATOM   930  O  O     . ILE B 2 74 ? 5.553   -9.104  4.408   1.00 25.74 ? 74  ILE P O     1 
ATOM   931  C  CB    . ILE B 2 74 ? 2.580   -8.421  4.997   1.00 25.04 ? 74  ILE P CB    1 
ATOM   932  C  CG1   . ILE B 2 74 ? 1.202   -7.897  4.552   1.00 25.56 ? 74  ILE P CG1   1 
ATOM   933  C  CG2   . ILE B 2 74 ? 2.762   -8.355  6.513   1.00 25.50 ? 74  ILE P CG2   1 
ATOM   934  C  CD1   . ILE B 2 74 ? 0.047   -8.831  4.890   1.00 27.52 ? 74  ILE P CD1   1 
ATOM   935  N  N     . LYS B 2 75 ? 5.703   -7.269  5.687   1.00 29.85 ? 75  LYS P N     1 
ATOM   936  C  CA    . LYS B 2 75 ? 7.015   -7.643  6.209   1.00 33.82 ? 75  LYS P CA    1 
ATOM   937  C  C     . LYS B 2 75 ? 6.684   -8.479  7.410   1.00 36.63 ? 75  LYS P C     1 
ATOM   938  O  O     . LYS B 2 75 ? 7.044   -9.639  7.501   1.00 38.12 ? 75  LYS P O     1 
ATOM   939  C  CB    . LYS B 2 75 ? 7.801   -6.425  6.665   1.00 34.31 ? 75  LYS P CB    1 
ATOM   940  C  CG    . LYS B 2 75 ? 9.132   -6.777  7.309   1.00 34.29 ? 75  LYS P CG    1 
ATOM   941  C  CD    . LYS B 2 75 ? 9.853   -5.557  7.870   1.00 35.26 ? 75  LYS P CD    1 
ATOM   942  C  CE    . LYS B 2 75 ? 10.497  -4.693  6.786   1.00 35.06 ? 75  LYS P CE    1 
ATOM   943  N  NZ    . LYS B 2 75 ? 11.430  -3.668  7.369   1.00 34.16 ? 75  LYS P NZ    1 
ATOM   944  N  N     . ALA B 2 76 ? 5.973   -7.831  8.317   1.00 39.74 ? 76  ALA P N     1 
ATOM   945  C  CA    . ALA B 2 76 ? 5.492   -8.398  9.572   1.00 42.32 ? 76  ALA P CA    1 
ATOM   946  C  C     . ALA B 2 76 ? 3.975   -8.258  9.524   1.00 43.78 ? 76  ALA P C     1 
ATOM   947  O  O     . ALA B 2 76 ? 3.264   -9.270  9.812   1.00 44.94 ? 76  ALA P O     1 
ATOM   948  C  CB    . ALA B 2 76 ? 6.060   -7.603  10.799  1.00 42.57 ? 76  ALA P CB    1 
ATOM   949  O  OXT   . ALA B 2 76 ? 3.532   -7.118  9.192   1.00 45.55 ? 76  ALA P OXT   1 
HETATM 950  C  C1    . EDO C 3 .  ? -1.134  1.081   -15.131 1.00 32.13 ? 501 EDO P C1    1 
HETATM 951  O  O1    . EDO C 3 .  ? -1.437  0.713   -16.491 1.00 32.18 ? 501 EDO P O1    1 
HETATM 952  C  C2    . EDO C 3 .  ? 0.071   1.997   -15.101 1.00 31.22 ? 501 EDO P C2    1 
HETATM 953  O  O2    . EDO C 3 .  ? -0.110  3.438   -15.045 1.00 34.16 ? 501 EDO P O2    1 
HETATM 954  C  C1    . EDO D 3 .  ? 12.265  6.416   2.875   1.00 31.45 ? 502 EDO P C1    1 
HETATM 955  O  O1    . EDO D 3 .  ? 11.439  7.464   2.335   1.00 33.94 ? 502 EDO P O1    1 
HETATM 956  C  C2    . EDO D 3 .  ? 13.356  6.093   1.872   1.00 30.58 ? 502 EDO P C2    1 
HETATM 957  O  O2    . EDO D 3 .  ? 13.458  4.786   1.269   1.00 34.33 ? 502 EDO P O2    1 
HETATM 958  C  C1    . PEG E 4 .  ? 12.805  1.793   -10.335 1.00 38.43 ? 503 PEG P C1    1 
HETATM 959  O  O1    . PEG E 4 .  ? 12.452  2.376   -9.082  1.00 41.35 ? 503 PEG P O1    1 
HETATM 960  C  C2    . PEG E 4 .  ? 11.688  2.062   -11.335 1.00 38.97 ? 503 PEG P C2    1 
HETATM 961  O  O2    . PEG E 4 .  ? 10.897  0.976   -11.896 1.00 38.94 ? 503 PEG P O2    1 
HETATM 962  C  C3    . PEG E 4 .  ? 9.828   1.247   -12.852 1.00 40.21 ? 503 PEG P C3    1 
HETATM 963  C  C4    . PEG E 4 .  ? 8.605   0.577   -12.251 1.00 40.76 ? 503 PEG P C4    1 
HETATM 964  O  O4    . PEG E 4 .  ? 7.372   0.666   -12.942 1.00 42.66 ? 503 PEG P O4    1 
HETATM 965  O  O     . HOH F 5 .  ? -5.109  20.244  -15.168 1.00 15.33 ? 17  HOH D O     1 
HETATM 966  O  O     . HOH F 5 .  ? -1.530  11.350  -14.692 1.00 25.07 ? 18  HOH D O     1 
HETATM 967  O  O     . HOH F 5 .  ? -9.609  8.669   -7.589  1.00 19.11 ? 19  HOH D O     1 
HETATM 968  O  O     . HOH F 5 .  ? -14.110 4.527   -18.854 1.00 17.01 ? 20  HOH D O     1 
HETATM 969  O  O     . HOH F 5 .  ? -13.555 1.856   -22.290 1.00 21.90 ? 21  HOH D O     1 
HETATM 970  O  O     . HOH F 5 .  ? -8.235  23.077  -5.344  1.00 38.09 ? 22  HOH D O     1 
HETATM 971  O  O     . HOH F 5 .  ? -9.243  -0.988  -7.574  1.00 15.16 ? 23  HOH D O     1 
HETATM 972  O  O     . HOH F 5 .  ? -5.865  3.036   -2.929  1.00 15.18 ? 24  HOH D O     1 
HETATM 973  O  O     . HOH F 5 .  ? -8.087  -1.472  -26.437 1.00 25.61 ? 25  HOH D O     1 
HETATM 974  O  O     . HOH F 5 .  ? -2.232  22.898  -18.584 1.00 21.57 ? 26  HOH D O     1 
HETATM 975  O  O     . HOH F 5 .  ? 1.405   5.939   -10.253 1.00 35.01 ? 27  HOH D O     1 
HETATM 976  O  O     . HOH F 5 .  ? -9.756  -1.329  -11.672 1.00 21.30 ? 28  HOH D O     1 
HETATM 977  O  O     . HOH F 5 .  ? -10.263 -3.172  -16.739 1.00 25.36 ? 29  HOH D O     1 
HETATM 978  O  O     . HOH F 5 .  ? -1.699  3.737   -10.637 1.00 16.50 ? 30  HOH D O     1 
HETATM 979  O  O     . HOH F 5 .  ? -4.645  -3.730  -26.285 1.00 16.96 ? 31  HOH D O     1 
HETATM 980  O  O     . HOH F 5 .  ? -7.628  29.840  -18.002 1.00 33.39 ? 32  HOH D O     1 
HETATM 981  O  O     . HOH F 5 .  ? -2.320  7.451   -12.529 1.00 17.15 ? 33  HOH D O     1 
HETATM 982  O  O     . HOH F 5 .  ? -2.906  9.028   -14.682 1.00 18.36 ? 34  HOH D O     1 
HETATM 983  O  O     . HOH F 5 .  ? -8.485  0.273   -5.181  1.00 12.37 ? 35  HOH D O     1 
HETATM 984  O  O     . HOH F 5 .  ? -14.166 4.754   -16.198 1.00 23.05 ? 36  HOH D O     1 
HETATM 985  O  O     . HOH F 5 .  ? -4.140  15.653  -14.711 1.00 32.10 ? 37  HOH D O     1 
HETATM 986  O  O     . HOH F 5 .  ? -4.899  29.935  -12.443 1.00 30.35 ? 38  HOH D O     1 
HETATM 987  O  O     . HOH F 5 .  ? 1.625   9.651   -11.608 1.00 25.29 ? 39  HOH D O     1 
HETATM 988  O  O     . HOH F 5 .  ? -5.861  -0.152  -25.483 1.00 24.79 ? 40  HOH D O     1 
HETATM 989  O  O     . HOH F 5 .  ? -10.213 -10.598 -27.556 1.00 23.48 ? 41  HOH D O     1 
HETATM 990  O  O     . HOH F 5 .  ? -2.043  -5.834  -23.517 1.00 25.32 ? 42  HOH D O     1 
HETATM 991  O  O     . HOH F 5 .  ? -0.503  17.400  -15.021 1.00 27.20 ? 43  HOH D O     1 
HETATM 992  O  O     . HOH F 5 .  ? 2.124   14.235  -13.621 1.00 27.12 ? 44  HOH D O     1 
HETATM 993  O  O     . HOH F 5 .  ? -12.773 31.947  -12.947 1.00 40.41 ? 45  HOH D O     1 
HETATM 994  O  O     . HOH F 5 .  ? -12.987 6.053   -12.766 1.00 30.57 ? 46  HOH D O     1 
HETATM 995  O  O     . HOH F 5 .  ? -3.790  -7.746  -22.079 1.00 20.67 ? 47  HOH D O     1 
HETATM 996  O  O     . HOH F 5 .  ? -12.602 -2.613  -14.008 1.00 45.63 ? 48  HOH D O     1 
HETATM 997  O  O     . HOH F 5 .  ? -1.209  -9.231  -21.439 1.00 33.41 ? 49  HOH D O     1 
HETATM 998  O  O     . HOH F 5 .  ? -8.553  -13.008 -29.286 1.00 33.02 ? 50  HOH D O     1 
HETATM 999  O  O     . HOH F 5 .  ? -12.365 -7.757  -29.277 1.00 41.28 ? 51  HOH D O     1 
HETATM 1000 O  O     . HOH F 5 .  ? -2.740  -14.238 -22.016 1.00 44.39 ? 52  HOH D O     1 
HETATM 1001 O  O     . HOH F 5 .  ? -13.862 -1.187  -31.682 1.00 47.64 ? 53  HOH D O     1 
HETATM 1002 O  O     . HOH F 5 .  ? -15.442 5.792   -12.093 1.00 50.31 ? 54  HOH D O     1 
HETATM 1003 O  O     . HOH F 5 .  ? -3.922  -4.361  -28.138 1.00 32.86 ? 55  HOH D O     1 
HETATM 1004 O  O     . HOH F 5 .  ? 7.476   18.270  -11.288 1.00 45.77 ? 56  HOH D O     1 
HETATM 1005 O  O     . HOH F 5 .  ? -15.817 -2.348  -7.283  1.00 44.10 ? 57  HOH D O     1 
HETATM 1006 O  O     . HOH F 5 .  ? -13.186 29.446  -13.979 1.00 33.60 ? 58  HOH D O     1 
HETATM 1007 O  O     . HOH F 5 .  ? -14.437 -1.215  -9.793  1.00 36.67 ? 59  HOH D O     1 
HETATM 1008 O  O     . HOH F 5 .  ? -17.520 -1.982  -31.108 1.00 46.88 ? 60  HOH D O     1 
HETATM 1009 O  O     . HOH F 5 .  ? -10.240 22.335  -6.525  1.00 37.50 ? 61  HOH D O     1 
HETATM 1010 O  O     . HOH F 5 .  ? -13.570 -7.332  -22.745 1.00 38.07 ? 62  HOH D O     1 
HETATM 1011 O  O     . HOH F 5 .  ? -12.325 28.985  -4.499  1.00 37.17 ? 63  HOH D O     1 
HETATM 1012 O  O     . HOH F 5 .  ? -14.751 8.121   -13.655 1.00 33.20 ? 64  HOH D O     1 
HETATM 1013 O  O     . HOH F 5 .  ? -19.759 -0.065  -16.164 1.00 43.78 ? 65  HOH D O     1 
HETATM 1014 O  O     . HOH G 5 .  ? -7.470  -2.269  -4.447  1.00 15.38 ? 504 HOH P O     1 
HETATM 1015 O  O     . HOH G 5 .  ? -1.127  -0.975  13.327  1.00 29.76 ? 505 HOH P O     1 
HETATM 1016 O  O     . HOH G 5 .  ? -5.184  -1.254  -17.075 1.00 15.35 ? 506 HOH P O     1 
HETATM 1017 O  O     . HOH G 5 .  ? -3.544  4.471   -2.669  1.00 13.79 ? 507 HOH P O     1 
HETATM 1018 O  O     . HOH G 5 .  ? 0.394   10.099  6.583   1.00 28.36 ? 508 HOH P O     1 
HETATM 1019 O  O     . HOH G 5 .  ? -9.214  8.673   -0.402  1.00 19.34 ? 509 HOH P O     1 
HETATM 1020 O  O     . HOH G 5 .  ? -7.917  -8.106  -14.139 1.00 14.41 ? 510 HOH P O     1 
HETATM 1021 O  O     . HOH G 5 .  ? -9.994  10.821  -1.999  1.00 23.36 ? 511 HOH P O     1 
HETATM 1022 O  O     . HOH G 5 .  ? -4.767  3.551   -14.737 1.00 21.19 ? 512 HOH P O     1 
HETATM 1023 O  O     . HOH G 5 .  ? -8.224  -12.043 -7.185  1.00 45.57 ? 513 HOH P O     1 
HETATM 1024 O  O     . HOH G 5 .  ? 1.924   -9.822  1.495   1.00 23.36 ? 514 HOH P O     1 
HETATM 1025 O  O     . HOH G 5 .  ? -7.905  9.827   -3.375  1.00 15.34 ? 515 HOH P O     1 
HETATM 1026 O  O     . HOH G 5 .  ? -11.783 -9.134  -7.788  1.00 26.71 ? 516 HOH P O     1 
HETATM 1027 O  O     . HOH G 5 .  ? -12.692 -11.007 -25.678 1.00 36.49 ? 517 HOH P O     1 
HETATM 1028 O  O     . HOH G 5 .  ? 3.460   7.223   11.710  1.00 32.05 ? 518 HOH P O     1 
HETATM 1029 O  O     . HOH G 5 .  ? -4.840  13.940  1.292   1.00 22.37 ? 519 HOH P O     1 
HETATM 1030 O  O     . HOH G 5 .  ? -9.276  -4.099  -3.487  1.00 22.36 ? 520 HOH P O     1 
HETATM 1031 O  O     . HOH G 5 .  ? 2.892   15.991  -5.563  1.00 25.15 ? 521 HOH P O     1 
HETATM 1032 O  O     . HOH G 5 .  ? 11.111  -0.966  -15.659 1.00 39.36 ? 522 HOH P O     1 
HETATM 1033 O  O     . HOH G 5 .  ? 14.606  3.563   -7.722  1.00 48.54 ? 523 HOH P O     1 
HETATM 1034 O  O     . HOH G 5 .  ? -17.722 -7.466  -17.405 1.00 46.20 ? 524 HOH P O     1 
HETATM 1035 O  O     . HOH G 5 .  ? -9.684  9.979   4.326   1.00 43.23 ? 525 HOH P O     1 
HETATM 1036 O  O     . HOH G 5 .  ? -1.299  15.958  -3.839  1.00 27.15 ? 526 HOH P O     1 
HETATM 1037 O  O     . HOH G 5 .  ? -19.120 -8.599  -11.456 1.00 32.00 ? 527 HOH P O     1 
HETATM 1038 O  O     . HOH G 5 .  ? 3.164   -12.234 -10.802 1.00 40.35 ? 528 HOH P O     1 
HETATM 1039 O  O     . HOH G 5 .  ? -17.871 -11.912 -12.151 1.00 33.06 ? 529 HOH P O     1 
HETATM 1040 O  O     . HOH G 5 .  ? 9.389   5.314   -7.168  1.00 45.18 ? 530 HOH P O     1 
HETATM 1041 O  O     . HOH G 5 .  ? 0.019   1.588   14.384  1.00 34.53 ? 531 HOH P O     1 
HETATM 1042 O  O     . HOH G 5 .  ? -9.086  7.652   -4.861  1.00 22.64 ? 532 HOH P O     1 
HETATM 1043 O  O     . HOH G 5 .  ? 2.327   -9.558  -1.228  1.00 19.91 ? 533 HOH P O     1 
HETATM 1044 O  O     . HOH G 5 .  ? -11.554 7.849   3.801   1.00 44.39 ? 534 HOH P O     1 
HETATM 1045 O  O     . HOH G 5 .  ? -8.975  -8.958  -7.438  1.00 24.06 ? 535 HOH P O     1 
HETATM 1046 O  O     . HOH G 5 .  ? 11.804  -2.680  1.352   1.00 21.09 ? 536 HOH P O     1 
HETATM 1047 O  O     . HOH G 5 .  ? 10.765  -2.656  4.538   1.00 30.59 ? 537 HOH P O     1 
HETATM 1048 O  O     . HOH G 5 .  ? 11.490  -11.048 -2.469  1.00 25.37 ? 538 HOH P O     1 
HETATM 1049 O  O     . HOH G 5 .  ? 2.822   -3.830  -14.067 1.00 27.24 ? 539 HOH P O     1 
HETATM 1050 O  O     . HOH G 5 .  ? 8.023   -4.236  -8.990  1.00 23.03 ? 540 HOH P O     1 
HETATM 1051 O  O     . HOH G 5 .  ? 3.708   -0.345  -13.507 1.00 28.71 ? 541 HOH P O     1 
HETATM 1052 O  O     . HOH G 5 .  ? 0.933   -11.907 -4.776  1.00 24.36 ? 542 HOH P O     1 
HETATM 1053 O  O     . HOH G 5 .  ? 3.425   -12.238 -0.435  1.00 49.33 ? 543 HOH P O     1 
HETATM 1054 O  O     . HOH G 5 .  ? 12.705  0.545   -2.197  1.00 27.84 ? 544 HOH P O     1 
HETATM 1055 O  O     . HOH G 5 .  ? -0.075  15.110  -1.714  1.00 38.22 ? 545 HOH P O     1 
HETATM 1056 O  O     . HOH G 5 .  ? 1.149   -10.222 -9.273  1.00 29.60 ? 546 HOH P O     1 
HETATM 1057 O  O     . HOH G 5 .  ? -7.772  14.523  2.590   1.00 42.79 ? 547 HOH P O     1 
HETATM 1058 O  O     . HOH G 5 .  ? 5.858   6.180   11.077  1.00 23.20 ? 548 HOH P O     1 
HETATM 1059 O  O     . HOH G 5 .  ? -12.110 -11.422 -9.267  1.00 25.86 ? 549 HOH P O     1 
HETATM 1060 O  O     . HOH G 5 .  ? -10.482 6.353   -0.485  1.00 28.24 ? 550 HOH P O     1 
HETATM 1061 O  O     . HOH G 5 .  ? -2.999  13.905  -3.579  1.00 23.79 ? 551 HOH P O     1 
HETATM 1062 O  O     . HOH G 5 .  ? -10.833 0.577   -3.849  1.00 23.74 ? 552 HOH P O     1 
HETATM 1063 O  O     . HOH G 5 .  ? 8.130   7.724   10.293  1.00 28.57 ? 553 HOH P O     1 
HETATM 1064 O  O     . HOH G 5 .  ? -10.292 7.179   8.115   1.00 39.08 ? 554 HOH P O     1 
HETATM 1065 O  O     . HOH G 5 .  ? 1.859   12.234  0.472   1.00 40.86 ? 555 HOH P O     1 
HETATM 1066 O  O     . HOH G 5 .  ? 7.526   2.704   -6.563  1.00 26.20 ? 556 HOH P O     1 
HETATM 1067 O  O     . HOH G 5 .  ? -8.895  -6.714  -4.203  1.00 23.56 ? 557 HOH P O     1 
HETATM 1068 O  O     . HOH G 5 .  ? 6.011   9.974   -4.601  1.00 33.29 ? 558 HOH P O     1 
HETATM 1069 O  O     . HOH G 5 .  ? 5.788   12.637  -2.809  1.00 40.99 ? 559 HOH P O     1 
HETATM 1070 O  O     . HOH G 5 .  ? -2.882  2.068   -1.228  1.00 23.63 ? 560 HOH P O     1 
HETATM 1071 O  O     . HOH G 5 .  ? -7.565  -8.204  -5.440  1.00 43.99 ? 561 HOH P O     1 
HETATM 1072 O  O     . HOH G 5 .  ? 2.201   -13.424 -6.703  1.00 52.01 ? 562 HOH P O     1 
HETATM 1073 O  O     . HOH G 5 .  ? 1.197   3.595   -12.513 1.00 41.29 ? 563 HOH P O     1 
HETATM 1074 O  O     . HOH G 5 .  ? 5.172   -2.837  -14.950 1.00 31.31 ? 564 HOH P O     1 
HETATM 1075 O  O     . HOH G 5 .  ? -16.387 -12.209 -14.308 1.00 31.57 ? 565 HOH P O     1 
HETATM 1076 O  O     . HOH G 5 .  ? 14.314  -11.218 -3.095  1.00 31.98 ? 566 HOH P O     1 
HETATM 1077 O  O     . HOH G 5 .  ? -8.123  7.022   9.973   1.00 29.81 ? 567 HOH P O     1 
HETATM 1078 O  O     . HOH G 5 .  ? 10.101  -0.527  -18.353 1.00 43.84 ? 568 HOH P O     1 
HETATM 1079 O  O     . HOH G 5 .  ? -18.387 -5.261  -12.416 1.00 47.41 ? 569 HOH P O     1 
HETATM 1080 O  O     . HOH G 5 .  ? 10.087  -4.147  -6.568  1.00 46.37 ? 570 HOH P O     1 
HETATM 1081 O  O     . HOH G 5 .  ? 1.929   12.600  3.363   1.00 39.91 ? 571 HOH P O     1 
HETATM 1082 O  O     . HOH G 5 .  ? -2.794  4.969   -13.848 1.00 34.28 ? 572 HOH P O     1 
HETATM 1083 O  O     . HOH G 5 .  ? 14.726  -12.022 0.453   1.00 39.63 ? 573 HOH P O     1 
HETATM 1084 O  O     . HOH G 5 .  ? -3.458  15.633  2.766   1.00 31.13 ? 574 HOH P O     1 
HETATM 1085 O  O     . HOH G 5 .  ? 16.014  -12.325 -5.111  1.00 34.77 ? 575 HOH P O     1 
HETATM 1086 O  O     . HOH G 5 .  ? 5.922   6.287   -9.159  1.00 47.67 ? 576 HOH P O     1 
HETATM 1087 O  O     . HOH G 5 .  ? -16.020 -4.385  -17.224 1.00 41.38 ? 577 HOH P O     1 
HETATM 1088 O  O     . HOH G 5 .  ? -13.159 -3.421  -11.564 1.00 36.05 ? 578 HOH P O     1 
# 
